data_1O4F
# 
_entry.id   1O4F 
# 
_audit_conform.dict_name       mmcif_pdbx.dic 
_audit_conform.dict_version    5.398 
_audit_conform.dict_location   http://mmcif.pdb.org/dictionaries/ascii/mmcif_pdbx.dic 
# 
loop_
_database_2.database_id 
_database_2.database_code 
_database_2.pdbx_database_accession 
_database_2.pdbx_DOI 
PDB   1O4F         pdb_00001o4f 10.2210/pdb1o4f/pdb 
RCSB  RCSB001790   ?            ?                   
WWPDB D_1000001790 ?            ?                   
# 
loop_
_pdbx_audit_revision_history.ordinal 
_pdbx_audit_revision_history.data_content_type 
_pdbx_audit_revision_history.major_revision 
_pdbx_audit_revision_history.minor_revision 
_pdbx_audit_revision_history.revision_date 
1 'Structure model' 1 0 2004-02-17 
2 'Structure model' 1 1 2008-04-26 
3 'Structure model' 1 2 2011-07-13 
4 'Structure model' 1 3 2023-08-16 
5 'Structure model' 1 4 2023-11-15 
6 'Structure model' 1 5 2024-11-13 
# 
_pdbx_audit_revision_details.ordinal             1 
_pdbx_audit_revision_details.revision_ordinal    1 
_pdbx_audit_revision_details.data_content_type   'Structure model' 
_pdbx_audit_revision_details.provider            repository 
_pdbx_audit_revision_details.type                'Initial release' 
_pdbx_audit_revision_details.description         ? 
_pdbx_audit_revision_details.details             ? 
# 
loop_
_pdbx_audit_revision_group.ordinal 
_pdbx_audit_revision_group.revision_ordinal 
_pdbx_audit_revision_group.data_content_type 
_pdbx_audit_revision_group.group 
1 2 'Structure model' 'Version format compliance' 
2 3 'Structure model' 'Version format compliance' 
3 4 'Structure model' 'Data collection'           
4 4 'Structure model' 'Database references'       
5 4 'Structure model' 'Derived calculations'      
6 4 'Structure model' 'Refinement description'    
7 5 'Structure model' 'Data collection'           
8 6 'Structure model' 'Structure summary'         
# 
loop_
_pdbx_audit_revision_category.ordinal 
_pdbx_audit_revision_category.revision_ordinal 
_pdbx_audit_revision_category.data_content_type 
_pdbx_audit_revision_category.category 
1  4 'Structure model' chem_comp_atom                
2  4 'Structure model' chem_comp_bond                
3  4 'Structure model' database_2                    
4  4 'Structure model' pdbx_initial_refinement_model 
5  4 'Structure model' struct_conn                   
6  4 'Structure model' struct_site                   
7  5 'Structure model' chem_comp_atom                
8  5 'Structure model' chem_comp_bond                
9  6 'Structure model' pdbx_entry_details            
10 6 'Structure model' pdbx_modification_feature     
# 
loop_
_pdbx_audit_revision_item.ordinal 
_pdbx_audit_revision_item.revision_ordinal 
_pdbx_audit_revision_item.data_content_type 
_pdbx_audit_revision_item.item 
1 4 'Structure model' '_database_2.pdbx_DOI'                
2 4 'Structure model' '_database_2.pdbx_database_accession' 
3 4 'Structure model' '_struct_conn.pdbx_leaving_atom_flag' 
4 4 'Structure model' '_struct_site.pdbx_auth_asym_id'      
5 4 'Structure model' '_struct_site.pdbx_auth_comp_id'      
6 4 'Structure model' '_struct_site.pdbx_auth_seq_id'       
7 5 'Structure model' '_chem_comp_atom.atom_id'             
8 5 'Structure model' '_chem_comp_bond.atom_id_2'           
# 
_pdbx_database_status.status_code                     REL 
_pdbx_database_status.entry_id                        1O4F 
_pdbx_database_status.recvd_initial_deposition_date   2003-06-15 
_pdbx_database_status.deposit_site                    RCSB 
_pdbx_database_status.process_site                    RCSB 
_pdbx_database_status.SG_entry                        . 
_pdbx_database_status.pdb_format_compatible           Y 
_pdbx_database_status.status_code_mr                  ? 
_pdbx_database_status.status_code_sf                  ? 
_pdbx_database_status.status_code_cs                  ? 
_pdbx_database_status.status_code_nmr_data            ? 
_pdbx_database_status.methods_development_category    ? 
# 
loop_
_audit_author.name 
_audit_author.pdbx_ordinal 
'Lange, G.'  1 
'Loenze, P.' 2 
'Liesum, A.' 3 
# 
_citation.id                        primary 
_citation.title                     
;Requirements for specific binding of low affinity inhibitor fragments to the SH2 domain of (pp60)Src are identical to those for high affinity binding of full length inhibitors.
;
_citation.journal_abbrev            J.Med.Chem. 
_citation.journal_volume            46 
_citation.page_first                5184 
_citation.page_last                 5195 
_citation.year                      2003 
_citation.journal_id_ASTM           JMCMAR 
_citation.country                   US 
_citation.journal_id_ISSN           0022-2623 
_citation.journal_id_CSD            0151 
_citation.book_publisher            ? 
_citation.pdbx_database_id_PubMed   14613321 
_citation.pdbx_database_id_DOI      10.1021/jm020970s 
# 
loop_
_citation_author.citation_id 
_citation_author.name 
_citation_author.ordinal 
_citation_author.identifier_ORCID 
primary 'Lange, G.'       1  ? 
primary 'Lesuisse, D.'    2  ? 
primary 'Deprez, P.'      3  ? 
primary 'Schoot, B.'      4  ? 
primary 'Loenze, P.'      5  ? 
primary 'Benard, D.'      6  ? 
primary 'Marquette, J.P.' 7  ? 
primary 'Broto, P.'       8  ? 
primary 'Sarubbi, E.'     9  ? 
primary 'Mandine, E.'     10 ? 
# 
loop_
_entity.id 
_entity.type 
_entity.src_method 
_entity.pdbx_description 
_entity.formula_weight 
_entity.pdbx_number_of_molecules 
_entity.pdbx_ec 
_entity.pdbx_mutation 
_entity.pdbx_fragment 
_entity.details 
1 polymer     man 'PROTO-ONCOGENE TYROSINE-PROTEIN KINASE SRC'           12390.964 1  2.7.1.112 ? 'SH2 DOMAIN' ? 
2 non-polymer syn '1,2,3,4-TETRAHYDROQUINOLIN-8-YL DIHYDROGEN PHOSPHATE' 229.170   1  ?         ? ?            ? 
3 water       nat water                                                  18.015    90 ?         ? ?            ? 
# 
_entity_name_com.entity_id   1 
_entity_name_com.name        'P60-SRC, C-SRC' 
# 
_entity_poly.entity_id                      1 
_entity_poly.type                           'polypeptide(L)' 
_entity_poly.nstd_linkage                   no 
_entity_poly.nstd_monomer                   yes 
_entity_poly.pdbx_seq_one_letter_code       
;SIQAEEWYFGKITRRESERLLLNAENPRGTFLVRESETTKGAY(CSO)LSVSDFDNAKGLNVKHYKIRKLDSGGFYITSR
TQFNSLQQLVAYYSKHADGLCHRLTTVCPTSK
;
_entity_poly.pdbx_seq_one_letter_code_can   
;SIQAEEWYFGKITRRESERLLLNAENPRGTFLVRESETTKGAYCLSVSDFDNAKGLNVKHYKIRKLDSGGFYITSRTQFN
SLQQLVAYYSKHADGLCHRLTTVCPTSK
;
_entity_poly.pdbx_strand_id                 A 
_entity_poly.pdbx_target_identifier         ? 
# 
loop_
_pdbx_entity_nonpoly.entity_id 
_pdbx_entity_nonpoly.name 
_pdbx_entity_nonpoly.comp_id 
2 '1,2,3,4-TETRAHYDROQUINOLIN-8-YL DIHYDROGEN PHOSPHATE' 790 
3 water                                                  HOH 
# 
loop_
_entity_poly_seq.entity_id 
_entity_poly_seq.num 
_entity_poly_seq.mon_id 
_entity_poly_seq.hetero 
1 1   SER n 
1 2   ILE n 
1 3   GLN n 
1 4   ALA n 
1 5   GLU n 
1 6   GLU n 
1 7   TRP n 
1 8   TYR n 
1 9   PHE n 
1 10  GLY n 
1 11  LYS n 
1 12  ILE n 
1 13  THR n 
1 14  ARG n 
1 15  ARG n 
1 16  GLU n 
1 17  SER n 
1 18  GLU n 
1 19  ARG n 
1 20  LEU n 
1 21  LEU n 
1 22  LEU n 
1 23  ASN n 
1 24  ALA n 
1 25  GLU n 
1 26  ASN n 
1 27  PRO n 
1 28  ARG n 
1 29  GLY n 
1 30  THR n 
1 31  PHE n 
1 32  LEU n 
1 33  VAL n 
1 34  ARG n 
1 35  GLU n 
1 36  SER n 
1 37  GLU n 
1 38  THR n 
1 39  THR n 
1 40  LYS n 
1 41  GLY n 
1 42  ALA n 
1 43  TYR n 
1 44  CSO n 
1 45  LEU n 
1 46  SER n 
1 47  VAL n 
1 48  SER n 
1 49  ASP n 
1 50  PHE n 
1 51  ASP n 
1 52  ASN n 
1 53  ALA n 
1 54  LYS n 
1 55  GLY n 
1 56  LEU n 
1 57  ASN n 
1 58  VAL n 
1 59  LYS n 
1 60  HIS n 
1 61  TYR n 
1 62  LYS n 
1 63  ILE n 
1 64  ARG n 
1 65  LYS n 
1 66  LEU n 
1 67  ASP n 
1 68  SER n 
1 69  GLY n 
1 70  GLY n 
1 71  PHE n 
1 72  TYR n 
1 73  ILE n 
1 74  THR n 
1 75  SER n 
1 76  ARG n 
1 77  THR n 
1 78  GLN n 
1 79  PHE n 
1 80  ASN n 
1 81  SER n 
1 82  LEU n 
1 83  GLN n 
1 84  GLN n 
1 85  LEU n 
1 86  VAL n 
1 87  ALA n 
1 88  TYR n 
1 89  TYR n 
1 90  SER n 
1 91  LYS n 
1 92  HIS n 
1 93  ALA n 
1 94  ASP n 
1 95  GLY n 
1 96  LEU n 
1 97  CYS n 
1 98  HIS n 
1 99  ARG n 
1 100 LEU n 
1 101 THR n 
1 102 THR n 
1 103 VAL n 
1 104 CYS n 
1 105 PRO n 
1 106 THR n 
1 107 SER n 
1 108 LYS n 
# 
_entity_src_gen.entity_id                          1 
_entity_src_gen.pdbx_src_id                        1 
_entity_src_gen.pdbx_alt_source_flag               sample 
_entity_src_gen.pdbx_seq_type                      ? 
_entity_src_gen.pdbx_beg_seq_num                   ? 
_entity_src_gen.pdbx_end_seq_num                   ? 
_entity_src_gen.gene_src_common_name               human 
_entity_src_gen.gene_src_genus                     Homo 
_entity_src_gen.pdbx_gene_src_gene                 SRC 
_entity_src_gen.gene_src_species                   ? 
_entity_src_gen.gene_src_strain                    ? 
_entity_src_gen.gene_src_tissue                    ? 
_entity_src_gen.gene_src_tissue_fraction           ? 
_entity_src_gen.gene_src_details                   ? 
_entity_src_gen.pdbx_gene_src_fragment             ? 
_entity_src_gen.pdbx_gene_src_scientific_name      'Homo sapiens' 
_entity_src_gen.pdbx_gene_src_ncbi_taxonomy_id     9606 
_entity_src_gen.pdbx_gene_src_variant              ? 
_entity_src_gen.pdbx_gene_src_cell_line            ? 
_entity_src_gen.pdbx_gene_src_atcc                 ? 
_entity_src_gen.pdbx_gene_src_organ                ? 
_entity_src_gen.pdbx_gene_src_organelle            ? 
_entity_src_gen.pdbx_gene_src_cell                 ? 
_entity_src_gen.pdbx_gene_src_cellular_location    ? 
_entity_src_gen.host_org_common_name               ? 
_entity_src_gen.pdbx_host_org_scientific_name      'Escherichia coli' 
_entity_src_gen.pdbx_host_org_ncbi_taxonomy_id     562 
_entity_src_gen.host_org_genus                     Escherichia 
_entity_src_gen.pdbx_host_org_gene                 ? 
_entity_src_gen.pdbx_host_org_organ                ? 
_entity_src_gen.host_org_species                   ? 
_entity_src_gen.pdbx_host_org_tissue               ? 
_entity_src_gen.pdbx_host_org_tissue_fraction      ? 
_entity_src_gen.pdbx_host_org_strain               ? 
_entity_src_gen.pdbx_host_org_variant              ? 
_entity_src_gen.pdbx_host_org_cell_line            ? 
_entity_src_gen.pdbx_host_org_atcc                 ? 
_entity_src_gen.pdbx_host_org_culture_collection   ? 
_entity_src_gen.pdbx_host_org_cell                 ? 
_entity_src_gen.pdbx_host_org_organelle            ? 
_entity_src_gen.pdbx_host_org_cellular_location    ? 
_entity_src_gen.pdbx_host_org_vector_type          ? 
_entity_src_gen.pdbx_host_org_vector               ? 
_entity_src_gen.host_org_details                   ? 
_entity_src_gen.expression_system_id               ? 
_entity_src_gen.plasmid_name                       'BL21 (DE3)' 
_entity_src_gen.plasmid_details                    ? 
_entity_src_gen.pdbx_description                   ? 
# 
loop_
_chem_comp.id 
_chem_comp.type 
_chem_comp.mon_nstd_flag 
_chem_comp.name 
_chem_comp.pdbx_synonyms 
_chem_comp.formula 
_chem_comp.formula_weight 
790 non-polymer         . '1,2,3,4-TETRAHYDROQUINOLIN-8-YL DIHYDROGEN PHOSPHATE' RU79073 'C9 H12 N O4 P'  229.170 
ALA 'L-peptide linking' y ALANINE                                                ?       'C3 H7 N O2'     89.093  
ARG 'L-peptide linking' y ARGININE                                               ?       'C6 H15 N4 O2 1' 175.209 
ASN 'L-peptide linking' y ASPARAGINE                                             ?       'C4 H8 N2 O3'    132.118 
ASP 'L-peptide linking' y 'ASPARTIC ACID'                                        ?       'C4 H7 N O4'     133.103 
CSO 'L-peptide linking' n S-HYDROXYCYSTEINE                                      ?       'C3 H7 N O3 S'   137.158 
CYS 'L-peptide linking' y CYSTEINE                                               ?       'C3 H7 N O2 S'   121.158 
GLN 'L-peptide linking' y GLUTAMINE                                              ?       'C5 H10 N2 O3'   146.144 
GLU 'L-peptide linking' y 'GLUTAMIC ACID'                                        ?       'C5 H9 N O4'     147.129 
GLY 'peptide linking'   y GLYCINE                                                ?       'C2 H5 N O2'     75.067  
HIS 'L-peptide linking' y HISTIDINE                                              ?       'C6 H10 N3 O2 1' 156.162 
HOH non-polymer         . WATER                                                  ?       'H2 O'           18.015  
ILE 'L-peptide linking' y ISOLEUCINE                                             ?       'C6 H13 N O2'    131.173 
LEU 'L-peptide linking' y LEUCINE                                                ?       'C6 H13 N O2'    131.173 
LYS 'L-peptide linking' y LYSINE                                                 ?       'C6 H15 N2 O2 1' 147.195 
PHE 'L-peptide linking' y PHENYLALANINE                                          ?       'C9 H11 N O2'    165.189 
PRO 'L-peptide linking' y PROLINE                                                ?       'C5 H9 N O2'     115.130 
SER 'L-peptide linking' y SERINE                                                 ?       'C3 H7 N O3'     105.093 
THR 'L-peptide linking' y THREONINE                                              ?       'C4 H9 N O3'     119.119 
TRP 'L-peptide linking' y TRYPTOPHAN                                             ?       'C11 H12 N2 O2'  204.225 
TYR 'L-peptide linking' y TYROSINE                                               ?       'C9 H11 N O3'    181.189 
VAL 'L-peptide linking' y VALINE                                                 ?       'C5 H11 N O2'    117.146 
# 
loop_
_pdbx_poly_seq_scheme.asym_id 
_pdbx_poly_seq_scheme.entity_id 
_pdbx_poly_seq_scheme.seq_id 
_pdbx_poly_seq_scheme.mon_id 
_pdbx_poly_seq_scheme.ndb_seq_num 
_pdbx_poly_seq_scheme.pdb_seq_num 
_pdbx_poly_seq_scheme.auth_seq_num 
_pdbx_poly_seq_scheme.pdb_mon_id 
_pdbx_poly_seq_scheme.auth_mon_id 
_pdbx_poly_seq_scheme.pdb_strand_id 
_pdbx_poly_seq_scheme.pdb_ins_code 
_pdbx_poly_seq_scheme.hetero 
A 1 1   SER 1   1   1   SER SER A . n 
A 1 2   ILE 2   2   2   ILE ILE A . n 
A 1 3   GLN 3   3   3   GLN GLN A . n 
A 1 4   ALA 4   4   4   ALA ALA A . n 
A 1 5   GLU 5   5   5   GLU GLU A . n 
A 1 6   GLU 6   6   6   GLU GLU A . n 
A 1 7   TRP 7   7   7   TRP TRP A . n 
A 1 8   TYR 8   8   8   TYR TYR A . n 
A 1 9   PHE 9   9   9   PHE PHE A . n 
A 1 10  GLY 10  10  10  GLY GLY A . n 
A 1 11  LYS 11  11  11  LYS LYS A . n 
A 1 12  ILE 12  12  12  ILE ILE A . n 
A 1 13  THR 13  13  13  THR THR A . n 
A 1 14  ARG 14  14  14  ARG ARG A . n 
A 1 15  ARG 15  15  15  ARG ARG A . n 
A 1 16  GLU 16  16  16  GLU GLU A . n 
A 1 17  SER 17  17  17  SER SER A . n 
A 1 18  GLU 18  18  18  GLU GLU A . n 
A 1 19  ARG 19  19  19  ARG ARG A . n 
A 1 20  LEU 20  20  20  LEU LEU A . n 
A 1 21  LEU 21  21  21  LEU LEU A . n 
A 1 22  LEU 22  22  22  LEU LEU A . n 
A 1 23  ASN 23  23  23  ASN ASN A . n 
A 1 24  ALA 24  24  24  ALA ALA A . n 
A 1 25  GLU 25  25  25  GLU GLU A . n 
A 1 26  ASN 26  26  26  ASN ASN A . n 
A 1 27  PRO 27  27  27  PRO PRO A . n 
A 1 28  ARG 28  28  28  ARG ARG A . n 
A 1 29  GLY 29  29  29  GLY GLY A . n 
A 1 30  THR 30  30  30  THR THR A . n 
A 1 31  PHE 31  31  31  PHE PHE A . n 
A 1 32  LEU 32  32  32  LEU LEU A . n 
A 1 33  VAL 33  33  33  VAL VAL A . n 
A 1 34  ARG 34  34  34  ARG ARG A . n 
A 1 35  GLU 35  35  35  GLU GLU A . n 
A 1 36  SER 36  36  36  SER SER A . n 
A 1 37  GLU 37  37  37  GLU GLU A . n 
A 1 38  THR 38  38  38  THR THR A . n 
A 1 39  THR 39  39  39  THR THR A . n 
A 1 40  LYS 40  40  40  LYS LYS A . n 
A 1 41  GLY 41  41  41  GLY GLY A . n 
A 1 42  ALA 42  42  42  ALA ALA A . n 
A 1 43  TYR 43  43  43  TYR TYR A . n 
A 1 44  CSO 44  44  44  CSO CYS A . n 
A 1 45  LEU 45  45  45  LEU LEU A . n 
A 1 46  SER 46  46  46  SER SER A . n 
A 1 47  VAL 47  47  47  VAL VAL A . n 
A 1 48  SER 48  48  48  SER SER A . n 
A 1 49  ASP 49  49  49  ASP ASP A . n 
A 1 50  PHE 50  50  50  PHE PHE A . n 
A 1 51  ASP 51  51  51  ASP ASP A . n 
A 1 52  ASN 52  52  52  ASN ASN A . n 
A 1 53  ALA 53  53  53  ALA ALA A . n 
A 1 54  LYS 54  54  54  LYS LYS A . n 
A 1 55  GLY 55  55  55  GLY GLY A . n 
A 1 56  LEU 56  56  56  LEU LEU A . n 
A 1 57  ASN 57  57  57  ASN ASN A . n 
A 1 58  VAL 58  58  58  VAL VAL A . n 
A 1 59  LYS 59  59  59  LYS LYS A . n 
A 1 60  HIS 60  60  60  HIS HIS A . n 
A 1 61  TYR 61  61  61  TYR TYR A . n 
A 1 62  LYS 62  62  62  LYS LYS A . n 
A 1 63  ILE 63  63  63  ILE ILE A . n 
A 1 64  ARG 64  64  64  ARG ARG A . n 
A 1 65  LYS 65  65  65  LYS LYS A . n 
A 1 66  LEU 66  66  66  LEU LEU A . n 
A 1 67  ASP 67  67  67  ASP ASP A . n 
A 1 68  SER 68  68  68  SER SER A . n 
A 1 69  GLY 69  69  69  GLY GLY A . n 
A 1 70  GLY 70  70  70  GLY GLY A . n 
A 1 71  PHE 71  71  71  PHE PHE A . n 
A 1 72  TYR 72  72  72  TYR TYR A . n 
A 1 73  ILE 73  73  73  ILE ILE A . n 
A 1 74  THR 74  74  74  THR THR A . n 
A 1 75  SER 75  75  75  SER SER A . n 
A 1 76  ARG 76  76  76  ARG ARG A . n 
A 1 77  THR 77  77  77  THR THR A . n 
A 1 78  GLN 78  78  78  GLN GLN A . n 
A 1 79  PHE 79  79  79  PHE PHE A . n 
A 1 80  ASN 80  80  80  ASN ASN A . n 
A 1 81  SER 81  81  81  SER SER A . n 
A 1 82  LEU 82  82  82  LEU LEU A . n 
A 1 83  GLN 83  83  83  GLN GLN A . n 
A 1 84  GLN 84  84  84  GLN GLN A . n 
A 1 85  LEU 85  85  85  LEU LEU A . n 
A 1 86  VAL 86  86  86  VAL VAL A . n 
A 1 87  ALA 87  87  87  ALA ALA A . n 
A 1 88  TYR 88  88  88  TYR TYR A . n 
A 1 89  TYR 89  89  89  TYR TYR A . n 
A 1 90  SER 90  90  90  SER SER A . n 
A 1 91  LYS 91  91  91  LYS LYS A . n 
A 1 92  HIS 92  92  92  HIS HIS A . n 
A 1 93  ALA 93  93  93  ALA ALA A . n 
A 1 94  ASP 94  94  94  ASP ASP A . n 
A 1 95  GLY 95  95  95  GLY GLY A . n 
A 1 96  LEU 96  96  96  LEU LEU A . n 
A 1 97  CYS 97  97  97  CYS CYS A . n 
A 1 98  HIS 98  98  98  HIS HIS A . n 
A 1 99  ARG 99  99  99  ARG ARG A . n 
A 1 100 LEU 100 100 100 LEU LEU A . n 
A 1 101 THR 101 101 101 THR THR A . n 
A 1 102 THR 102 102 102 THR THR A . n 
A 1 103 VAL 103 103 103 VAL VAL A . n 
A 1 104 CYS 104 104 104 CYS CYS A . n 
A 1 105 PRO 105 105 105 PRO PRO A . n 
A 1 106 THR 106 106 ?   ?   ?   A . n 
A 1 107 SER 107 107 ?   ?   ?   A . n 
A 1 108 LYS 108 108 ?   ?   ?   A . n 
# 
loop_
_pdbx_nonpoly_scheme.asym_id 
_pdbx_nonpoly_scheme.entity_id 
_pdbx_nonpoly_scheme.mon_id 
_pdbx_nonpoly_scheme.ndb_seq_num 
_pdbx_nonpoly_scheme.pdb_seq_num 
_pdbx_nonpoly_scheme.auth_seq_num 
_pdbx_nonpoly_scheme.pdb_mon_id 
_pdbx_nonpoly_scheme.auth_mon_id 
_pdbx_nonpoly_scheme.pdb_strand_id 
_pdbx_nonpoly_scheme.pdb_ins_code 
B 2 790 1  300 300 790 INH A . 
C 3 HOH 1  301 1   HOH WAT A . 
C 3 HOH 2  302 2   HOH WAT A . 
C 3 HOH 3  303 3   HOH WAT A . 
C 3 HOH 4  304 4   HOH WAT A . 
C 3 HOH 5  305 5   HOH WAT A . 
C 3 HOH 6  306 6   HOH WAT A . 
C 3 HOH 7  307 7   HOH WAT A . 
C 3 HOH 8  308 8   HOH WAT A . 
C 3 HOH 9  309 9   HOH WAT A . 
C 3 HOH 10 310 10  HOH WAT A . 
C 3 HOH 11 311 11  HOH WAT A . 
C 3 HOH 12 312 12  HOH WAT A . 
C 3 HOH 13 313 13  HOH WAT A . 
C 3 HOH 14 314 14  HOH WAT A . 
C 3 HOH 15 315 15  HOH WAT A . 
C 3 HOH 16 316 16  HOH WAT A . 
C 3 HOH 17 317 17  HOH WAT A . 
C 3 HOH 18 318 18  HOH WAT A . 
C 3 HOH 19 319 19  HOH WAT A . 
C 3 HOH 20 320 20  HOH WAT A . 
C 3 HOH 21 321 21  HOH WAT A . 
C 3 HOH 22 322 23  HOH WAT A . 
C 3 HOH 23 323 24  HOH WAT A . 
C 3 HOH 24 324 25  HOH WAT A . 
C 3 HOH 25 325 26  HOH WAT A . 
C 3 HOH 26 326 27  HOH WAT A . 
C 3 HOH 27 327 28  HOH WAT A . 
C 3 HOH 28 328 30  HOH WAT A . 
C 3 HOH 29 329 31  HOH WAT A . 
C 3 HOH 30 330 32  HOH WAT A . 
C 3 HOH 31 331 34  HOH WAT A . 
C 3 HOH 32 332 35  HOH WAT A . 
C 3 HOH 33 333 36  HOH WAT A . 
C 3 HOH 34 334 37  HOH WAT A . 
C 3 HOH 35 335 38  HOH WAT A . 
C 3 HOH 36 336 43  HOH WAT A . 
C 3 HOH 37 337 45  HOH WAT A . 
C 3 HOH 38 338 46  HOH WAT A . 
C 3 HOH 39 339 47  HOH WAT A . 
C 3 HOH 40 340 48  HOH WAT A . 
C 3 HOH 41 341 49  HOH WAT A . 
C 3 HOH 42 342 50  HOH WAT A . 
C 3 HOH 43 343 55  HOH WAT A . 
C 3 HOH 44 344 56  HOH WAT A . 
C 3 HOH 45 345 60  HOH WAT A . 
C 3 HOH 46 346 61  HOH WAT A . 
C 3 HOH 47 347 62  HOH WAT A . 
C 3 HOH 48 348 66  HOH WAT A . 
C 3 HOH 49 349 68  HOH WAT A . 
C 3 HOH 50 350 71  HOH WAT A . 
C 3 HOH 51 351 72  HOH WAT A . 
C 3 HOH 52 352 73  HOH WAT A . 
C 3 HOH 53 353 77  HOH WAT A . 
C 3 HOH 54 354 81  HOH WAT A . 
C 3 HOH 55 355 82  HOH WAT A . 
C 3 HOH 56 356 83  HOH WAT A . 
C 3 HOH 57 357 84  HOH WAT A . 
C 3 HOH 58 358 89  HOH WAT A . 
C 3 HOH 59 359 91  HOH WAT A . 
C 3 HOH 60 360 92  HOH WAT A . 
C 3 HOH 61 361 93  HOH WAT A . 
C 3 HOH 62 362 94  HOH WAT A . 
C 3 HOH 63 363 95  HOH WAT A . 
C 3 HOH 64 364 99  HOH WAT A . 
C 3 HOH 65 365 100 HOH WAT A . 
C 3 HOH 66 366 102 HOH WAT A . 
C 3 HOH 67 367 104 HOH WAT A . 
C 3 HOH 68 368 105 HOH WAT A . 
C 3 HOH 69 369 107 HOH WAT A . 
C 3 HOH 70 370 109 HOH WAT A . 
C 3 HOH 71 371 110 HOH WAT A . 
C 3 HOH 72 372 111 HOH WAT A . 
C 3 HOH 73 373 112 HOH WAT A . 
C 3 HOH 74 374 113 HOH WAT A . 
C 3 HOH 75 375 114 HOH WAT A . 
C 3 HOH 76 376 116 HOH WAT A . 
C 3 HOH 77 377 118 HOH WAT A . 
C 3 HOH 78 378 123 HOH WAT A . 
C 3 HOH 79 379 124 HOH WAT A . 
C 3 HOH 80 380 128 HOH WAT A . 
C 3 HOH 81 381 132 HOH WAT A . 
C 3 HOH 82 382 150 HOH WAT A . 
C 3 HOH 83 383 154 HOH WAT A . 
C 3 HOH 84 384 155 HOH WAT A . 
C 3 HOH 85 385 156 HOH WAT A . 
C 3 HOH 86 386 160 HOH WAT A . 
C 3 HOH 87 387 177 HOH WAT A . 
C 3 HOH 88 388 185 HOH WAT A . 
C 3 HOH 89 389 186 HOH WAT A . 
C 3 HOH 90 390 187 HOH WAT A . 
# 
loop_
_software.name 
_software.classification 
_software.version 
_software.citation_id 
_software.pdbx_ordinal 
XDS    'data scaling'   .     ? 1 
XDS    'data reduction' .     ? 2 
X-PLOR 'model building' 3.851 ? 3 
X-PLOR refinement       3.851 ? 4 
X-PLOR phasing          3.851 ? 5 
# 
_cell.entry_id           1O4F 
_cell.length_a           26.670 
_cell.length_b           59.540 
_cell.length_c           64.730 
_cell.angle_alpha        90.00 
_cell.angle_beta         90.00 
_cell.angle_gamma        90.00 
_cell.Z_PDB              4 
_cell.pdbx_unique_axis   ? 
# 
_symmetry.entry_id                         1O4F 
_symmetry.space_group_name_H-M             'P 21 21 21' 
_symmetry.pdbx_full_space_group_name_H-M   ? 
_symmetry.cell_setting                     ? 
_symmetry.Int_Tables_number                19 
# 
_exptl.entry_id          1O4F 
_exptl.method            'X-RAY DIFFRACTION' 
_exptl.crystals_number   1 
# 
_exptl_crystal.id                    1 
_exptl_crystal.density_meas          ? 
_exptl_crystal.density_Matthews      2.2 
_exptl_crystal.density_percent_sol   41.9 
_exptl_crystal.description           ? 
# 
_exptl_crystal_grow.crystal_id      1 
_exptl_crystal_grow.method          ? 
_exptl_crystal_grow.temp            ? 
_exptl_crystal_grow.temp_details    ? 
_exptl_crystal_grow.pH              5.50 
_exptl_crystal_grow.pdbx_pH_range   ? 
_exptl_crystal_grow.pdbx_details    'pH 5.50' 
# 
_diffrn.id                     1 
_diffrn.ambient_temp           100.0 
_diffrn.ambient_temp_details   ? 
_diffrn.crystal_id             1 
# 
_diffrn_detector.diffrn_id              1 
_diffrn_detector.detector               'IMAGE PLATE' 
_diffrn_detector.type                   'MAR scanner 345 mm plate' 
_diffrn_detector.pdbx_collection_date   1999-04-14 
_diffrn_detector.details                ? 
# 
_diffrn_radiation.diffrn_id                        1 
_diffrn_radiation.wavelength_id                    1 
_diffrn_radiation.pdbx_monochromatic_or_laue_m_l   M 
_diffrn_radiation.monochromator                    GRAPHITE 
_diffrn_radiation.pdbx_diffrn_protocol             'SINGLE WAVELENGTH' 
_diffrn_radiation.pdbx_scattering_type             x-ray 
# 
_diffrn_radiation_wavelength.id           1 
_diffrn_radiation_wavelength.wavelength   1.5418 
_diffrn_radiation_wavelength.wt           1.0 
# 
_diffrn_source.diffrn_id                   1 
_diffrn_source.source                      'ROTATING ANODE' 
_diffrn_source.type                        'ELLIOTT GX-21' 
_diffrn_source.pdbx_synchrotron_site       ? 
_diffrn_source.pdbx_synchrotron_beamline   ? 
_diffrn_source.pdbx_wavelength             1.5418 
_diffrn_source.pdbx_wavelength_list        ? 
# 
_reflns.entry_id                     1O4F 
_reflns.observed_criterion_sigma_I   -3.000 
_reflns.observed_criterion_sigma_F   ? 
_reflns.d_resolution_low             40.000 
_reflns.d_resolution_high            2.00 
_reflns.number_obs                   7015 
_reflns.number_all                   ? 
_reflns.percent_possible_obs         94.8 
_reflns.pdbx_Rmerge_I_obs            0.072 
_reflns.pdbx_Rsym_value              ? 
_reflns.pdbx_netI_over_sigmaI        19 
_reflns.B_iso_Wilson_estimate        ? 
_reflns.pdbx_redundancy              ? 
_reflns.pdbx_diffrn_id               1 
_reflns.pdbx_ordinal                 1 
# 
_reflns_shell.d_res_high             2.00 
_reflns_shell.d_res_low              2.05 
_reflns_shell.percent_possible_all   91.7 
_reflns_shell.Rmerge_I_obs           0.261 
_reflns_shell.pdbx_Rsym_value        ? 
_reflns_shell.meanI_over_sigI_obs    8 
_reflns_shell.pdbx_redundancy        ? 
_reflns_shell.pdbx_diffrn_id         ? 
_reflns_shell.pdbx_ordinal           1 
# 
_refine.entry_id                                 1O4F 
_refine.ls_number_reflns_obs                     7015 
_refine.ls_number_reflns_all                     ? 
_refine.pdbx_ls_sigma_I                          ? 
_refine.pdbx_ls_sigma_F                          ? 
_refine.pdbx_data_cutoff_high_absF               1000000.000 
_refine.pdbx_data_cutoff_low_absF                0.1000 
_refine.pdbx_data_cutoff_high_rms_absF           ? 
_refine.ls_d_res_low                             8.00 
_refine.ls_d_res_high                            2.00 
_refine.ls_percent_reflns_obs                    94.8 
_refine.ls_R_factor_obs                          0.164 
_refine.ls_R_factor_all                          ? 
_refine.ls_R_factor_R_work                       0.164 
_refine.ls_R_factor_R_free                       ? 
_refine.ls_R_factor_R_free_error                 ? 
_refine.ls_R_factor_R_free_error_details         ? 
_refine.ls_percent_reflns_R_free                 ? 
_refine.ls_number_reflns_R_free                  ? 
_refine.ls_number_parameters                     ? 
_refine.ls_number_restraints                     ? 
_refine.occupancy_min                            ? 
_refine.occupancy_max                            ? 
_refine.correlation_coeff_Fo_to_Fc               ? 
_refine.correlation_coeff_Fo_to_Fc_free          ? 
_refine.B_iso_mean                               26.7 
_refine.aniso_B[1][1]                            ? 
_refine.aniso_B[2][2]                            ? 
_refine.aniso_B[3][3]                            ? 
_refine.aniso_B[1][2]                            ? 
_refine.aniso_B[1][3]                            ? 
_refine.aniso_B[2][3]                            ? 
_refine.solvent_model_details                    ? 
_refine.solvent_model_param_ksol                 ? 
_refine.solvent_model_param_bsol                 ? 
_refine.pdbx_solvent_vdw_probe_radii             ? 
_refine.pdbx_solvent_ion_probe_radii             ? 
_refine.pdbx_solvent_shrinkage_radii             ? 
_refine.pdbx_ls_cross_valid_method               ? 
_refine.details                                  ? 
_refine.pdbx_starting_model                      1SHD 
_refine.pdbx_method_to_determine_struct          MR 
_refine.pdbx_isotropic_thermal_model             ? 
_refine.pdbx_stereochemistry_target_values       ? 
_refine.pdbx_stereochem_target_val_spec_case     ? 
_refine.pdbx_R_Free_selection_details            ? 
_refine.pdbx_overall_ESU_R                       ? 
_refine.pdbx_overall_ESU_R_Free                  ? 
_refine.overall_SU_ML                            ? 
_refine.overall_SU_B                             ? 
_refine.pdbx_refine_id                           'X-RAY DIFFRACTION' 
_refine.pdbx_diffrn_id                           1 
_refine.pdbx_TLS_residual_ADP_flag               ? 
_refine.pdbx_overall_phase_error                 ? 
_refine.overall_SU_R_Cruickshank_DPI             ? 
_refine.pdbx_overall_SU_R_free_Cruickshank_DPI   ? 
_refine.pdbx_overall_SU_R_Blow_DPI               ? 
_refine.pdbx_overall_SU_R_free_Blow_DPI          ? 
# 
_refine_hist.pdbx_refine_id                   'X-RAY DIFFRACTION' 
_refine_hist.cycle_id                         LAST 
_refine_hist.pdbx_number_atoms_protein        850 
_refine_hist.pdbx_number_atoms_nucleic_acid   0 
_refine_hist.pdbx_number_atoms_ligand         15 
_refine_hist.number_atoms_solvent             90 
_refine_hist.number_atoms_total               955 
_refine_hist.d_res_high                       2.00 
_refine_hist.d_res_low                        8.00 
# 
loop_
_refine_ls_restr.type 
_refine_ls_restr.dev_ideal 
_refine_ls_restr.dev_ideal_target 
_refine_ls_restr.weight 
_refine_ls_restr.number 
_refine_ls_restr.pdbx_refine_id 
_refine_ls_restr.pdbx_restraint_function 
x_bond_d                0.009 ? ? ? 'X-RAY DIFFRACTION' ? 
x_bond_d_na             ?     ? ? ? 'X-RAY DIFFRACTION' ? 
x_bond_d_prot           ?     ? ? ? 'X-RAY DIFFRACTION' ? 
x_angle_d               ?     ? ? ? 'X-RAY DIFFRACTION' ? 
x_angle_d_na            ?     ? ? ? 'X-RAY DIFFRACTION' ? 
x_angle_d_prot          ?     ? ? ? 'X-RAY DIFFRACTION' ? 
x_angle_deg             1.3   ? ? ? 'X-RAY DIFFRACTION' ? 
x_angle_deg_na          ?     ? ? ? 'X-RAY DIFFRACTION' ? 
x_angle_deg_prot        ?     ? ? ? 'X-RAY DIFFRACTION' ? 
x_dihedral_angle_d      ?     ? ? ? 'X-RAY DIFFRACTION' ? 
x_dihedral_angle_d_na   ?     ? ? ? 'X-RAY DIFFRACTION' ? 
x_dihedral_angle_d_prot ?     ? ? ? 'X-RAY DIFFRACTION' ? 
x_improper_angle_d      ?     ? ? ? 'X-RAY DIFFRACTION' ? 
x_improper_angle_d_na   ?     ? ? ? 'X-RAY DIFFRACTION' ? 
x_improper_angle_d_prot ?     ? ? ? 'X-RAY DIFFRACTION' ? 
x_mcbond_it             ?     ? ? ? 'X-RAY DIFFRACTION' ? 
x_mcangle_it            ?     ? ? ? 'X-RAY DIFFRACTION' ? 
x_scbond_it             ?     ? ? ? 'X-RAY DIFFRACTION' ? 
x_scangle_it            ?     ? ? ? 'X-RAY DIFFRACTION' ? 
# 
_struct.entry_id                  1O4F 
_struct.title                     'CRYSTAL STRUCTURE OF SH2 IN COMPLEX WITH RU79073.' 
_struct.pdbx_model_details        ? 
_struct.pdbx_CASP_flag            ? 
_struct.pdbx_model_type_details   ? 
# 
_struct_keywords.entry_id        1O4F 
_struct_keywords.pdbx_keywords   'SIGNALING PROTEIN' 
_struct_keywords.text            'SH2 DOMAIN FRAGMENT APPROACH, SIGNALING PROTEIN' 
# 
loop_
_struct_asym.id 
_struct_asym.pdbx_blank_PDB_chainid_flag 
_struct_asym.pdbx_modified 
_struct_asym.entity_id 
_struct_asym.details 
A N N 1 ? 
B N N 2 ? 
C N N 3 ? 
# 
_struct_ref.id                         1 
_struct_ref.db_name                    UNP 
_struct_ref.db_code                    SRC_HUMAN 
_struct_ref.pdbx_db_accession          P12931 
_struct_ref.entity_id                  1 
_struct_ref.pdbx_align_begin           144 
_struct_ref.pdbx_db_isoform            ? 
_struct_ref.pdbx_seq_one_letter_code   ? 
# 
_struct_ref_seq.align_id                      1 
_struct_ref_seq.ref_id                        1 
_struct_ref_seq.pdbx_PDB_id_code              1O4F 
_struct_ref_seq.pdbx_strand_id                A 
_struct_ref_seq.seq_align_beg                 1 
_struct_ref_seq.pdbx_seq_align_beg_ins_code   ? 
_struct_ref_seq.seq_align_end                 108 
_struct_ref_seq.pdbx_seq_align_end_ins_code   ? 
_struct_ref_seq.pdbx_db_accession             P12931 
_struct_ref_seq.db_align_beg                  144 
_struct_ref_seq.pdbx_db_align_beg_ins_code    ? 
_struct_ref_seq.db_align_end                  251 
_struct_ref_seq.pdbx_db_align_end_ins_code    ? 
_struct_ref_seq.pdbx_auth_seq_align_beg       1 
_struct_ref_seq.pdbx_auth_seq_align_end       108 
# 
_struct_ref_seq_dif.align_id                     1 
_struct_ref_seq_dif.pdbx_pdb_id_code             1O4F 
_struct_ref_seq_dif.mon_id                       CSO 
_struct_ref_seq_dif.pdbx_pdb_strand_id           A 
_struct_ref_seq_dif.seq_num                      44 
_struct_ref_seq_dif.pdbx_pdb_ins_code            ? 
_struct_ref_seq_dif.pdbx_seq_db_name             UNP 
_struct_ref_seq_dif.pdbx_seq_db_accession_code   P12931 
_struct_ref_seq_dif.db_mon_id                    CYS 
_struct_ref_seq_dif.pdbx_seq_db_seq_num          187 
_struct_ref_seq_dif.details                      'modified residue' 
_struct_ref_seq_dif.pdbx_auth_seq_num            44 
_struct_ref_seq_dif.pdbx_ordinal                 1 
# 
_pdbx_struct_assembly.id                   1 
_pdbx_struct_assembly.details              author_defined_assembly 
_pdbx_struct_assembly.method_details       ? 
_pdbx_struct_assembly.oligomeric_details   monomeric 
_pdbx_struct_assembly.oligomeric_count     1 
# 
_pdbx_struct_assembly_gen.assembly_id       1 
_pdbx_struct_assembly_gen.oper_expression   1 
_pdbx_struct_assembly_gen.asym_id_list      A,B,C 
# 
_pdbx_struct_oper_list.id                   1 
_pdbx_struct_oper_list.type                 'identity operation' 
_pdbx_struct_oper_list.name                 1_555 
_pdbx_struct_oper_list.symmetry_operation   x,y,z 
_pdbx_struct_oper_list.matrix[1][1]         1.0000000000 
_pdbx_struct_oper_list.matrix[1][2]         0.0000000000 
_pdbx_struct_oper_list.matrix[1][3]         0.0000000000 
_pdbx_struct_oper_list.vector[1]            0.0000000000 
_pdbx_struct_oper_list.matrix[2][1]         0.0000000000 
_pdbx_struct_oper_list.matrix[2][2]         1.0000000000 
_pdbx_struct_oper_list.matrix[2][3]         0.0000000000 
_pdbx_struct_oper_list.vector[2]            0.0000000000 
_pdbx_struct_oper_list.matrix[3][1]         0.0000000000 
_pdbx_struct_oper_list.matrix[3][2]         0.0000000000 
_pdbx_struct_oper_list.matrix[3][3]         1.0000000000 
_pdbx_struct_oper_list.vector[3]            0.0000000000 
# 
_struct_biol.id   1 
# 
loop_
_struct_conf.conf_type_id 
_struct_conf.id 
_struct_conf.pdbx_PDB_helix_id 
_struct_conf.beg_label_comp_id 
_struct_conf.beg_label_asym_id 
_struct_conf.beg_label_seq_id 
_struct_conf.pdbx_beg_PDB_ins_code 
_struct_conf.end_label_comp_id 
_struct_conf.end_label_asym_id 
_struct_conf.end_label_seq_id 
_struct_conf.pdbx_end_PDB_ins_code 
_struct_conf.beg_auth_comp_id 
_struct_conf.beg_auth_asym_id 
_struct_conf.beg_auth_seq_id 
_struct_conf.end_auth_comp_id 
_struct_conf.end_auth_asym_id 
_struct_conf.end_auth_seq_id 
_struct_conf.pdbx_PDB_helix_class 
_struct_conf.details 
_struct_conf.pdbx_PDB_helix_length 
HELX_P HELX_P1 1 SER A 1  ? GLU A 5  ? SER A 1  GLU A 5  5 ? 5  
HELX_P HELX_P2 2 THR A 13 ? LEU A 22 ? THR A 13 LEU A 22 1 ? 10 
HELX_P HELX_P3 3 SER A 81 ? SER A 90 ? SER A 81 SER A 90 1 ? 10 
# 
_struct_conf_type.id          HELX_P 
_struct_conf_type.criteria    ? 
_struct_conf_type.reference   ? 
# 
loop_
_struct_conn.id 
_struct_conn.conn_type_id 
_struct_conn.pdbx_leaving_atom_flag 
_struct_conn.pdbx_PDB_id 
_struct_conn.ptnr1_label_asym_id 
_struct_conn.ptnr1_label_comp_id 
_struct_conn.ptnr1_label_seq_id 
_struct_conn.ptnr1_label_atom_id 
_struct_conn.pdbx_ptnr1_label_alt_id 
_struct_conn.pdbx_ptnr1_PDB_ins_code 
_struct_conn.pdbx_ptnr1_standard_comp_id 
_struct_conn.ptnr1_symmetry 
_struct_conn.ptnr2_label_asym_id 
_struct_conn.ptnr2_label_comp_id 
_struct_conn.ptnr2_label_seq_id 
_struct_conn.ptnr2_label_atom_id 
_struct_conn.pdbx_ptnr2_label_alt_id 
_struct_conn.pdbx_ptnr2_PDB_ins_code 
_struct_conn.ptnr1_auth_asym_id 
_struct_conn.ptnr1_auth_comp_id 
_struct_conn.ptnr1_auth_seq_id 
_struct_conn.ptnr2_auth_asym_id 
_struct_conn.ptnr2_auth_comp_id 
_struct_conn.ptnr2_auth_seq_id 
_struct_conn.ptnr2_symmetry 
_struct_conn.pdbx_ptnr3_label_atom_id 
_struct_conn.pdbx_ptnr3_label_seq_id 
_struct_conn.pdbx_ptnr3_label_comp_id 
_struct_conn.pdbx_ptnr3_label_asym_id 
_struct_conn.pdbx_ptnr3_label_alt_id 
_struct_conn.pdbx_ptnr3_PDB_ins_code 
_struct_conn.details 
_struct_conn.pdbx_dist_value 
_struct_conn.pdbx_value_order 
_struct_conn.pdbx_role 
covale1 covale both ? A TYR 43 C ? ? ? 1_555 A CSO 44 N ? ? A TYR 43 A CSO 44 1_555 ? ? ? ? ? ? ? 1.330 ? ? 
covale2 covale both ? A CSO 44 C ? ? ? 1_555 A LEU 45 N ? ? A CSO 44 A LEU 45 1_555 ? ? ? ? ? ? ? 1.318 ? ? 
# 
_struct_conn_type.id          covale 
_struct_conn_type.criteria    ? 
_struct_conn_type.reference   ? 
# 
_pdbx_modification_feature.ordinal                            1 
_pdbx_modification_feature.label_comp_id                      CSO 
_pdbx_modification_feature.label_asym_id                      A 
_pdbx_modification_feature.label_seq_id                       44 
_pdbx_modification_feature.label_alt_id                       ? 
_pdbx_modification_feature.modified_residue_label_comp_id     . 
_pdbx_modification_feature.modified_residue_label_asym_id     . 
_pdbx_modification_feature.modified_residue_label_seq_id      . 
_pdbx_modification_feature.modified_residue_label_alt_id      . 
_pdbx_modification_feature.auth_comp_id                       CSO 
_pdbx_modification_feature.auth_asym_id                       A 
_pdbx_modification_feature.auth_seq_id                        44 
_pdbx_modification_feature.PDB_ins_code                       ? 
_pdbx_modification_feature.symmetry                           1_555 
_pdbx_modification_feature.modified_residue_auth_comp_id      . 
_pdbx_modification_feature.modified_residue_auth_asym_id      . 
_pdbx_modification_feature.modified_residue_auth_seq_id       . 
_pdbx_modification_feature.modified_residue_PDB_ins_code      . 
_pdbx_modification_feature.modified_residue_symmetry          . 
_pdbx_modification_feature.comp_id_linking_atom               . 
_pdbx_modification_feature.modified_residue_id_linking_atom   . 
_pdbx_modification_feature.modified_residue_id                CYS 
_pdbx_modification_feature.ref_pcm_id                         1 
_pdbx_modification_feature.ref_comp_id                        CSO 
_pdbx_modification_feature.type                               Hydroxylation 
_pdbx_modification_feature.category                           'Named protein modification' 
# 
_struct_sheet.id               A 
_struct_sheet.type             ? 
_struct_sheet.number_strands   5 
_struct_sheet.details          ? 
# 
loop_
_struct_sheet_order.sheet_id 
_struct_sheet_order.range_id_1 
_struct_sheet_order.range_id_2 
_struct_sheet_order.offset 
_struct_sheet_order.sense 
A 1 2 ? anti-parallel 
A 2 3 ? anti-parallel 
A 3 4 ? anti-parallel 
A 4 5 ? anti-parallel 
# 
loop_
_struct_sheet_range.sheet_id 
_struct_sheet_range.id 
_struct_sheet_range.beg_label_comp_id 
_struct_sheet_range.beg_label_asym_id 
_struct_sheet_range.beg_label_seq_id 
_struct_sheet_range.pdbx_beg_PDB_ins_code 
_struct_sheet_range.end_label_comp_id 
_struct_sheet_range.end_label_asym_id 
_struct_sheet_range.end_label_seq_id 
_struct_sheet_range.pdbx_end_PDB_ins_code 
_struct_sheet_range.beg_auth_comp_id 
_struct_sheet_range.beg_auth_asym_id 
_struct_sheet_range.beg_auth_seq_id 
_struct_sheet_range.end_auth_comp_id 
_struct_sheet_range.end_auth_asym_id 
_struct_sheet_range.end_auth_seq_id 
A 1 PHE A 31 ? GLU A 35 ? PHE A 31 GLU A 35 
A 2 TYR A 43 ? ASP A 51 ? TYR A 43 ASP A 51 
A 3 GLY A 55 ? LYS A 65 ? GLY A 55 LYS A 65 
A 4 PHE A 71 ? TYR A 72 ? PHE A 71 TYR A 72 
A 5 GLN A 78 ? PHE A 79 ? GLN A 78 PHE A 79 
# 
loop_
_pdbx_struct_sheet_hbond.sheet_id 
_pdbx_struct_sheet_hbond.range_id_1 
_pdbx_struct_sheet_hbond.range_id_2 
_pdbx_struct_sheet_hbond.range_1_label_atom_id 
_pdbx_struct_sheet_hbond.range_1_label_comp_id 
_pdbx_struct_sheet_hbond.range_1_label_asym_id 
_pdbx_struct_sheet_hbond.range_1_label_seq_id 
_pdbx_struct_sheet_hbond.range_1_PDB_ins_code 
_pdbx_struct_sheet_hbond.range_1_auth_atom_id 
_pdbx_struct_sheet_hbond.range_1_auth_comp_id 
_pdbx_struct_sheet_hbond.range_1_auth_asym_id 
_pdbx_struct_sheet_hbond.range_1_auth_seq_id 
_pdbx_struct_sheet_hbond.range_2_label_atom_id 
_pdbx_struct_sheet_hbond.range_2_label_comp_id 
_pdbx_struct_sheet_hbond.range_2_label_asym_id 
_pdbx_struct_sheet_hbond.range_2_label_seq_id 
_pdbx_struct_sheet_hbond.range_2_PDB_ins_code 
_pdbx_struct_sheet_hbond.range_2_auth_atom_id 
_pdbx_struct_sheet_hbond.range_2_auth_comp_id 
_pdbx_struct_sheet_hbond.range_2_auth_asym_id 
_pdbx_struct_sheet_hbond.range_2_auth_seq_id 
A 1 2 N LEU A 32 ? N LEU A 32 O SER A 46 ? O SER A 46 
A 2 3 N TYR A 43 ? N TYR A 43 O ILE A 63 ? O ILE A 63 
A 3 4 N ARG A 64 ? N ARG A 64 O TYR A 72 ? O TYR A 72 
A 4 5 N PHE A 71 ? N PHE A 71 O PHE A 79 ? O PHE A 79 
# 
_struct_site.id                   AC1 
_struct_site.pdbx_evidence_code   Software 
_struct_site.pdbx_auth_asym_id    A 
_struct_site.pdbx_auth_comp_id    790 
_struct_site.pdbx_auth_seq_id     300 
_struct_site.pdbx_auth_ins_code   ? 
_struct_site.pdbx_num_residues    9 
_struct_site.details              'BINDING SITE FOR RESIDUE 790 A 300' 
# 
loop_
_struct_site_gen.id 
_struct_site_gen.site_id 
_struct_site_gen.pdbx_num_res 
_struct_site_gen.label_comp_id 
_struct_site_gen.label_asym_id 
_struct_site_gen.label_seq_id 
_struct_site_gen.pdbx_auth_ins_code 
_struct_site_gen.auth_comp_id 
_struct_site_gen.auth_asym_id 
_struct_site_gen.auth_seq_id 
_struct_site_gen.label_atom_id 
_struct_site_gen.label_alt_id 
_struct_site_gen.symmetry 
_struct_site_gen.details 
1 AC1 9 ARG A 14 ? ARG A 14  . ? 1_555 ? 
2 AC1 9 ARG A 34 ? ARG A 34  . ? 1_555 ? 
3 AC1 9 SER A 36 ? SER A 36  . ? 1_555 ? 
4 AC1 9 GLU A 37 ? GLU A 37  . ? 1_555 ? 
5 AC1 9 THR A 38 ? THR A 38  . ? 1_555 ? 
6 AC1 9 THR A 39 ? THR A 39  . ? 1_555 ? 
7 AC1 9 LYS A 62 ? LYS A 62  . ? 1_555 ? 
8 AC1 9 HOH C .  ? HOH A 308 . ? 1_555 ? 
9 AC1 9 HOH C .  ? HOH A 390 . ? 1_555 ? 
# 
_pdbx_entry_details.entry_id                   1O4F 
_pdbx_entry_details.compound_details           ? 
_pdbx_entry_details.source_details             ? 
_pdbx_entry_details.nonpolymer_details         ? 
_pdbx_entry_details.sequence_details           ? 
_pdbx_entry_details.has_ligand_of_interest     ? 
_pdbx_entry_details.has_protein_modification   Y 
# 
_pdbx_validate_torsion.id              1 
_pdbx_validate_torsion.PDB_model_num   1 
_pdbx_validate_torsion.auth_comp_id    ASP 
_pdbx_validate_torsion.auth_asym_id    A 
_pdbx_validate_torsion.auth_seq_id     94 
_pdbx_validate_torsion.PDB_ins_code    ? 
_pdbx_validate_torsion.label_alt_id    ? 
_pdbx_validate_torsion.phi             49.98 
_pdbx_validate_torsion.psi             -118.82 
# 
_pdbx_struct_mod_residue.id               1 
_pdbx_struct_mod_residue.label_asym_id    A 
_pdbx_struct_mod_residue.label_comp_id    CSO 
_pdbx_struct_mod_residue.label_seq_id     44 
_pdbx_struct_mod_residue.auth_asym_id     A 
_pdbx_struct_mod_residue.auth_comp_id     CSO 
_pdbx_struct_mod_residue.auth_seq_id      44 
_pdbx_struct_mod_residue.PDB_ins_code     ? 
_pdbx_struct_mod_residue.parent_comp_id   CYS 
_pdbx_struct_mod_residue.details          S-HYDROXYCYSTEINE 
# 
loop_
_pdbx_unobs_or_zero_occ_residues.id 
_pdbx_unobs_or_zero_occ_residues.PDB_model_num 
_pdbx_unobs_or_zero_occ_residues.polymer_flag 
_pdbx_unobs_or_zero_occ_residues.occupancy_flag 
_pdbx_unobs_or_zero_occ_residues.auth_asym_id 
_pdbx_unobs_or_zero_occ_residues.auth_comp_id 
_pdbx_unobs_or_zero_occ_residues.auth_seq_id 
_pdbx_unobs_or_zero_occ_residues.PDB_ins_code 
_pdbx_unobs_or_zero_occ_residues.label_asym_id 
_pdbx_unobs_or_zero_occ_residues.label_comp_id 
_pdbx_unobs_or_zero_occ_residues.label_seq_id 
1 1 Y 1 A THR 106 ? A THR 106 
2 1 Y 1 A SER 107 ? A SER 107 
3 1 Y 1 A LYS 108 ? A LYS 108 
# 
loop_
_chem_comp_atom.comp_id 
_chem_comp_atom.atom_id 
_chem_comp_atom.type_symbol 
_chem_comp_atom.pdbx_aromatic_flag 
_chem_comp_atom.pdbx_stereo_config 
_chem_comp_atom.pdbx_ordinal 
790 C1   C N N 1   
790 C2   C N N 2   
790 C3   C Y N 3   
790 C4   C Y N 4   
790 N5   N N N 5   
790 C6   C N N 6   
790 C13  C Y N 7   
790 C14  C Y N 8   
790 C15  C Y N 9   
790 C16  C Y N 10  
790 O17  O N N 11  
790 P18  P N N 12  
790 O19  O N N 13  
790 O20  O N N 14  
790 O21  O N N 15  
790 H11  H N N 16  
790 H12  H N N 17  
790 H21A H N N 18  
790 H22  H N N 19  
790 HN5  H N N 20  
790 H61  H N N 21  
790 H62  H N N 22  
790 H13  H N N 23  
790 H14  H N N 24  
790 H15  H N N 25  
790 H19  H N N 26  
790 H21  H N N 27  
ALA N    N N N 28  
ALA CA   C N S 29  
ALA C    C N N 30  
ALA O    O N N 31  
ALA CB   C N N 32  
ALA OXT  O N N 33  
ALA H    H N N 34  
ALA H2   H N N 35  
ALA HA   H N N 36  
ALA HB1  H N N 37  
ALA HB2  H N N 38  
ALA HB3  H N N 39  
ALA HXT  H N N 40  
ARG N    N N N 41  
ARG CA   C N S 42  
ARG C    C N N 43  
ARG O    O N N 44  
ARG CB   C N N 45  
ARG CG   C N N 46  
ARG CD   C N N 47  
ARG NE   N N N 48  
ARG CZ   C N N 49  
ARG NH1  N N N 50  
ARG NH2  N N N 51  
ARG OXT  O N N 52  
ARG H    H N N 53  
ARG H2   H N N 54  
ARG HA   H N N 55  
ARG HB2  H N N 56  
ARG HB3  H N N 57  
ARG HG2  H N N 58  
ARG HG3  H N N 59  
ARG HD2  H N N 60  
ARG HD3  H N N 61  
ARG HE   H N N 62  
ARG HH11 H N N 63  
ARG HH12 H N N 64  
ARG HH21 H N N 65  
ARG HH22 H N N 66  
ARG HXT  H N N 67  
ASN N    N N N 68  
ASN CA   C N S 69  
ASN C    C N N 70  
ASN O    O N N 71  
ASN CB   C N N 72  
ASN CG   C N N 73  
ASN OD1  O N N 74  
ASN ND2  N N N 75  
ASN OXT  O N N 76  
ASN H    H N N 77  
ASN H2   H N N 78  
ASN HA   H N N 79  
ASN HB2  H N N 80  
ASN HB3  H N N 81  
ASN HD21 H N N 82  
ASN HD22 H N N 83  
ASN HXT  H N N 84  
ASP N    N N N 85  
ASP CA   C N S 86  
ASP C    C N N 87  
ASP O    O N N 88  
ASP CB   C N N 89  
ASP CG   C N N 90  
ASP OD1  O N N 91  
ASP OD2  O N N 92  
ASP OXT  O N N 93  
ASP H    H N N 94  
ASP H2   H N N 95  
ASP HA   H N N 96  
ASP HB2  H N N 97  
ASP HB3  H N N 98  
ASP HD2  H N N 99  
ASP HXT  H N N 100 
CSO N    N N N 101 
CSO CA   C N R 102 
CSO CB   C N N 103 
CSO SG   S N N 104 
CSO C    C N N 105 
CSO O    O N N 106 
CSO OXT  O N N 107 
CSO OD   O N N 108 
CSO H    H N N 109 
CSO H2   H N N 110 
CSO HA   H N N 111 
CSO HB2  H N N 112 
CSO HB3  H N N 113 
CSO HXT  H N N 114 
CSO HD   H N N 115 
CYS N    N N N 116 
CYS CA   C N R 117 
CYS C    C N N 118 
CYS O    O N N 119 
CYS CB   C N N 120 
CYS SG   S N N 121 
CYS OXT  O N N 122 
CYS H    H N N 123 
CYS H2   H N N 124 
CYS HA   H N N 125 
CYS HB2  H N N 126 
CYS HB3  H N N 127 
CYS HG   H N N 128 
CYS HXT  H N N 129 
GLN N    N N N 130 
GLN CA   C N S 131 
GLN C    C N N 132 
GLN O    O N N 133 
GLN CB   C N N 134 
GLN CG   C N N 135 
GLN CD   C N N 136 
GLN OE1  O N N 137 
GLN NE2  N N N 138 
GLN OXT  O N N 139 
GLN H    H N N 140 
GLN H2   H N N 141 
GLN HA   H N N 142 
GLN HB2  H N N 143 
GLN HB3  H N N 144 
GLN HG2  H N N 145 
GLN HG3  H N N 146 
GLN HE21 H N N 147 
GLN HE22 H N N 148 
GLN HXT  H N N 149 
GLU N    N N N 150 
GLU CA   C N S 151 
GLU C    C N N 152 
GLU O    O N N 153 
GLU CB   C N N 154 
GLU CG   C N N 155 
GLU CD   C N N 156 
GLU OE1  O N N 157 
GLU OE2  O N N 158 
GLU OXT  O N N 159 
GLU H    H N N 160 
GLU H2   H N N 161 
GLU HA   H N N 162 
GLU HB2  H N N 163 
GLU HB3  H N N 164 
GLU HG2  H N N 165 
GLU HG3  H N N 166 
GLU HE2  H N N 167 
GLU HXT  H N N 168 
GLY N    N N N 169 
GLY CA   C N N 170 
GLY C    C N N 171 
GLY O    O N N 172 
GLY OXT  O N N 173 
GLY H    H N N 174 
GLY H2   H N N 175 
GLY HA2  H N N 176 
GLY HA3  H N N 177 
GLY HXT  H N N 178 
HIS N    N N N 179 
HIS CA   C N S 180 
HIS C    C N N 181 
HIS O    O N N 182 
HIS CB   C N N 183 
HIS CG   C Y N 184 
HIS ND1  N Y N 185 
HIS CD2  C Y N 186 
HIS CE1  C Y N 187 
HIS NE2  N Y N 188 
HIS OXT  O N N 189 
HIS H    H N N 190 
HIS H2   H N N 191 
HIS HA   H N N 192 
HIS HB2  H N N 193 
HIS HB3  H N N 194 
HIS HD1  H N N 195 
HIS HD2  H N N 196 
HIS HE1  H N N 197 
HIS HE2  H N N 198 
HIS HXT  H N N 199 
HOH O    O N N 200 
HOH H1   H N N 201 
HOH H2   H N N 202 
ILE N    N N N 203 
ILE CA   C N S 204 
ILE C    C N N 205 
ILE O    O N N 206 
ILE CB   C N S 207 
ILE CG1  C N N 208 
ILE CG2  C N N 209 
ILE CD1  C N N 210 
ILE OXT  O N N 211 
ILE H    H N N 212 
ILE H2   H N N 213 
ILE HA   H N N 214 
ILE HB   H N N 215 
ILE HG12 H N N 216 
ILE HG13 H N N 217 
ILE HG21 H N N 218 
ILE HG22 H N N 219 
ILE HG23 H N N 220 
ILE HD11 H N N 221 
ILE HD12 H N N 222 
ILE HD13 H N N 223 
ILE HXT  H N N 224 
LEU N    N N N 225 
LEU CA   C N S 226 
LEU C    C N N 227 
LEU O    O N N 228 
LEU CB   C N N 229 
LEU CG   C N N 230 
LEU CD1  C N N 231 
LEU CD2  C N N 232 
LEU OXT  O N N 233 
LEU H    H N N 234 
LEU H2   H N N 235 
LEU HA   H N N 236 
LEU HB2  H N N 237 
LEU HB3  H N N 238 
LEU HG   H N N 239 
LEU HD11 H N N 240 
LEU HD12 H N N 241 
LEU HD13 H N N 242 
LEU HD21 H N N 243 
LEU HD22 H N N 244 
LEU HD23 H N N 245 
LEU HXT  H N N 246 
LYS N    N N N 247 
LYS CA   C N S 248 
LYS C    C N N 249 
LYS O    O N N 250 
LYS CB   C N N 251 
LYS CG   C N N 252 
LYS CD   C N N 253 
LYS CE   C N N 254 
LYS NZ   N N N 255 
LYS OXT  O N N 256 
LYS H    H N N 257 
LYS H2   H N N 258 
LYS HA   H N N 259 
LYS HB2  H N N 260 
LYS HB3  H N N 261 
LYS HG2  H N N 262 
LYS HG3  H N N 263 
LYS HD2  H N N 264 
LYS HD3  H N N 265 
LYS HE2  H N N 266 
LYS HE3  H N N 267 
LYS HZ1  H N N 268 
LYS HZ2  H N N 269 
LYS HZ3  H N N 270 
LYS HXT  H N N 271 
PHE N    N N N 272 
PHE CA   C N S 273 
PHE C    C N N 274 
PHE O    O N N 275 
PHE CB   C N N 276 
PHE CG   C Y N 277 
PHE CD1  C Y N 278 
PHE CD2  C Y N 279 
PHE CE1  C Y N 280 
PHE CE2  C Y N 281 
PHE CZ   C Y N 282 
PHE OXT  O N N 283 
PHE H    H N N 284 
PHE H2   H N N 285 
PHE HA   H N N 286 
PHE HB2  H N N 287 
PHE HB3  H N N 288 
PHE HD1  H N N 289 
PHE HD2  H N N 290 
PHE HE1  H N N 291 
PHE HE2  H N N 292 
PHE HZ   H N N 293 
PHE HXT  H N N 294 
PRO N    N N N 295 
PRO CA   C N S 296 
PRO C    C N N 297 
PRO O    O N N 298 
PRO CB   C N N 299 
PRO CG   C N N 300 
PRO CD   C N N 301 
PRO OXT  O N N 302 
PRO H    H N N 303 
PRO HA   H N N 304 
PRO HB2  H N N 305 
PRO HB3  H N N 306 
PRO HG2  H N N 307 
PRO HG3  H N N 308 
PRO HD2  H N N 309 
PRO HD3  H N N 310 
PRO HXT  H N N 311 
SER N    N N N 312 
SER CA   C N S 313 
SER C    C N N 314 
SER O    O N N 315 
SER CB   C N N 316 
SER OG   O N N 317 
SER OXT  O N N 318 
SER H    H N N 319 
SER H2   H N N 320 
SER HA   H N N 321 
SER HB2  H N N 322 
SER HB3  H N N 323 
SER HG   H N N 324 
SER HXT  H N N 325 
THR N    N N N 326 
THR CA   C N S 327 
THR C    C N N 328 
THR O    O N N 329 
THR CB   C N R 330 
THR OG1  O N N 331 
THR CG2  C N N 332 
THR OXT  O N N 333 
THR H    H N N 334 
THR H2   H N N 335 
THR HA   H N N 336 
THR HB   H N N 337 
THR HG1  H N N 338 
THR HG21 H N N 339 
THR HG22 H N N 340 
THR HG23 H N N 341 
THR HXT  H N N 342 
TRP N    N N N 343 
TRP CA   C N S 344 
TRP C    C N N 345 
TRP O    O N N 346 
TRP CB   C N N 347 
TRP CG   C Y N 348 
TRP CD1  C Y N 349 
TRP CD2  C Y N 350 
TRP NE1  N Y N 351 
TRP CE2  C Y N 352 
TRP CE3  C Y N 353 
TRP CZ2  C Y N 354 
TRP CZ3  C Y N 355 
TRP CH2  C Y N 356 
TRP OXT  O N N 357 
TRP H    H N N 358 
TRP H2   H N N 359 
TRP HA   H N N 360 
TRP HB2  H N N 361 
TRP HB3  H N N 362 
TRP HD1  H N N 363 
TRP HE1  H N N 364 
TRP HE3  H N N 365 
TRP HZ2  H N N 366 
TRP HZ3  H N N 367 
TRP HH2  H N N 368 
TRP HXT  H N N 369 
TYR N    N N N 370 
TYR CA   C N S 371 
TYR C    C N N 372 
TYR O    O N N 373 
TYR CB   C N N 374 
TYR CG   C Y N 375 
TYR CD1  C Y N 376 
TYR CD2  C Y N 377 
TYR CE1  C Y N 378 
TYR CE2  C Y N 379 
TYR CZ   C Y N 380 
TYR OH   O N N 381 
TYR OXT  O N N 382 
TYR H    H N N 383 
TYR H2   H N N 384 
TYR HA   H N N 385 
TYR HB2  H N N 386 
TYR HB3  H N N 387 
TYR HD1  H N N 388 
TYR HD2  H N N 389 
TYR HE1  H N N 390 
TYR HE2  H N N 391 
TYR HH   H N N 392 
TYR HXT  H N N 393 
VAL N    N N N 394 
VAL CA   C N S 395 
VAL C    C N N 396 
VAL O    O N N 397 
VAL CB   C N N 398 
VAL CG1  C N N 399 
VAL CG2  C N N 400 
VAL OXT  O N N 401 
VAL H    H N N 402 
VAL H2   H N N 403 
VAL HA   H N N 404 
VAL HB   H N N 405 
VAL HG11 H N N 406 
VAL HG12 H N N 407 
VAL HG13 H N N 408 
VAL HG21 H N N 409 
VAL HG22 H N N 410 
VAL HG23 H N N 411 
VAL HXT  H N N 412 
# 
loop_
_chem_comp_bond.comp_id 
_chem_comp_bond.atom_id_1 
_chem_comp_bond.atom_id_2 
_chem_comp_bond.value_order 
_chem_comp_bond.pdbx_aromatic_flag 
_chem_comp_bond.pdbx_stereo_config 
_chem_comp_bond.pdbx_ordinal 
790 C1  C2   sing N N 1   
790 C1  C6   sing N N 2   
790 C1  H11  sing N N 3   
790 C1  H12  sing N N 4   
790 C2  C3   sing N N 5   
790 C2  H21A sing N N 6   
790 C2  H22  sing N N 7   
790 C3  C4   sing Y N 8   
790 C3  C13  doub Y N 9   
790 C4  N5   sing N N 10  
790 C4  C16  doub Y N 11  
790 N5  C6   sing N N 12  
790 N5  HN5  sing N N 13  
790 C6  H61  sing N N 14  
790 C6  H62  sing N N 15  
790 C13 C14  sing Y N 16  
790 C13 H13  sing N N 17  
790 C14 C15  doub Y N 18  
790 C14 H14  sing N N 19  
790 C15 C16  sing Y N 20  
790 C15 H15  sing N N 21  
790 C16 O17  sing N N 22  
790 O17 P18  sing N N 23  
790 P18 O19  sing N N 24  
790 P18 O20  doub N N 25  
790 P18 O21  sing N N 26  
790 O19 H19  sing N N 27  
790 O21 H21  sing N N 28  
ALA N   CA   sing N N 29  
ALA N   H    sing N N 30  
ALA N   H2   sing N N 31  
ALA CA  C    sing N N 32  
ALA CA  CB   sing N N 33  
ALA CA  HA   sing N N 34  
ALA C   O    doub N N 35  
ALA C   OXT  sing N N 36  
ALA CB  HB1  sing N N 37  
ALA CB  HB2  sing N N 38  
ALA CB  HB3  sing N N 39  
ALA OXT HXT  sing N N 40  
ARG N   CA   sing N N 41  
ARG N   H    sing N N 42  
ARG N   H2   sing N N 43  
ARG CA  C    sing N N 44  
ARG CA  CB   sing N N 45  
ARG CA  HA   sing N N 46  
ARG C   O    doub N N 47  
ARG C   OXT  sing N N 48  
ARG CB  CG   sing N N 49  
ARG CB  HB2  sing N N 50  
ARG CB  HB3  sing N N 51  
ARG CG  CD   sing N N 52  
ARG CG  HG2  sing N N 53  
ARG CG  HG3  sing N N 54  
ARG CD  NE   sing N N 55  
ARG CD  HD2  sing N N 56  
ARG CD  HD3  sing N N 57  
ARG NE  CZ   sing N N 58  
ARG NE  HE   sing N N 59  
ARG CZ  NH1  sing N N 60  
ARG CZ  NH2  doub N N 61  
ARG NH1 HH11 sing N N 62  
ARG NH1 HH12 sing N N 63  
ARG NH2 HH21 sing N N 64  
ARG NH2 HH22 sing N N 65  
ARG OXT HXT  sing N N 66  
ASN N   CA   sing N N 67  
ASN N   H    sing N N 68  
ASN N   H2   sing N N 69  
ASN CA  C    sing N N 70  
ASN CA  CB   sing N N 71  
ASN CA  HA   sing N N 72  
ASN C   O    doub N N 73  
ASN C   OXT  sing N N 74  
ASN CB  CG   sing N N 75  
ASN CB  HB2  sing N N 76  
ASN CB  HB3  sing N N 77  
ASN CG  OD1  doub N N 78  
ASN CG  ND2  sing N N 79  
ASN ND2 HD21 sing N N 80  
ASN ND2 HD22 sing N N 81  
ASN OXT HXT  sing N N 82  
ASP N   CA   sing N N 83  
ASP N   H    sing N N 84  
ASP N   H2   sing N N 85  
ASP CA  C    sing N N 86  
ASP CA  CB   sing N N 87  
ASP CA  HA   sing N N 88  
ASP C   O    doub N N 89  
ASP C   OXT  sing N N 90  
ASP CB  CG   sing N N 91  
ASP CB  HB2  sing N N 92  
ASP CB  HB3  sing N N 93  
ASP CG  OD1  doub N N 94  
ASP CG  OD2  sing N N 95  
ASP OD2 HD2  sing N N 96  
ASP OXT HXT  sing N N 97  
CSO N   CA   sing N N 98  
CSO N   H    sing N N 99  
CSO N   H2   sing N N 100 
CSO CA  CB   sing N N 101 
CSO CA  C    sing N N 102 
CSO CA  HA   sing N N 103 
CSO CB  SG   sing N N 104 
CSO CB  HB2  sing N N 105 
CSO CB  HB3  sing N N 106 
CSO SG  OD   sing N N 107 
CSO C   O    doub N N 108 
CSO C   OXT  sing N N 109 
CSO OXT HXT  sing N N 110 
CSO OD  HD   sing N N 111 
CYS N   CA   sing N N 112 
CYS N   H    sing N N 113 
CYS N   H2   sing N N 114 
CYS CA  C    sing N N 115 
CYS CA  CB   sing N N 116 
CYS CA  HA   sing N N 117 
CYS C   O    doub N N 118 
CYS C   OXT  sing N N 119 
CYS CB  SG   sing N N 120 
CYS CB  HB2  sing N N 121 
CYS CB  HB3  sing N N 122 
CYS SG  HG   sing N N 123 
CYS OXT HXT  sing N N 124 
GLN N   CA   sing N N 125 
GLN N   H    sing N N 126 
GLN N   H2   sing N N 127 
GLN CA  C    sing N N 128 
GLN CA  CB   sing N N 129 
GLN CA  HA   sing N N 130 
GLN C   O    doub N N 131 
GLN C   OXT  sing N N 132 
GLN CB  CG   sing N N 133 
GLN CB  HB2  sing N N 134 
GLN CB  HB3  sing N N 135 
GLN CG  CD   sing N N 136 
GLN CG  HG2  sing N N 137 
GLN CG  HG3  sing N N 138 
GLN CD  OE1  doub N N 139 
GLN CD  NE2  sing N N 140 
GLN NE2 HE21 sing N N 141 
GLN NE2 HE22 sing N N 142 
GLN OXT HXT  sing N N 143 
GLU N   CA   sing N N 144 
GLU N   H    sing N N 145 
GLU N   H2   sing N N 146 
GLU CA  C    sing N N 147 
GLU CA  CB   sing N N 148 
GLU CA  HA   sing N N 149 
GLU C   O    doub N N 150 
GLU C   OXT  sing N N 151 
GLU CB  CG   sing N N 152 
GLU CB  HB2  sing N N 153 
GLU CB  HB3  sing N N 154 
GLU CG  CD   sing N N 155 
GLU CG  HG2  sing N N 156 
GLU CG  HG3  sing N N 157 
GLU CD  OE1  doub N N 158 
GLU CD  OE2  sing N N 159 
GLU OE2 HE2  sing N N 160 
GLU OXT HXT  sing N N 161 
GLY N   CA   sing N N 162 
GLY N   H    sing N N 163 
GLY N   H2   sing N N 164 
GLY CA  C    sing N N 165 
GLY CA  HA2  sing N N 166 
GLY CA  HA3  sing N N 167 
GLY C   O    doub N N 168 
GLY C   OXT  sing N N 169 
GLY OXT HXT  sing N N 170 
HIS N   CA   sing N N 171 
HIS N   H    sing N N 172 
HIS N   H2   sing N N 173 
HIS CA  C    sing N N 174 
HIS CA  CB   sing N N 175 
HIS CA  HA   sing N N 176 
HIS C   O    doub N N 177 
HIS C   OXT  sing N N 178 
HIS CB  CG   sing N N 179 
HIS CB  HB2  sing N N 180 
HIS CB  HB3  sing N N 181 
HIS CG  ND1  sing Y N 182 
HIS CG  CD2  doub Y N 183 
HIS ND1 CE1  doub Y N 184 
HIS ND1 HD1  sing N N 185 
HIS CD2 NE2  sing Y N 186 
HIS CD2 HD2  sing N N 187 
HIS CE1 NE2  sing Y N 188 
HIS CE1 HE1  sing N N 189 
HIS NE2 HE2  sing N N 190 
HIS OXT HXT  sing N N 191 
HOH O   H1   sing N N 192 
HOH O   H2   sing N N 193 
ILE N   CA   sing N N 194 
ILE N   H    sing N N 195 
ILE N   H2   sing N N 196 
ILE CA  C    sing N N 197 
ILE CA  CB   sing N N 198 
ILE CA  HA   sing N N 199 
ILE C   O    doub N N 200 
ILE C   OXT  sing N N 201 
ILE CB  CG1  sing N N 202 
ILE CB  CG2  sing N N 203 
ILE CB  HB   sing N N 204 
ILE CG1 CD1  sing N N 205 
ILE CG1 HG12 sing N N 206 
ILE CG1 HG13 sing N N 207 
ILE CG2 HG21 sing N N 208 
ILE CG2 HG22 sing N N 209 
ILE CG2 HG23 sing N N 210 
ILE CD1 HD11 sing N N 211 
ILE CD1 HD12 sing N N 212 
ILE CD1 HD13 sing N N 213 
ILE OXT HXT  sing N N 214 
LEU N   CA   sing N N 215 
LEU N   H    sing N N 216 
LEU N   H2   sing N N 217 
LEU CA  C    sing N N 218 
LEU CA  CB   sing N N 219 
LEU CA  HA   sing N N 220 
LEU C   O    doub N N 221 
LEU C   OXT  sing N N 222 
LEU CB  CG   sing N N 223 
LEU CB  HB2  sing N N 224 
LEU CB  HB3  sing N N 225 
LEU CG  CD1  sing N N 226 
LEU CG  CD2  sing N N 227 
LEU CG  HG   sing N N 228 
LEU CD1 HD11 sing N N 229 
LEU CD1 HD12 sing N N 230 
LEU CD1 HD13 sing N N 231 
LEU CD2 HD21 sing N N 232 
LEU CD2 HD22 sing N N 233 
LEU CD2 HD23 sing N N 234 
LEU OXT HXT  sing N N 235 
LYS N   CA   sing N N 236 
LYS N   H    sing N N 237 
LYS N   H2   sing N N 238 
LYS CA  C    sing N N 239 
LYS CA  CB   sing N N 240 
LYS CA  HA   sing N N 241 
LYS C   O    doub N N 242 
LYS C   OXT  sing N N 243 
LYS CB  CG   sing N N 244 
LYS CB  HB2  sing N N 245 
LYS CB  HB3  sing N N 246 
LYS CG  CD   sing N N 247 
LYS CG  HG2  sing N N 248 
LYS CG  HG3  sing N N 249 
LYS CD  CE   sing N N 250 
LYS CD  HD2  sing N N 251 
LYS CD  HD3  sing N N 252 
LYS CE  NZ   sing N N 253 
LYS CE  HE2  sing N N 254 
LYS CE  HE3  sing N N 255 
LYS NZ  HZ1  sing N N 256 
LYS NZ  HZ2  sing N N 257 
LYS NZ  HZ3  sing N N 258 
LYS OXT HXT  sing N N 259 
PHE N   CA   sing N N 260 
PHE N   H    sing N N 261 
PHE N   H2   sing N N 262 
PHE CA  C    sing N N 263 
PHE CA  CB   sing N N 264 
PHE CA  HA   sing N N 265 
PHE C   O    doub N N 266 
PHE C   OXT  sing N N 267 
PHE CB  CG   sing N N 268 
PHE CB  HB2  sing N N 269 
PHE CB  HB3  sing N N 270 
PHE CG  CD1  doub Y N 271 
PHE CG  CD2  sing Y N 272 
PHE CD1 CE1  sing Y N 273 
PHE CD1 HD1  sing N N 274 
PHE CD2 CE2  doub Y N 275 
PHE CD2 HD2  sing N N 276 
PHE CE1 CZ   doub Y N 277 
PHE CE1 HE1  sing N N 278 
PHE CE2 CZ   sing Y N 279 
PHE CE2 HE2  sing N N 280 
PHE CZ  HZ   sing N N 281 
PHE OXT HXT  sing N N 282 
PRO N   CA   sing N N 283 
PRO N   CD   sing N N 284 
PRO N   H    sing N N 285 
PRO CA  C    sing N N 286 
PRO CA  CB   sing N N 287 
PRO CA  HA   sing N N 288 
PRO C   O    doub N N 289 
PRO C   OXT  sing N N 290 
PRO CB  CG   sing N N 291 
PRO CB  HB2  sing N N 292 
PRO CB  HB3  sing N N 293 
PRO CG  CD   sing N N 294 
PRO CG  HG2  sing N N 295 
PRO CG  HG3  sing N N 296 
PRO CD  HD2  sing N N 297 
PRO CD  HD3  sing N N 298 
PRO OXT HXT  sing N N 299 
SER N   CA   sing N N 300 
SER N   H    sing N N 301 
SER N   H2   sing N N 302 
SER CA  C    sing N N 303 
SER CA  CB   sing N N 304 
SER CA  HA   sing N N 305 
SER C   O    doub N N 306 
SER C   OXT  sing N N 307 
SER CB  OG   sing N N 308 
SER CB  HB2  sing N N 309 
SER CB  HB3  sing N N 310 
SER OG  HG   sing N N 311 
SER OXT HXT  sing N N 312 
THR N   CA   sing N N 313 
THR N   H    sing N N 314 
THR N   H2   sing N N 315 
THR CA  C    sing N N 316 
THR CA  CB   sing N N 317 
THR CA  HA   sing N N 318 
THR C   O    doub N N 319 
THR C   OXT  sing N N 320 
THR CB  OG1  sing N N 321 
THR CB  CG2  sing N N 322 
THR CB  HB   sing N N 323 
THR OG1 HG1  sing N N 324 
THR CG2 HG21 sing N N 325 
THR CG2 HG22 sing N N 326 
THR CG2 HG23 sing N N 327 
THR OXT HXT  sing N N 328 
TRP N   CA   sing N N 329 
TRP N   H    sing N N 330 
TRP N   H2   sing N N 331 
TRP CA  C    sing N N 332 
TRP CA  CB   sing N N 333 
TRP CA  HA   sing N N 334 
TRP C   O    doub N N 335 
TRP C   OXT  sing N N 336 
TRP CB  CG   sing N N 337 
TRP CB  HB2  sing N N 338 
TRP CB  HB3  sing N N 339 
TRP CG  CD1  doub Y N 340 
TRP CG  CD2  sing Y N 341 
TRP CD1 NE1  sing Y N 342 
TRP CD1 HD1  sing N N 343 
TRP CD2 CE2  doub Y N 344 
TRP CD2 CE3  sing Y N 345 
TRP NE1 CE2  sing Y N 346 
TRP NE1 HE1  sing N N 347 
TRP CE2 CZ2  sing Y N 348 
TRP CE3 CZ3  doub Y N 349 
TRP CE3 HE3  sing N N 350 
TRP CZ2 CH2  doub Y N 351 
TRP CZ2 HZ2  sing N N 352 
TRP CZ3 CH2  sing Y N 353 
TRP CZ3 HZ3  sing N N 354 
TRP CH2 HH2  sing N N 355 
TRP OXT HXT  sing N N 356 
TYR N   CA   sing N N 357 
TYR N   H    sing N N 358 
TYR N   H2   sing N N 359 
TYR CA  C    sing N N 360 
TYR CA  CB   sing N N 361 
TYR CA  HA   sing N N 362 
TYR C   O    doub N N 363 
TYR C   OXT  sing N N 364 
TYR CB  CG   sing N N 365 
TYR CB  HB2  sing N N 366 
TYR CB  HB3  sing N N 367 
TYR CG  CD1  doub Y N 368 
TYR CG  CD2  sing Y N 369 
TYR CD1 CE1  sing Y N 370 
TYR CD1 HD1  sing N N 371 
TYR CD2 CE2  doub Y N 372 
TYR CD2 HD2  sing N N 373 
TYR CE1 CZ   doub Y N 374 
TYR CE1 HE1  sing N N 375 
TYR CE2 CZ   sing Y N 376 
TYR CE2 HE2  sing N N 377 
TYR CZ  OH   sing N N 378 
TYR OH  HH   sing N N 379 
TYR OXT HXT  sing N N 380 
VAL N   CA   sing N N 381 
VAL N   H    sing N N 382 
VAL N   H2   sing N N 383 
VAL CA  C    sing N N 384 
VAL CA  CB   sing N N 385 
VAL CA  HA   sing N N 386 
VAL C   O    doub N N 387 
VAL C   OXT  sing N N 388 
VAL CB  CG1  sing N N 389 
VAL CB  CG2  sing N N 390 
VAL CB  HB   sing N N 391 
VAL CG1 HG11 sing N N 392 
VAL CG1 HG12 sing N N 393 
VAL CG1 HG13 sing N N 394 
VAL CG2 HG21 sing N N 395 
VAL CG2 HG22 sing N N 396 
VAL CG2 HG23 sing N N 397 
VAL OXT HXT  sing N N 398 
# 
_pdbx_initial_refinement_model.id               1 
_pdbx_initial_refinement_model.entity_id_list   ? 
_pdbx_initial_refinement_model.type             'experimental model' 
_pdbx_initial_refinement_model.source_name      PDB 
_pdbx_initial_refinement_model.accession_code   1SHD 
_pdbx_initial_refinement_model.details          ? 
# 
_atom_sites.entry_id                    1O4F 
_atom_sites.fract_transf_matrix[1][1]   -0.02592286 
_atom_sites.fract_transf_matrix[1][2]   0.01901223 
_atom_sites.fract_transf_matrix[1][3]   0.01921049 
_atom_sites.fract_transf_matrix[2][1]   -0.01206160 
_atom_sites.fract_transf_matrix[2][2]   -0.00706972 
_atom_sites.fract_transf_matrix[2][3]   -0.00927930 
_atom_sites.fract_transf_matrix[3][1]   -0.00099901 
_atom_sites.fract_transf_matrix[3][2]   -0.01161829 
_atom_sites.fract_transf_matrix[3][3]   0.01015031 
_atom_sites.fract_transf_vector[1]      0.396926 
_atom_sites.fract_transf_vector[2]      0.323145 
_atom_sites.fract_transf_vector[3]      0.313193 
# 
loop_
_atom_type.symbol 
C 
N 
O 
P 
S 
# 
loop_
_atom_site.group_PDB 
_atom_site.id 
_atom_site.type_symbol 
_atom_site.label_atom_id 
_atom_site.label_alt_id 
_atom_site.label_comp_id 
_atom_site.label_asym_id 
_atom_site.label_entity_id 
_atom_site.label_seq_id 
_atom_site.pdbx_PDB_ins_code 
_atom_site.Cartn_x 
_atom_site.Cartn_y 
_atom_site.Cartn_z 
_atom_site.occupancy 
_atom_site.B_iso_or_equiv 
_atom_site.pdbx_formal_charge 
_atom_site.auth_seq_id 
_atom_site.auth_comp_id 
_atom_site.auth_asym_id 
_atom_site.auth_atom_id 
_atom_site.pdbx_PDB_model_num 
ATOM   1   N N   . SER A 1 1   ? 10.020  9.086   -11.021 1.00 56.91 ? 1   SER A N   1 
ATOM   2   C CA  . SER A 1 1   ? 8.765   8.481   -11.551 1.00 56.20 ? 1   SER A CA  1 
ATOM   3   C C   . SER A 1 1   ? 8.292   7.239   -10.800 1.00 53.46 ? 1   SER A C   1 
ATOM   4   O O   . SER A 1 1   ? 8.923   6.176   -10.811 1.00 53.18 ? 1   SER A O   1 
ATOM   5   C CB  . SER A 1 1   ? 8.871   8.189   -13.059 1.00 59.91 ? 1   SER A CB  1 
ATOM   6   O OG  . SER A 1 1   ? 10.119  7.610   -13.398 1.00 64.69 ? 1   SER A OG  1 
ATOM   7   N N   . ILE A 1 2   ? 7.136   7.395   -10.179 1.00 49.86 ? 2   ILE A N   1 
ATOM   8   C CA  . ILE A 1 2   ? 6.501   6.345   -9.418  1.00 46.90 ? 2   ILE A CA  1 
ATOM   9   C C   . ILE A 1 2   ? 6.342   5.092   -10.290 1.00 42.59 ? 2   ILE A C   1 
ATOM   10  O O   . ILE A 1 2   ? 6.411   3.977   -9.808  1.00 42.37 ? 2   ILE A O   1 
ATOM   11  C CB  . ILE A 1 2   ? 5.153   6.867   -8.860  1.00 47.66 ? 2   ILE A CB  1 
ATOM   12  C CG1 . ILE A 1 2   ? 4.197   5.730   -8.590  1.00 50.52 ? 2   ILE A CG1 1 
ATOM   13  C CG2 . ILE A 1 2   ? 4.516   7.849   -9.823  1.00 51.43 ? 2   ILE A CG2 1 
ATOM   14  C CD1 . ILE A 1 2   ? 2.796   6.206   -8.379  1.00 59.36 ? 2   ILE A CD1 1 
ATOM   15  N N   . GLN A 1 3   ? 6.249   5.270   -11.591 1.00 40.22 ? 3   GLN A N   1 
ATOM   16  C CA  . GLN A 1 3   ? 6.097   4.122   -12.464 1.00 40.30 ? 3   GLN A CA  1 
ATOM   17  C C   . GLN A 1 3   ? 7.340   3.257   -12.606 1.00 37.46 ? 3   GLN A C   1 
ATOM   18  O O   . GLN A 1 3   ? 7.281   2.162   -13.164 1.00 38.84 ? 3   GLN A O   1 
ATOM   19  C CB  . GLN A 1 3   ? 5.617   4.554   -13.845 1.00 48.27 ? 3   GLN A CB  1 
ATOM   20  C CG  . GLN A 1 3   ? 4.239   5.178   -13.830 1.00 65.52 ? 3   GLN A CG  1 
ATOM   21  C CD  . GLN A 1 3   ? 3.649   5.287   -15.211 1.00 79.11 ? 3   GLN A CD  1 
ATOM   22  O OE1 . GLN A 1 3   ? 2.486   4.933   -15.429 1.00 84.24 ? 3   GLN A OE1 1 
ATOM   23  N NE2 . GLN A 1 3   ? 4.451   5.767   -16.165 1.00 86.51 ? 3   GLN A NE2 1 
ATOM   24  N N   . ALA A 1 4   ? 8.479   3.752   -12.159 1.00 33.01 ? 4   ALA A N   1 
ATOM   25  C CA  . ALA A 1 4   ? 9.690   2.965   -12.258 1.00 30.11 ? 4   ALA A CA  1 
ATOM   26  C C   . ALA A 1 4   ? 9.900   2.123   -10.994 1.00 27.82 ? 4   ALA A C   1 
ATOM   27  O O   . ALA A 1 4   ? 10.742  1.236   -10.970 1.00 28.17 ? 4   ALA A O   1 
ATOM   28  C CB  . ALA A 1 4   ? 10.872  3.871   -12.503 1.00 30.73 ? 4   ALA A CB  1 
ATOM   29  N N   . GLU A 1 5   ? 9.127   2.389   -9.946  1.00 25.71 ? 5   GLU A N   1 
ATOM   30  C CA  . GLU A 1 5   ? 9.243   1.642   -8.696  1.00 23.72 ? 5   GLU A CA  1 
ATOM   31  C C   . GLU A 1 5   ? 8.683   0.235   -8.856  1.00 21.75 ? 5   GLU A C   1 
ATOM   32  O O   . GLU A 1 5   ? 7.588   0.057   -9.375  1.00 19.71 ? 5   GLU A O   1 
ATOM   33  C CB  . GLU A 1 5   ? 8.494   2.367   -7.579  1.00 24.89 ? 5   GLU A CB  1 
ATOM   34  C CG  . GLU A 1 5   ? 8.910   3.837   -7.390  1.00 29.14 ? 5   GLU A CG  1 
ATOM   35  C CD  . GLU A 1 5   ? 10.387  3.992   -7.102  1.00 32.68 ? 5   GLU A CD  1 
ATOM   36  O OE1 . GLU A 1 5   ? 11.036  4.851   -7.726  1.00 46.00 ? 5   GLU A OE1 1 
ATOM   37  O OE2 . GLU A 1 5   ? 10.913  3.248   -6.257  1.00 36.87 ? 5   GLU A OE2 1 
ATOM   38  N N   . GLU A 1 6   ? 9.435   -0.764  -8.406  1.00 20.12 ? 6   GLU A N   1 
ATOM   39  C CA  . GLU A 1 6   ? 8.993   -2.158  -8.505  1.00 19.11 ? 6   GLU A CA  1 
ATOM   40  C C   . GLU A 1 6   ? 7.741   -2.456  -7.670  1.00 17.10 ? 6   GLU A C   1 
ATOM   41  O O   . GLU A 1 6   ? 7.092   -3.464  -7.898  1.00 17.41 ? 6   GLU A O   1 
ATOM   42  C CB  . GLU A 1 6   ? 10.114  -3.138  -8.135  1.00 17.22 ? 6   GLU A CB  1 
ATOM   43  C CG  . GLU A 1 6   ? 10.429  -3.236  -6.658  1.00 15.27 ? 6   GLU A CG  1 
ATOM   44  C CD  . GLU A 1 6   ? 11.344  -2.115  -6.115  1.00 23.33 ? 6   GLU A CD  1 
ATOM   45  O OE1 . GLU A 1 6   ? 11.640  -2.157  -4.905  1.00 24.08 ? 6   GLU A OE1 1 
ATOM   46  O OE2 . GLU A 1 6   ? 11.780  -1.206  -6.865  1.00 16.06 ? 6   GLU A OE2 1 
ATOM   47  N N   . TRP A 1 7   ? 7.433   -1.636  -6.666  1.00 15.15 ? 7   TRP A N   1 
ATOM   48  C CA  . TRP A 1 7   ? 6.221   -1.879  -5.900  1.00 15.12 ? 7   TRP A CA  1 
ATOM   49  C C   . TRP A 1 7   ? 4.978   -1.226  -6.508  1.00 17.01 ? 7   TRP A C   1 
ATOM   50  O O   . TRP A 1 7   ? 3.883   -1.364  -5.990  1.00 18.84 ? 7   TRP A O   1 
ATOM   51  C CB  . TRP A 1 7   ? 6.387   -1.474  -4.446  1.00 12.98 ? 7   TRP A CB  1 
ATOM   52  C CG  . TRP A 1 7   ? 7.190   -0.253  -4.240  1.00 10.77 ? 7   TRP A CG  1 
ATOM   53  C CD1 . TRP A 1 7   ? 8.488   -0.188  -3.800  1.00 13.18 ? 7   TRP A CD1 1 
ATOM   54  C CD2 . TRP A 1 7   ? 6.756   1.098   -4.396  1.00 12.13 ? 7   TRP A CD2 1 
ATOM   55  N NE1 . TRP A 1 7   ? 8.880   1.128   -3.668  1.00 13.78 ? 7   TRP A NE1 1 
ATOM   56  C CE2 . TRP A 1 7   ? 7.835   1.940   -4.035  1.00 13.64 ? 7   TRP A CE2 1 
ATOM   57  C CE3 . TRP A 1 7   ? 5.555   1.694   -4.812  1.00 13.49 ? 7   TRP A CE3 1 
ATOM   58  C CZ2 . TRP A 1 7   ? 7.755   3.331   -4.076  1.00 17.23 ? 7   TRP A CZ2 1 
ATOM   59  C CZ3 . TRP A 1 7   ? 5.469   3.076   -4.853  1.00 15.46 ? 7   TRP A CZ3 1 
ATOM   60  C CH2 . TRP A 1 7   ? 6.559   3.879   -4.493  1.00 18.82 ? 7   TRP A CH2 1 
ATOM   61  N N   . TYR A 1 8   ? 5.140   -0.515  -7.614  1.00 17.38 ? 8   TYR A N   1 
ATOM   62  C CA  . TYR A 1 8   ? 4.003   0.129   -8.276  1.00 19.11 ? 8   TYR A CA  1 
ATOM   63  C C   . TYR A 1 8   ? 3.461   -0.845  -9.313  1.00 19.77 ? 8   TYR A C   1 
ATOM   64  O O   . TYR A 1 8   ? 4.160   -1.171  -10.282 1.00 19.56 ? 8   TYR A O   1 
ATOM   65  C CB  . TYR A 1 8   ? 4.406   1.444   -8.974  1.00 18.18 ? 8   TYR A CB  1 
ATOM   66  C CG  . TYR A 1 8   ? 3.214   2.198   -9.565  1.00 22.62 ? 8   TYR A CG  1 
ATOM   67  C CD1 . TYR A 1 8   ? 2.202   2.668   -8.734  1.00 27.53 ? 8   TYR A CD1 1 
ATOM   68  C CD2 . TYR A 1 8   ? 3.090   2.421   -10.942 1.00 18.19 ? 8   TYR A CD2 1 
ATOM   69  C CE1 . TYR A 1 8   ? 1.099   3.331   -9.240  1.00 25.07 ? 8   TYR A CE1 1 
ATOM   70  C CE2 . TYR A 1 8   ? 1.990   3.097   -11.454 1.00 19.18 ? 8   TYR A CE2 1 
ATOM   71  C CZ  . TYR A 1 8   ? 0.999   3.543   -10.583 1.00 21.61 ? 8   TYR A CZ  1 
ATOM   72  O OH  . TYR A 1 8   ? -0.126  4.200   -11.001 1.00 30.11 ? 8   TYR A OH  1 
ATOM   73  N N   . PHE A 1 9   ? 2.237   -1.331  -9.093  1.00 18.59 ? 9   PHE A N   1 
ATOM   74  C CA  . PHE A 1 9   ? 1.595   -2.274  -10.012 1.00 18.38 ? 9   PHE A CA  1 
ATOM   75  C C   . PHE A 1 9   ? 0.617   -1.600  -11.006 1.00 19.36 ? 9   PHE A C   1 
ATOM   76  O O   . PHE A 1 9   ? -0.111  -2.263  -11.732 1.00 20.27 ? 9   PHE A O   1 
ATOM   77  C CB  . PHE A 1 9   ? 0.931   -3.429  -9.226  1.00 15.94 ? 9   PHE A CB  1 
ATOM   78  C CG  . PHE A 1 9   ? 1.920   -4.485  -8.730  1.00 17.86 ? 9   PHE A CG  1 
ATOM   79  C CD1 . PHE A 1 9   ? 3.050   -4.125  -8.006  1.00 22.01 ? 9   PHE A CD1 1 
ATOM   80  C CD2 . PHE A 1 9   ? 1.726   -5.834  -9.011  1.00 23.11 ? 9   PHE A CD2 1 
ATOM   81  C CE1 . PHE A 1 9   ? 3.974   -5.092  -7.568  1.00 21.88 ? 9   PHE A CE1 1 
ATOM   82  C CE2 . PHE A 1 9   ? 2.645   -6.803  -8.578  1.00 26.17 ? 9   PHE A CE2 1 
ATOM   83  C CZ  . PHE A 1 9   ? 3.769   -6.428  -7.854  1.00 21.90 ? 9   PHE A CZ  1 
ATOM   84  N N   . GLY A 1 10  ? 0.602   -0.273  -11.027 1.00 19.36 ? 10  GLY A N   1 
ATOM   85  C CA  . GLY A 1 10  ? -0.246  0.438   -11.961 1.00 20.19 ? 10  GLY A CA  1 
ATOM   86  C C   . GLY A 1 10  ? -1.729  0.144   -11.882 1.00 22.37 ? 10  GLY A C   1 
ATOM   87  O O   . GLY A 1 10  ? -2.326  0.047   -10.816 1.00 21.36 ? 10  GLY A O   1 
ATOM   88  N N   . LYS A 1 11  ? -2.325  -0.044  -13.040 1.00 24.15 ? 11  LYS A N   1 
ATOM   89  C CA  . LYS A 1 11  ? -3.754  -0.269  -13.111 1.00 25.92 ? 11  LYS A CA  1 
ATOM   90  C C   . LYS A 1 11  ? -4.235  -1.714  -12.921 1.00 24.74 ? 11  LYS A C   1 
ATOM   91  O O   . LYS A 1 11  ? -4.547  -2.373  -13.895 1.00 28.22 ? 11  LYS A O   1 
ATOM   92  C CB  . LYS A 1 11  ? -4.266  0.298   -14.435 1.00 27.32 ? 11  LYS A CB  1 
ATOM   93  C CG  . LYS A 1 11  ? -5.767  0.302   -14.576 1.00 41.09 ? 11  LYS A CG  1 
ATOM   94  C CD  . LYS A 1 11  ? -6.160  0.417   -16.037 1.00 43.05 ? 11  LYS A CD  1 
ATOM   95  C CE  . LYS A 1 11  ? -7.648  0.242   -16.226 1.00 44.30 ? 11  LYS A CE  1 
ATOM   96  N NZ  . LYS A 1 11  ? -8.011  0.384   -17.667 1.00 45.36 ? 11  LYS A NZ  1 
ATOM   97  N N   . ILE A 1 12  ? -4.162  -2.256  -11.709 1.00 22.86 ? 12  ILE A N   1 
ATOM   98  C CA  . ILE A 1 12  ? -4.693  -3.594  -11.476 1.00 18.92 ? 12  ILE A CA  1 
ATOM   99  C C   . ILE A 1 12  ? -5.892  -3.392  -10.551 1.00 18.30 ? 12  ILE A C   1 
ATOM   100 O O   . ILE A 1 12  ? -5.983  -2.373  -9.865  1.00 17.86 ? 12  ILE A O   1 
ATOM   101 C CB  . ILE A 1 12  ? -3.698  -4.591  -10.825 1.00 18.37 ? 12  ILE A CB  1 
ATOM   102 C CG1 . ILE A 1 12  ? -3.208  -4.086  -9.480  1.00 18.05 ? 12  ILE A CG1 1 
ATOM   103 C CG2 . ILE A 1 12  ? -2.537  -4.908  -11.767 1.00 18.14 ? 12  ILE A CG2 1 
ATOM   104 C CD1 . ILE A 1 12  ? -2.444  -5.166  -8.731  1.00 24.41 ? 12  ILE A CD1 1 
ATOM   105 N N   . THR A 1 13  ? -6.844  -4.316  -10.572 1.00 16.48 ? 13  THR A N   1 
ATOM   106 C CA  . THR A 1 13  ? -8.025  -4.205  -9.734  1.00 13.67 ? 13  THR A CA  1 
ATOM   107 C C   . THR A 1 13  ? -7.745  -4.643  -8.310  1.00 14.70 ? 13  THR A C   1 
ATOM   108 O O   . THR A 1 13  ? -6.743  -5.298  -8.019  1.00 15.19 ? 13  THR A O   1 
ATOM   109 C CB  . THR A 1 13  ? -9.173  -5.109  -10.242 1.00 14.00 ? 13  THR A CB  1 
ATOM   110 O OG1 . THR A 1 13  ? -8.746  -6.473  -10.251 1.00 12.99 ? 13  THR A OG1 1 
ATOM   111 C CG2 . THR A 1 13  ? -9.581  -4.701  -11.661 1.00 21.05 ? 13  THR A CG2 1 
ATOM   112 N N   . ARG A 1 14  ? -8.688  -4.345  -7.431  1.00 13.21 ? 14  ARG A N   1 
ATOM   113 C CA  . ARG A 1 14  ? -8.611  -4.736  -6.045  1.00 14.23 ? 14  ARG A CA  1 
ATOM   114 C C   . ARG A 1 14  ? -8.589  -6.264  -5.956  1.00 16.11 ? 14  ARG A C   1 
ATOM   115 O O   . ARG A 1 14  ? -7.834  -6.840  -5.176  1.00 15.65 ? 14  ARG A O   1 
ATOM   116 C CB  . ARG A 1 14  ? -9.852  -4.237  -5.357  1.00 13.38 ? 14  ARG A CB  1 
ATOM   117 C CG  . ARG A 1 14  ? -9.976  -4.571  -3.913  1.00 15.62 ? 14  ARG A CG  1 
ATOM   118 C CD  . ARG A 1 14  ? -11.411 -4.369  -3.579  1.00 23.44 ? 14  ARG A CD  1 
ATOM   119 N NE  . ARG A 1 14  ? -11.653 -4.307  -2.158  1.00 31.25 ? 14  ARG A NE  1 
ATOM   120 C CZ  . ARG A 1 14  ? -11.499 -3.210  -1.421  1.00 38.97 ? 14  ARG A CZ  1 
ATOM   121 N NH1 . ARG A 1 14  ? -11.758 -3.254  -0.126  1.00 46.36 ? 14  ARG A NH1 1 
ATOM   122 N NH2 . ARG A 1 14  ? -11.083 -2.077  -1.953  1.00 31.95 ? 14  ARG A NH2 1 
ATOM   123 N N   . ARG A 1 15  ? -9.465  -6.919  -6.718  1.00 17.36 ? 15  ARG A N   1 
ATOM   124 C CA  . ARG A 1 15  ? -9.544  -8.377  -6.697  1.00 14.92 ? 15  ARG A CA  1 
ATOM   125 C C   . ARG A 1 15  ? -8.220  -9.017  -7.118  1.00 13.13 ? 15  ARG A C   1 
ATOM   126 O O   . ARG A 1 15  ? -7.791  -10.017 -6.551  1.00 14.38 ? 15  ARG A O   1 
ATOM   127 C CB  . ARG A 1 15  ? -10.700 -8.864  -7.585  1.00 16.12 ? 15  ARG A CB  1 
ATOM   128 C CG  . ARG A 1 15  ? -10.774 -10.371 -7.675  1.00 18.33 ? 15  ARG A CG  1 
ATOM   129 C CD  . ARG A 1 15  ? -11.956 -10.845 -8.439  1.00 20.87 ? 15  ARG A CD  1 
ATOM   130 N NE  . ARG A 1 15  ? -11.991 -12.306 -8.464  1.00 30.70 ? 15  ARG A NE  1 
ATOM   131 C CZ  . ARG A 1 15  ? -12.490 -13.065 -7.486  1.00 36.10 ? 15  ARG A CZ  1 
ATOM   132 N NH1 . ARG A 1 15  ? -13.012 -12.504 -6.397  1.00 34.18 ? 15  ARG A NH1 1 
ATOM   133 N NH2 . ARG A 1 15  ? -12.449 -14.391 -7.589  1.00 39.40 ? 15  ARG A NH2 1 
ATOM   134 N N   . GLU A 1 16  ? -7.578  -8.445  -8.127  1.00 13.52 ? 16  GLU A N   1 
ATOM   135 C CA  . GLU A 1 16  ? -6.282  -8.952  -8.597  1.00 15.10 ? 16  GLU A CA  1 
ATOM   136 C C   . GLU A 1 16  ? -5.213  -8.701  -7.548  1.00 15.72 ? 16  GLU A C   1 
ATOM   137 O O   . GLU A 1 16  ? -4.370  -9.564  -7.313  1.00 14.95 ? 16  GLU A O   1 
ATOM   138 C CB  . GLU A 1 16  ? -5.874  -8.305  -9.911  1.00 16.89 ? 16  GLU A CB  1 
ATOM   139 C CG  . GLU A 1 16  ? -4.452  -8.574  -10.324 1.00 19.54 ? 16  GLU A CG  1 
ATOM   140 C CD  . GLU A 1 16  ? -4.201  -9.982  -10.818 1.00 28.54 ? 16  GLU A CD  1 
ATOM   141 O OE1 . GLU A 1 16  ? -3.064  -10.222 -11.276 1.00 34.11 ? 16  GLU A OE1 1 
ATOM   142 O OE2 . GLU A 1 16  ? -5.109  -10.843 -10.762 1.00 28.25 ? 16  GLU A OE2 1 
ATOM   143 N N   . SER A 1 17  ? -5.274  -7.552  -6.887  1.00 14.68 ? 17  SER A N   1 
ATOM   144 C CA  . SER A 1 17  ? -4.300  -7.284  -5.839  1.00 14.75 ? 17  SER A CA  1 
ATOM   145 C C   . SER A 1 17  ? -4.517  -8.291  -4.707  1.00 13.79 ? 17  SER A C   1 
ATOM   146 O O   . SER A 1 17  ? -3.548  -8.750  -4.104  1.00 14.12 ? 17  SER A O   1 
ATOM   147 C CB  . SER A 1 17  ? -4.405  -5.849  -5.323  1.00 14.23 ? 17  SER A CB  1 
ATOM   148 O OG  . SER A 1 17  ? -5.551  -5.673  -4.505  1.00 16.60 ? 17  SER A OG  1 
ATOM   149 N N   . GLU A 1 18  ? -5.762  -8.682  -4.427  1.00 11.46 ? 18  GLU A N   1 
ATOM   150 C CA  . GLU A 1 18  ? -5.970  -9.683  -3.369  1.00 14.49 ? 18  GLU A CA  1 
ATOM   151 C C   . GLU A 1 18  ? -5.463  -11.072 -3.757  1.00 15.16 ? 18  GLU A C   1 
ATOM   152 O O   . GLU A 1 18  ? -4.890  -11.776 -2.943  1.00 17.26 ? 18  GLU A O   1 
ATOM   153 C CB  . GLU A 1 18  ? -7.429  -9.726  -2.938  1.00 14.00 ? 18  GLU A CB  1 
ATOM   154 C CG  . GLU A 1 18  ? -7.792  -8.417  -2.281  1.00 17.76 ? 18  GLU A CG  1 
ATOM   155 C CD  . GLU A 1 18  ? -9.273  -8.218  -2.052  1.00 26.54 ? 18  GLU A CD  1 
ATOM   156 O OE1 . GLU A 1 18  ? -9.629  -7.378  -1.206  1.00 27.67 ? 18  GLU A OE1 1 
ATOM   157 O OE2 . GLU A 1 18  ? -10.092 -8.870  -2.727  1.00 32.88 ? 18  GLU A OE2 1 
ATOM   158 N N   . ARG A 1 19  ? -5.645  -11.441 -5.017  1.00 15.68 ? 19  ARG A N   1 
ATOM   159 C CA  . ARG A 1 19  ? -5.177  -12.720 -5.540  1.00 17.64 ? 19  ARG A CA  1 
ATOM   160 C C   . ARG A 1 19  ? -3.643  -12.834 -5.371  1.00 17.24 ? 19  ARG A C   1 
ATOM   161 O O   . ARG A 1 19  ? -3.127  -13.879 -4.996  1.00 19.37 ? 19  ARG A O   1 
ATOM   162 C CB  . ARG A 1 19  ? -5.547  -12.860 -7.033  1.00 17.82 ? 19  ARG A CB  1 
ATOM   163 C CG  . ARG A 1 19  ? -5.290  -14.279 -7.565  1.00 25.83 ? 19  ARG A CG  1 
ATOM   164 C CD  . ARG A 1 19  ? -5.430  -14.428 -9.075  1.00 23.52 ? 19  ARG A CD  1 
ATOM   165 N NE  . ARG A 1 19  ? -4.468  -13.606 -9.799  1.00 29.72 ? 19  ARG A NE  1 
ATOM   166 C CZ  . ARG A 1 19  ? -3.213  -13.953 -10.066 1.00 33.84 ? 19  ARG A CZ  1 
ATOM   167 N NH1 . ARG A 1 19  ? -2.730  -15.127 -9.666  1.00 34.94 ? 19  ARG A NH1 1 
ATOM   168 N NH2 . ARG A 1 19  ? -2.440  -13.129 -10.769 1.00 33.75 ? 19  ARG A NH2 1 
ATOM   169 N N   . LEU A 1 20  ? -2.920  -11.777 -5.708  1.00 16.37 ? 20  LEU A N   1 
ATOM   170 C CA  . LEU A 1 20  ? -1.479  -11.776 -5.565  1.00 16.22 ? 20  LEU A CA  1 
ATOM   171 C C   . LEU A 1 20  ? -1.055  -11.837 -4.092  1.00 16.40 ? 20  LEU A C   1 
ATOM   172 O O   . LEU A 1 20  ? -0.174  -12.607 -3.722  1.00 18.68 ? 20  LEU A O   1 
ATOM   173 C CB  . LEU A 1 20  ? -0.878  -10.514 -6.197  1.00 18.66 ? 20  LEU A CB  1 
ATOM   174 C CG  . LEU A 1 20  ? -0.941  -10.335 -7.724  1.00 21.14 ? 20  LEU A CG  1 
ATOM   175 C CD1 . LEU A 1 20  ? -0.570  -8.930  -8.125  1.00 18.94 ? 20  LEU A CD1 1 
ATOM   176 C CD2 . LEU A 1 20  ? -0.034  -11.309 -8.379  1.00 26.56 ? 20  LEU A CD2 1 
ATOM   177 N N   . LEU A 1 21  ? -1.729  -11.092 -3.230  1.00 16.36 ? 21  LEU A N   1 
ATOM   178 C CA  . LEU A 1 21  ? -1.326  -11.048 -1.825  1.00 17.22 ? 21  LEU A CA  1 
ATOM   179 C C   . LEU A 1 21  ? -1.725  -12.202 -0.910  1.00 18.90 ? 21  LEU A C   1 
ATOM   180 O O   . LEU A 1 21  ? -1.063  -12.449 0.097   1.00 18.10 ? 21  LEU A O   1 
ATOM   181 C CB  . LEU A 1 21  ? -1.730  -9.702  -1.202  1.00 17.24 ? 21  LEU A CB  1 
ATOM   182 C CG  . LEU A 1 21  ? -1.038  -8.444  -1.762  1.00 13.34 ? 21  LEU A CG  1 
ATOM   183 C CD1 . LEU A 1 21  ? -1.830  -7.188  -1.418  1.00 14.91 ? 21  LEU A CD1 1 
ATOM   184 C CD2 . LEU A 1 21  ? 0.387   -8.330  -1.254  1.00 10.90 ? 21  LEU A CD2 1 
ATOM   185 N N   . LEU A 1 22  ? -2.801  -12.904 -1.257  1.00 19.57 ? 22  LEU A N   1 
ATOM   186 C CA  . LEU A 1 22  ? -3.296  -14.003 -0.451  1.00 18.47 ? 22  LEU A CA  1 
ATOM   187 C C   . LEU A 1 22  ? -2.550  -15.263 -0.743  1.00 19.49 ? 22  LEU A C   1 
ATOM   188 O O   . LEU A 1 22  ? -3.127  -16.275 -1.051  1.00 27.13 ? 22  LEU A O   1 
ATOM   189 C CB  . LEU A 1 22  ? -4.781  -14.219 -0.703  1.00 17.22 ? 22  LEU A CB  1 
ATOM   190 C CG  . LEU A 1 22  ? -5.733  -13.187 -0.085  1.00 23.75 ? 22  LEU A CG  1 
ATOM   191 C CD1 . LEU A 1 22  ? -7.170  -13.477 -0.517  1.00 28.83 ? 22  LEU A CD1 1 
ATOM   192 C CD2 . LEU A 1 22  ? -5.618  -13.173 1.443   1.00 25.94 ? 22  LEU A CD2 1 
ATOM   193 N N   . ASN A 1 23  ? -1.248  -15.195 -0.711  1.00 19.95 ? 23  ASN A N   1 
ATOM   194 C CA  . ASN A 1 23  ? -0.448  -16.364 -0.969  1.00 20.82 ? 23  ASN A CA  1 
ATOM   195 C C   . ASN A 1 23  ? 0.160   -16.745 0.408   1.00 21.50 ? 23  ASN A C   1 
ATOM   196 O O   . ASN A 1 23  ? 0.673   -15.887 1.112   1.00 20.83 ? 23  ASN A O   1 
ATOM   197 C CB  . ASN A 1 23  ? 0.609   -15.967 -1.993  1.00 23.34 ? 23  ASN A CB  1 
ATOM   198 C CG  . ASN A 1 23  ? 1.521   -17.096 -2.357  1.00 32.33 ? 23  ASN A CG  1 
ATOM   199 O OD1 . ASN A 1 23  ? 1.908   -17.904 -1.517  1.00 33.58 ? 23  ASN A OD1 1 
ATOM   200 N ND2 . ASN A 1 23  ? 1.878   -17.164 -3.623  1.00 44.13 ? 23  ASN A ND2 1 
ATOM   201 N N   . ALA A 1 24  ? 0.049   -18.006 0.823   1.00 19.53 ? 24  ALA A N   1 
ATOM   202 C CA  . ALA A 1 24  ? 0.573   -18.455 2.123   1.00 20.70 ? 24  ALA A CA  1 
ATOM   203 C C   . ALA A 1 24  ? 2.052   -18.192 2.351   1.00 20.04 ? 24  ALA A C   1 
ATOM   204 O O   . ALA A 1 24  ? 2.551   -18.326 3.470   1.00 22.38 ? 24  ALA A O   1 
ATOM   205 C CB  . ALA A 1 24  ? 0.287   -19.946 2.316   1.00 21.19 ? 24  ALA A CB  1 
ATOM   206 N N   . GLU A 1 25  ? 2.775   -17.912 1.280   1.00 19.55 ? 25  GLU A N   1 
ATOM   207 C CA  . GLU A 1 25  ? 4.193   -17.647 1.390   1.00 19.80 ? 25  GLU A CA  1 
ATOM   208 C C   . GLU A 1 25  ? 4.481   -16.186 1.706   1.00 19.78 ? 25  GLU A C   1 
ATOM   209 O O   . GLU A 1 25  ? 5.599   -15.854 2.079   1.00 20.74 ? 25  GLU A O   1 
ATOM   210 C CB  . GLU A 1 25  ? 4.906   -18.098 0.125   1.00 23.38 ? 25  GLU A CB  1 
ATOM   211 C CG  . GLU A 1 25  ? 4.762   -19.627 -0.089  1.00 35.71 ? 25  GLU A CG  1 
ATOM   212 C CD  . GLU A 1 25  ? 5.557   -20.191 -1.275  1.00 43.41 ? 25  GLU A CD  1 
ATOM   213 O OE1 . GLU A 1 25  ? 5.405   -21.405 -1.548  1.00 47.37 ? 25  GLU A OE1 1 
ATOM   214 O OE2 . GLU A 1 25  ? 6.336   -19.441 -1.920  1.00 44.09 ? 25  GLU A OE2 1 
ATOM   215 N N   . ASN A 1 26  ? 3.478   -15.316 1.602   1.00 16.84 ? 26  ASN A N   1 
ATOM   216 C CA  . ASN A 1 26  ? 3.698   -13.900 1.890   1.00 15.68 ? 26  ASN A CA  1 
ATOM   217 C C   . ASN A 1 26  ? 3.686   -13.600 3.390   1.00 14.67 ? 26  ASN A C   1 
ATOM   218 O O   . ASN A 1 26  ? 2.725   -13.937 4.091   1.00 12.96 ? 26  ASN A O   1 
ATOM   219 C CB  . ASN A 1 26  ? 2.639   -13.003 1.209   1.00 12.16 ? 26  ASN A CB  1 
ATOM   220 C CG  . ASN A 1 26  ? 2.720   -13.035 -0.311  1.00 13.26 ? 26  ASN A CG  1 
ATOM   221 O OD1 . ASN A 1 26  ? 3.780   -13.293 -0.880  1.00 19.32 ? 26  ASN A OD1 1 
ATOM   222 N ND2 . ASN A 1 26  ? 1.599   -12.790 -0.969  1.00 14.45 ? 26  ASN A ND2 1 
ATOM   223 N N   . PRO A 1 27  ? 4.763   -12.989 3.913   1.00 14.59 ? 27  PRO A N   1 
ATOM   224 C CA  . PRO A 1 27  ? 4.783   -12.668 5.350   1.00 14.65 ? 27  PRO A CA  1 
ATOM   225 C C   . PRO A 1 27  ? 3.975   -11.377 5.521   1.00 14.56 ? 27  PRO A C   1 
ATOM   226 O O   . PRO A 1 27  ? 3.677   -10.694 4.503   1.00 14.12 ? 27  PRO A O   1 
ATOM   227 C CB  . PRO A 1 27  ? 6.268   -12.408 5.605   1.00 12.48 ? 27  PRO A CB  1 
ATOM   228 C CG  . PRO A 1 27  ? 6.677   -11.724 4.345   1.00 18.62 ? 27  PRO A CG  1 
ATOM   229 C CD  . PRO A 1 27  ? 6.024   -12.584 3.266   1.00 15.18 ? 27  PRO A CD  1 
ATOM   230 N N   . ARG A 1 28  ? 3.615   -11.020 6.760   1.00 11.19 ? 28  ARG A N   1 
ATOM   231 C CA  . ARG A 1 28  ? 2.860   -9.788  7.036   1.00 10.81 ? 28  ARG A CA  1 
ATOM   232 C C   . ARG A 1 28  ? 3.589   -8.567  6.502   1.00 10.87 ? 28  ARG A C   1 
ATOM   233 O O   . ARG A 1 28  ? 4.814   -8.496  6.596   1.00 12.50 ? 28  ARG A O   1 
ATOM   234 C CB  . ARG A 1 28  ? 2.681   -9.604  8.536   1.00 11.63 ? 28  ARG A CB  1 
ATOM   235 C CG  . ARG A 1 28  ? 1.991   -10.769 9.238   1.00 22.31 ? 28  ARG A CG  1 
ATOM   236 C CD  . ARG A 1 28  ? 1.826   -10.508 10.745  1.00 25.32 ? 28  ARG A CD  1 
ATOM   237 N NE  . ARG A 1 28  ? 0.940   -9.368  11.018  1.00 37.59 ? 28  ARG A NE  1 
ATOM   238 C CZ  . ARG A 1 28  ? 0.755   -8.830  12.228  1.00 42.51 ? 28  ARG A CZ  1 
ATOM   239 N NH1 . ARG A 1 28  ? 1.410   -9.317  13.276  1.00 38.48 ? 28  ARG A NH1 1 
ATOM   240 N NH2 . ARG A 1 28  ? -0.120  -7.838  12.401  1.00 37.71 ? 28  ARG A NH2 1 
ATOM   241 N N   . GLY A 1 29  ? 2.852   -7.606  5.953   1.00 9.79  ? 29  GLY A N   1 
ATOM   242 C CA  . GLY A 1 29  ? 3.480   -6.409  5.450   1.00 7.39  ? 29  GLY A CA  1 
ATOM   243 C C   . GLY A 1 29  ? 3.903   -6.469  4.000   1.00 10.37 ? 29  GLY A C   1 
ATOM   244 O O   . GLY A 1 29  ? 4.558   -5.562  3.554   1.00 10.72 ? 29  GLY A O   1 
ATOM   245 N N   . THR A 1 30  ? 3.625   -7.572  3.304   1.00 11.18 ? 30  THR A N   1 
ATOM   246 C CA  . THR A 1 30  ? 3.917   -7.715  1.874   1.00 10.45 ? 30  THR A CA  1 
ATOM   247 C C   . THR A 1 30  ? 2.935   -6.723  1.217   1.00 10.59 ? 30  THR A C   1 
ATOM   248 O O   . THR A 1 30  ? 1.745   -6.691  1.550   1.00 10.41 ? 30  THR A O   1 
ATOM   249 C CB  . THR A 1 30  ? 3.696   -9.181  1.353   1.00 12.24 ? 30  THR A CB  1 
ATOM   250 O OG1 . THR A 1 30  ? 4.591   -10.094 2.011   1.00 14.07 ? 30  THR A OG1 1 
ATOM   251 C CG2 . THR A 1 30  ? 3.939   -9.240  -0.155  1.00 9.80  ? 30  THR A CG2 1 
ATOM   252 N N   . PHE A 1 31  ? 3.413   -5.922  0.277   1.00 11.11 ? 31  PHE A N   1 
ATOM   253 C CA  . PHE A 1 31  ? 2.567   -4.878  -0.262  1.00 9.92  ? 31  PHE A CA  1 
ATOM   254 C C   . PHE A 1 31  ? 2.749   -4.554  -1.732  1.00 11.06 ? 31  PHE A C   1 
ATOM   255 O O   . PHE A 1 31  ? 3.693   -5.013  -2.390  1.00 13.32 ? 31  PHE A O   1 
ATOM   256 C CB  . PHE A 1 31  ? 2.840   -3.584  0.554   1.00 9.27  ? 31  PHE A CB  1 
ATOM   257 C CG  . PHE A 1 31  ? 4.190   -2.914  0.239   1.00 10.06 ? 31  PHE A CG  1 
ATOM   258 C CD1 . PHE A 1 31  ? 4.258   -1.837  -0.649  1.00 10.20 ? 31  PHE A CD1 1 
ATOM   259 C CD2 . PHE A 1 31  ? 5.378   -3.374  0.810   1.00 13.52 ? 31  PHE A CD2 1 
ATOM   260 C CE1 . PHE A 1 31  ? 5.493   -1.227  -0.961  1.00 10.55 ? 31  PHE A CE1 1 
ATOM   261 C CE2 . PHE A 1 31  ? 6.637   -2.766  0.505   1.00 12.32 ? 31  PHE A CE2 1 
ATOM   262 C CZ  . PHE A 1 31  ? 6.685   -1.695  -0.378  1.00 11.85 ? 31  PHE A CZ  1 
ATOM   263 N N   . LEU A 1 32  ? 1.860   -3.697  -2.218  1.00 10.59 ? 32  LEU A N   1 
ATOM   264 C CA  . LEU A 1 32  ? 1.912   -3.185  -3.572  1.00 10.16 ? 32  LEU A CA  1 
ATOM   265 C C   . LEU A 1 32  ? 1.119   -1.870  -3.580  1.00 10.88 ? 32  LEU A C   1 
ATOM   266 O O   . LEU A 1 32  ? 0.336   -1.603  -2.658  1.00 10.63 ? 32  LEU A O   1 
ATOM   267 C CB  . LEU A 1 32  ? 1.346   -4.216  -4.564  1.00 9.76  ? 32  LEU A CB  1 
ATOM   268 C CG  . LEU A 1 32  ? -0.128  -4.644  -4.554  1.00 13.31 ? 32  LEU A CG  1 
ATOM   269 C CD1 . LEU A 1 32  ? -1.015  -3.611  -5.299  1.00 8.59  ? 32  LEU A CD1 1 
ATOM   270 C CD2 . LEU A 1 32  ? -0.221  -5.974  -5.246  1.00 15.01 ? 32  LEU A CD2 1 
ATOM   271 N N   . VAL A 1 33  ? 1.400   -1.006  -4.552  1.00 11.30 ? 33  VAL A N   1 
ATOM   272 C CA  . VAL A 1 33  ? 0.684   0.262   -4.704  1.00 10.68 ? 33  VAL A CA  1 
ATOM   273 C C   . VAL A 1 33  ? 0.043   0.195   -6.067  1.00 12.10 ? 33  VAL A C   1 
ATOM   274 O O   . VAL A 1 33  ? 0.656   -0.264  -7.024  1.00 13.20 ? 33  VAL A O   1 
ATOM   275 C CB  . VAL A 1 33  ? 1.623   1.479   -4.665  1.00 10.81 ? 33  VAL A CB  1 
ATOM   276 C CG1 . VAL A 1 33  ? 0.897   2.692   -5.169  1.00 13.00 ? 33  VAL A CG1 1 
ATOM   277 C CG2 . VAL A 1 33  ? 2.101   1.730   -3.226  1.00 12.84 ? 33  VAL A CG2 1 
ATOM   278 N N   . ARG A 1 34  ? -1.216  0.577   -6.151  1.00 11.34 ? 34  ARG A N   1 
ATOM   279 C CA  . ARG A 1 34  ? -1.904  0.540   -7.420  1.00 14.07 ? 34  ARG A CA  1 
ATOM   280 C C   . ARG A 1 34  ? -2.792  1.765   -7.544  1.00 13.55 ? 34  ARG A C   1 
ATOM   281 O O   . ARG A 1 34  ? -2.871  2.575   -6.648  1.00 14.72 ? 34  ARG A O   1 
ATOM   282 C CB  . ARG A 1 34  ? -2.758  -0.728  -7.497  1.00 15.21 ? 34  ARG A CB  1 
ATOM   283 C CG  . ARG A 1 34  ? -3.755  -0.836  -6.360  1.00 12.96 ? 34  ARG A CG  1 
ATOM   284 C CD  . ARG A 1 34  ? -4.594  -2.073  -6.481  1.00 17.34 ? 34  ARG A CD  1 
ATOM   285 N NE  . ARG A 1 34  ? -5.471  -2.205  -5.321  1.00 16.49 ? 34  ARG A NE  1 
ATOM   286 C CZ  . ARG A 1 34  ? -6.669  -1.650  -5.214  1.00 15.47 ? 34  ARG A CZ  1 
ATOM   287 N NH1 . ARG A 1 34  ? -7.349  -1.851  -4.098  1.00 16.62 ? 34  ARG A NH1 1 
ATOM   288 N NH2 . ARG A 1 34  ? -7.202  -0.948  -6.217  1.00 13.98 ? 34  ARG A NH2 1 
ATOM   289 N N   . GLU A 1 35  ? -3.415  1.930   -8.693  1.00 15.94 ? 35  GLU A N   1 
ATOM   290 C CA  . GLU A 1 35  ? -4.314  3.047   -8.885  1.00 18.20 ? 35  GLU A CA  1 
ATOM   291 C C   . GLU A 1 35  ? -5.629  2.675   -8.271  1.00 17.51 ? 35  GLU A C   1 
ATOM   292 O O   . GLU A 1 35  ? -6.000  1.505   -8.249  1.00 17.55 ? 35  GLU A O   1 
ATOM   293 C CB  . GLU A 1 35  ? -4.562  3.263   -10.356 1.00 23.38 ? 35  GLU A CB  1 
ATOM   294 C CG  . GLU A 1 35  ? -3.463  4.006   -11.054 1.00 39.20 ? 35  GLU A CG  1 
ATOM   295 C CD  . GLU A 1 35  ? -3.810  4.295   -12.490 1.00 47.96 ? 35  GLU A CD  1 
ATOM   296 O OE1 . GLU A 1 35  ? -2.910  4.759   -13.211 1.00 58.51 ? 35  GLU A OE1 1 
ATOM   297 O OE2 . GLU A 1 35  ? -4.982  4.057   -12.889 1.00 47.45 ? 35  GLU A OE2 1 
ATOM   298 N N   . SER A 1 36  ? -6.328  3.667   -7.755  1.00 18.97 ? 36  SER A N   1 
ATOM   299 C CA  . SER A 1 36  ? -7.633  3.428   -7.179  1.00 22.54 ? 36  SER A CA  1 
ATOM   300 C C   . SER A 1 36  ? -8.624  3.108   -8.342  1.00 24.72 ? 36  SER A C   1 
ATOM   301 O O   . SER A 1 36  ? -8.519  3.690   -9.422  1.00 24.50 ? 36  SER A O   1 
ATOM   302 C CB  . SER A 1 36  ? -8.058  4.675   -6.412  1.00 23.33 ? 36  SER A CB  1 
ATOM   303 O OG  . SER A 1 36  ? -9.462  4.720   -6.284  1.00 28.49 ? 36  SER A OG  1 
ATOM   304 N N   . GLU A 1 37  ? -9.527  2.147   -8.141  1.00 26.36 ? 37  GLU A N   1 
ATOM   305 C CA  . GLU A 1 37  ? -10.511 1.782   -9.173  1.00 28.17 ? 37  GLU A CA  1 
ATOM   306 C C   . GLU A 1 37  ? -11.538 2.896   -9.383  1.00 29.84 ? 37  GLU A C   1 
ATOM   307 O O   . GLU A 1 37  ? -12.003 3.131   -10.502 1.00 31.76 ? 37  GLU A O   1 
ATOM   308 C CB  . GLU A 1 37  ? -11.301 0.516   -8.783  1.00 22.08 ? 37  GLU A CB  1 
ATOM   309 C CG  . GLU A 1 37  ? -10.556 -0.808  -8.863  1.00 22.19 ? 37  GLU A CG  1 
ATOM   310 C CD  . GLU A 1 37  ? -11.444 -2.000  -8.533  1.00 24.59 ? 37  GLU A CD  1 
ATOM   311 O OE1 . GLU A 1 37  ? -12.641 -1.815  -8.241  1.00 28.59 ? 37  GLU A OE1 1 
ATOM   312 O OE2 . GLU A 1 37  ? -10.957 -3.145  -8.558  1.00 28.44 ? 37  GLU A OE2 1 
ATOM   313 N N   . THR A 1 38  ? -11.896 3.586   -8.313  1.00 31.87 ? 38  THR A N   1 
ATOM   314 C CA  . THR A 1 38  ? -12.912 4.598   -8.442  1.00 34.70 ? 38  THR A CA  1 
ATOM   315 C C   . THR A 1 38  ? -12.519 6.030   -8.152  1.00 36.59 ? 38  THR A C   1 
ATOM   316 O O   . THR A 1 38  ? -13.154 6.956   -8.672  1.00 38.85 ? 38  THR A O   1 
ATOM   317 C CB  . THR A 1 38  ? -14.160 4.196   -7.637  1.00 35.66 ? 38  THR A CB  1 
ATOM   318 O OG1 . THR A 1 38  ? -13.772 3.843   -6.303  1.00 37.55 ? 38  THR A OG1 1 
ATOM   319 C CG2 . THR A 1 38  ? -14.861 2.982   -8.299  1.00 33.72 ? 38  THR A CG2 1 
ATOM   320 N N   . THR A 1 39  ? -11.462 6.235   -7.373  1.00 35.57 ? 39  THR A N   1 
ATOM   321 C CA  . THR A 1 39  ? -11.057 7.604   -7.058  1.00 36.85 ? 39  THR A CA  1 
ATOM   322 C C   . THR A 1 39  ? -9.985  8.138   -7.978  1.00 36.67 ? 39  THR A C   1 
ATOM   323 O O   . THR A 1 39  ? -8.831  7.707   -7.951  1.00 36.65 ? 39  THR A O   1 
ATOM   324 C CB  . THR A 1 39  ? -10.619 7.762   -5.592  1.00 40.22 ? 39  THR A CB  1 
ATOM   325 O OG1 . THR A 1 39  ? -11.664 7.280   -4.734  1.00 42.30 ? 39  THR A OG1 1 
ATOM   326 C CG2 . THR A 1 39  ? -10.334 9.237   -5.270  1.00 42.71 ? 39  THR A CG2 1 
ATOM   327 N N   . LYS A 1 40  ? -10.394 9.068   -8.820  1.00 37.71 ? 40  LYS A N   1 
ATOM   328 C CA  . LYS A 1 40  ? -9.498  9.703   -9.768  1.00 39.55 ? 40  LYS A CA  1 
ATOM   329 C C   . LYS A 1 40  ? -8.383  10.364  -8.950  1.00 39.00 ? 40  LYS A C   1 
ATOM   330 O O   . LYS A 1 40  ? -8.644  10.953  -7.892  1.00 37.64 ? 40  LYS A O   1 
ATOM   331 C CB  . LYS A 1 40  ? -10.292 10.749  -10.574 1.00 46.38 ? 40  LYS A CB  1 
ATOM   332 C CG  . LYS A 1 40  ? -9.502  11.679  -11.491 1.00 56.10 ? 40  LYS A CG  1 
ATOM   333 C CD  . LYS A 1 40  ? -8.991  11.002  -12.775 1.00 66.18 ? 40  LYS A CD  1 
ATOM   334 C CE  . LYS A 1 40  ? -8.561  12.054  -13.834 1.00 72.62 ? 40  LYS A CE  1 
ATOM   335 N NZ  . LYS A 1 40  ? -7.756  13.200  -13.264 1.00 77.68 ? 40  LYS A NZ  1 
ATOM   336 N N   . GLY A 1 41  ? -7.142  10.155  -9.381  1.00 37.42 ? 41  GLY A N   1 
ATOM   337 C CA  . GLY A 1 41  ? -6.015  10.767  -8.709  1.00 37.46 ? 41  GLY A CA  1 
ATOM   338 C C   . GLY A 1 41  ? -5.569  10.220  -7.361  1.00 37.04 ? 41  GLY A C   1 
ATOM   339 O O   . GLY A 1 41  ? -4.708  10.846  -6.727  1.00 40.58 ? 41  GLY A O   1 
ATOM   340 N N   . ALA A 1 42  ? -6.136  9.096   -6.909  1.00 32.92 ? 42  ALA A N   1 
ATOM   341 C CA  . ALA A 1 42  ? -5.732  8.501   -5.639  1.00 26.69 ? 42  ALA A CA  1 
ATOM   342 C C   . ALA A 1 42  ? -5.123  7.137   -5.948  1.00 24.73 ? 42  ALA A C   1 
ATOM   343 O O   . ALA A 1 42  ? -5.364  6.578   -7.026  1.00 24.09 ? 42  ALA A O   1 
ATOM   344 C CB  . ALA A 1 42  ? -6.939  8.347   -4.703  1.00 26.38 ? 42  ALA A CB  1 
ATOM   345 N N   . TYR A 1 43  ? -4.295  6.638   -5.031  1.00 19.47 ? 43  TYR A N   1 
ATOM   346 C CA  . TYR A 1 43  ? -3.666  5.326   -5.167  1.00 16.87 ? 43  TYR A CA  1 
ATOM   347 C C   . TYR A 1 43  ? -4.125  4.506   -3.992  1.00 16.05 ? 43  TYR A C   1 
ATOM   348 O O   . TYR A 1 43  ? -4.654  5.052   -3.024  1.00 15.29 ? 43  TYR A O   1 
ATOM   349 C CB  . TYR A 1 43  ? -2.151  5.424   -5.085  1.00 18.29 ? 43  TYR A CB  1 
ATOM   350 C CG  . TYR A 1 43  ? -1.551  6.285   -6.134  1.00 20.94 ? 43  TYR A CG  1 
ATOM   351 C CD1 . TYR A 1 43  ? -1.226  7.614   -5.864  1.00 25.61 ? 43  TYR A CD1 1 
ATOM   352 C CD2 . TYR A 1 43  ? -1.331  5.783   -7.409  1.00 24.50 ? 43  TYR A CD2 1 
ATOM   353 C CE1 . TYR A 1 43  ? -0.692  8.433   -6.847  1.00 35.87 ? 43  TYR A CE1 1 
ATOM   354 C CE2 . TYR A 1 43  ? -0.805  6.575   -8.403  1.00 34.21 ? 43  TYR A CE2 1 
ATOM   355 C CZ  . TYR A 1 43  ? -0.484  7.906   -8.126  1.00 40.55 ? 43  TYR A CZ  1 
ATOM   356 O OH  . TYR A 1 43  ? 0.012   8.704   -9.139  1.00 50.26 ? 43  TYR A OH  1 
HETATM 357 N N   . CSO A 1 44  ? -3.939  3.192   -4.082  1.00 13.00 ? 44  CSO A N   1 
HETATM 358 C CA  . CSO A 1 44  ? -4.297  2.298   -2.998  1.00 11.81 ? 44  CSO A CA  1 
HETATM 359 C CB  . CSO A 1 44  ? -5.351  1.277   -3.431  1.00 9.82  ? 44  CSO A CB  1 
HETATM 360 S SG  . CSO A 1 44  ? -6.968  2.031   -3.766  1.00 25.76 ? 44  CSO A SG  1 
HETATM 361 C C   . CSO A 1 44  ? -3.058  1.548   -2.668  1.00 12.36 ? 44  CSO A C   1 
HETATM 362 O O   . CSO A 1 44  ? -2.346  1.105   -3.557  1.00 13.69 ? 44  CSO A O   1 
HETATM 363 O OD  . CSO A 1 44  ? -7.369  2.598   -2.421  1.00 23.21 ? 44  CSO A OD  1 
ATOM   364 N N   . LEU A 1 45  ? -2.787  1.411   -1.386  1.00 12.53 ? 45  LEU A N   1 
ATOM   365 C CA  . LEU A 1 45  ? -1.639  0.644   -0.914  1.00 13.45 ? 45  LEU A CA  1 
ATOM   366 C C   . LEU A 1 45  ? -2.320  -0.625  -0.430  1.00 12.70 ? 45  LEU A C   1 
ATOM   367 O O   . LEU A 1 45  ? -3.182  -0.564  0.453   1.00 16.08 ? 45  LEU A O   1 
ATOM   368 C CB  . LEU A 1 45  ? -0.991  1.380   0.257   1.00 14.52 ? 45  LEU A CB  1 
ATOM   369 C CG  . LEU A 1 45  ? 0.061   0.659   1.111   1.00 16.19 ? 45  LEU A CG  1 
ATOM   370 C CD1 . LEU A 1 45  ? 1.307   0.298   0.292   1.00 14.36 ? 45  LEU A CD1 1 
ATOM   371 C CD2 . LEU A 1 45  ? 0.438   1.566   2.254   1.00 15.12 ? 45  LEU A CD2 1 
ATOM   372 N N   . SER A 1 46  ? -2.008  -1.764  -1.025  1.00 10.94 ? 46  SER A N   1 
ATOM   373 C CA  . SER A 1 46  ? -2.634  -3.000  -0.591  1.00 9.40  ? 46  SER A CA  1 
ATOM   374 C C   . SER A 1 46  ? -1.602  -3.768  0.194   1.00 10.73 ? 46  SER A C   1 
ATOM   375 O O   . SER A 1 46  ? -0.483  -3.991  -0.275  1.00 11.31 ? 46  SER A O   1 
ATOM   376 C CB  . SER A 1 46  ? -3.156  -3.752  -1.814  1.00 10.58 ? 46  SER A CB  1 
ATOM   377 O OG  . SER A 1 46  ? -4.118  -2.947  -2.454  1.00 8.76  ? 46  SER A OG  1 
ATOM   378 N N   . VAL A 1 47  ? -1.984  -4.196  1.390   1.00 11.18 ? 47  VAL A N   1 
ATOM   379 C CA  . VAL A 1 47  ? -1.032  -4.840  2.321   1.00 14.02 ? 47  VAL A CA  1 
ATOM   380 C C   . VAL A 1 47  ? -1.554  -6.170  2.858   1.00 15.13 ? 47  VAL A C   1 
ATOM   381 O O   . VAL A 1 47  ? -2.728  -6.252  3.247   1.00 15.00 ? 47  VAL A O   1 
ATOM   382 C CB  . VAL A 1 47  ? -0.753  -3.871  3.583   1.00 13.75 ? 47  VAL A CB  1 
ATOM   383 C CG1 . VAL A 1 47  ? 0.407   -4.403  4.464   1.00 15.07 ? 47  VAL A CG1 1 
ATOM   384 C CG2 . VAL A 1 47  ? -0.443  -2.433  3.150   1.00 12.09 ? 47  VAL A CG2 1 
ATOM   385 N N   . SER A 1 48  ? -0.694  -7.196  2.897   1.00 13.35 ? 48  SER A N   1 
ATOM   386 C CA  . SER A 1 48  ? -1.110  -8.491  3.440   1.00 14.79 ? 48  SER A CA  1 
ATOM   387 C C   . SER A 1 48  ? -0.948  -8.467  4.964   1.00 16.06 ? 48  SER A C   1 
ATOM   388 O O   . SER A 1 48  ? -0.034  -7.815  5.497   1.00 15.10 ? 48  SER A O   1 
ATOM   389 C CB  . SER A 1 48  ? -0.297  -9.641  2.846   1.00 12.71 ? 48  SER A CB  1 
ATOM   390 O OG  . SER A 1 48  ? 1.010   -9.692  3.395   1.00 18.65 ? 48  SER A OG  1 
ATOM   391 N N   . ASP A 1 49  ? -1.812  -9.194  5.664   1.00 16.57 ? 49  ASP A N   1 
ATOM   392 C CA  . ASP A 1 49  ? -1.754  -9.254  7.118   1.00 16.85 ? 49  ASP A CA  1 
ATOM   393 C C   . ASP A 1 49  ? -2.023  -10.679 7.507   1.00 16.84 ? 49  ASP A C   1 
ATOM   394 O O   . ASP A 1 49  ? -2.419  -11.501 6.670   1.00 18.02 ? 49  ASP A O   1 
ATOM   395 C CB  . ASP A 1 49  ? -2.832  -8.364  7.742   1.00 16.06 ? 49  ASP A CB  1 
ATOM   396 C CG  . ASP A 1 49  ? -2.624  -8.124  9.240   1.00 23.05 ? 49  ASP A CG  1 
ATOM   397 O OD1 . ASP A 1 49  ? -1.486  -8.258  9.773   1.00 18.72 ? 49  ASP A OD1 1 
ATOM   398 O OD2 . ASP A 1 49  ? -3.626  -7.761  9.878   1.00 25.36 ? 49  ASP A OD2 1 
ATOM   399 N N   . PHE A 1 50  ? -1.819  -10.965 8.782   1.00 17.76 ? 50  PHE A N   1 
ATOM   400 C CA  . PHE A 1 50  ? -2.055  -12.289 9.335   1.00 19.53 ? 50  PHE A CA  1 
ATOM   401 C C   . PHE A 1 50  ? -2.245  -12.233 10.838  1.00 21.05 ? 50  PHE A C   1 
ATOM   402 O O   . PHE A 1 50  ? -1.482  -11.571 11.538  1.00 20.40 ? 50  PHE A O   1 
ATOM   403 C CB  . PHE A 1 50  ? -0.875  -13.224 9.043   1.00 17.10 ? 50  PHE A CB  1 
ATOM   404 C CG  . PHE A 1 50  ? -1.086  -14.629 9.526   1.00 15.91 ? 50  PHE A CG  1 
ATOM   405 C CD1 . PHE A 1 50  ? -0.821  -14.975 10.851  1.00 14.66 ? 50  PHE A CD1 1 
ATOM   406 C CD2 . PHE A 1 50  ? -1.625  -15.579 8.688   1.00 19.27 ? 50  PHE A CD2 1 
ATOM   407 C CE1 . PHE A 1 50  ? -1.104  -16.229 11.318  1.00 19.46 ? 50  PHE A CE1 1 
ATOM   408 C CE2 . PHE A 1 50  ? -1.914  -16.854 9.150   1.00 20.55 ? 50  PHE A CE2 1 
ATOM   409 C CZ  . PHE A 1 50  ? -1.655  -17.178 10.475  1.00 18.57 ? 50  PHE A CZ  1 
ATOM   410 N N   . ASP A 1 51  ? -3.326  -12.842 11.321  1.00 23.87 ? 51  ASP A N   1 
ATOM   411 C CA  . ASP A 1 51  ? -3.528  -13.005 12.763  1.00 27.97 ? 51  ASP A CA  1 
ATOM   412 C C   . ASP A 1 51  ? -4.254  -14.331 12.992  1.00 29.86 ? 51  ASP A C   1 
ATOM   413 O O   . ASP A 1 51  ? -4.713  -14.955 12.031  1.00 30.57 ? 51  ASP A O   1 
ATOM   414 C CB  . ASP A 1 51  ? -4.161  -11.788 13.469  1.00 32.62 ? 51  ASP A CB  1 
ATOM   415 C CG  . ASP A 1 51  ? -5.504  -11.405 12.926  1.00 36.41 ? 51  ASP A CG  1 
ATOM   416 O OD1 . ASP A 1 51  ? -5.794  -10.190 12.839  1.00 33.42 ? 51  ASP A OD1 1 
ATOM   417 O OD2 . ASP A 1 51  ? -6.275  -12.311 12.615  1.00 41.56 ? 51  ASP A OD2 1 
ATOM   418 N N   . ASN A 1 52  ? -4.262  -14.829 14.228  1.00 32.26 ? 52  ASN A N   1 
ATOM   419 C CA  . ASN A 1 52  ? -4.922  -16.117 14.526  1.00 33.62 ? 52  ASN A CA  1 
ATOM   420 C C   . ASN A 1 52  ? -6.442  -16.003 14.413  1.00 33.97 ? 52  ASN A C   1 
ATOM   421 O O   . ASN A 1 52  ? -7.129  -17.011 14.240  1.00 37.26 ? 52  ASN A O   1 
ATOM   422 C CB  . ASN A 1 52  ? -4.516  -16.668 15.916  1.00 35.57 ? 52  ASN A CB  1 
ATOM   423 C CG  . ASN A 1 52  ? -3.099  -17.304 15.942  1.00 37.70 ? 52  ASN A CG  1 
ATOM   424 O OD1 . ASN A 1 52  ? -2.624  -17.853 14.945  1.00 39.40 ? 52  ASN A OD1 1 
ATOM   425 N ND2 . ASN A 1 52  ? -2.441  -17.242 17.104  1.00 34.77 ? 52  ASN A ND2 1 
ATOM   426 N N   . ALA A 1 53  ? -6.962  -14.776 14.481  1.00 31.84 ? 53  ALA A N   1 
ATOM   427 C CA  . ALA A 1 53  ? -8.395  -14.539 14.360  1.00 31.71 ? 53  ALA A CA  1 
ATOM   428 C C   . ALA A 1 53  ? -8.826  -14.682 12.910  1.00 30.58 ? 53  ALA A C   1 
ATOM   429 O O   . ALA A 1 53  ? -9.644  -15.521 12.574  1.00 32.57 ? 53  ALA A O   1 
ATOM   430 C CB  . ALA A 1 53  ? -8.760  -13.149 14.885  1.00 28.06 ? 53  ALA A CB  1 
ATOM   431 N N   . LYS A 1 54  ? -8.268  -13.861 12.045  1.00 27.23 ? 54  LYS A N   1 
ATOM   432 C CA  . LYS A 1 54  ? -8.614  -13.890 10.636  1.00 28.37 ? 54  LYS A CA  1 
ATOM   433 C C   . LYS A 1 54  ? -7.705  -14.696 9.727   1.00 27.22 ? 54  LYS A C   1 
ATOM   434 O O   . LYS A 1 54  ? -8.055  -14.923 8.571   1.00 30.61 ? 54  LYS A O   1 
ATOM   435 C CB  . LYS A 1 54  ? -8.629  -12.481 10.092  1.00 27.37 ? 54  LYS A CB  1 
ATOM   436 C CG  . LYS A 1 54  ? -9.485  -11.540 10.853  1.00 32.78 ? 54  LYS A CG  1 
ATOM   437 C CD  . LYS A 1 54  ? -9.410  -10.204 10.182  1.00 39.81 ? 54  LYS A CD  1 
ATOM   438 C CE  . LYS A 1 54  ? -10.452 -9.286  10.722  1.00 46.52 ? 54  LYS A CE  1 
ATOM   439 N NZ  . LYS A 1 54  ? -10.479 -8.049  9.901   1.00 57.62 ? 54  LYS A NZ  1 
ATOM   440 N N   . GLY A 1 55  ? -6.543  -15.108 10.216  1.00 24.17 ? 55  GLY A N   1 
ATOM   441 C CA  . GLY A 1 55  ? -5.607  -15.802 9.356   1.00 22.00 ? 55  GLY A CA  1 
ATOM   442 C C   . GLY A 1 55  ? -5.062  -14.767 8.367   1.00 20.19 ? 55  GLY A C   1 
ATOM   443 O O   . GLY A 1 55  ? -5.015  -13.569 8.680   1.00 18.58 ? 55  GLY A O   1 
ATOM   444 N N   . LEU A 1 56  ? -4.763  -15.202 7.143   1.00 18.41 ? 56  LEU A N   1 
ATOM   445 C CA  . LEU A 1 56  ? -4.210  -14.330 6.101   1.00 20.26 ? 56  LEU A CA  1 
ATOM   446 C C   . LEU A 1 56  ? -5.280  -13.410 5.484   1.00 21.52 ? 56  LEU A C   1 
ATOM   447 O O   . LEU A 1 56  ? -6.316  -13.883 5.001   1.00 21.84 ? 56  LEU A O   1 
ATOM   448 C CB  . LEU A 1 56  ? -3.563  -15.195 5.030   1.00 21.44 ? 56  LEU A CB  1 
ATOM   449 C CG  . LEU A 1 56  ? -2.826  -14.575 3.847   1.00 25.04 ? 56  LEU A CG  1 
ATOM   450 C CD1 . LEU A 1 56  ? -1.550  -13.842 4.259   1.00 20.74 ? 56  LEU A CD1 1 
ATOM   451 C CD2 . LEU A 1 56  ? -2.512  -15.722 2.908   1.00 29.94 ? 56  LEU A CD2 1 
ATOM   452 N N   . ASN A 1 57  ? -5.040  -12.101 5.491   1.00 18.84 ? 57  ASN A N   1 
ATOM   453 C CA  . ASN A 1 57  ? -6.033  -11.196 4.945   1.00 19.16 ? 57  ASN A CA  1 
ATOM   454 C C   . ASN A 1 57  ? -5.381  -9.983  4.313   1.00 18.80 ? 57  ASN A C   1 
ATOM   455 O O   . ASN A 1 57  ? -4.190  -9.785  4.472   1.00 20.29 ? 57  ASN A O   1 
ATOM   456 C CB  . ASN A 1 57  ? -7.052  -10.813 6.030   1.00 21.12 ? 57  ASN A CB  1 
ATOM   457 C CG  . ASN A 1 57  ? -6.451  -9.979  7.150   1.00 24.44 ? 57  ASN A CG  1 
ATOM   458 O OD1 . ASN A 1 57  ? -6.690  -8.779  7.223   1.00 27.31 ? 57  ASN A OD1 1 
ATOM   459 N ND2 . ASN A 1 57  ? -5.701  -10.615 8.043   1.00 20.63 ? 57  ASN A ND2 1 
ATOM   460 N N   . VAL A 1 58  ? -6.146  -9.174  3.589   1.00 17.03 ? 58  VAL A N   1 
ATOM   461 C CA  . VAL A 1 58  ? -5.593  -8.014  2.887   1.00 15.41 ? 58  VAL A CA  1 
ATOM   462 C C   . VAL A 1 58  ? -6.315  -6.735  3.273   1.00 15.80 ? 58  VAL A C   1 
ATOM   463 O O   . VAL A 1 58  ? -7.538  -6.733  3.440   1.00 15.72 ? 58  VAL A O   1 
ATOM   464 C CB  . VAL A 1 58  ? -5.707  -8.237  1.357   1.00 15.93 ? 58  VAL A CB  1 
ATOM   465 C CG1 . VAL A 1 58  ? -5.198  -7.036  0.583   1.00 12.73 ? 58  VAL A CG1 1 
ATOM   466 C CG2 . VAL A 1 58  ? -4.939  -9.469  0.972   1.00 15.41 ? 58  VAL A CG2 1 
ATOM   467 N N   . LYS A 1 59  ? -5.554  -5.671  3.502   1.00 14.00 ? 59  LYS A N   1 
ATOM   468 C CA  . LYS A 1 59  ? -6.131  -4.363  3.828   1.00 15.10 ? 59  LYS A CA  1 
ATOM   469 C C   . LYS A 1 59  ? -5.754  -3.426  2.702   1.00 15.13 ? 59  LYS A C   1 
ATOM   470 O O   . LYS A 1 59  ? -4.713  -3.605  2.084   1.00 14.57 ? 59  LYS A O   1 
ATOM   471 C CB  . LYS A 1 59  ? -5.536  -3.807  5.115   1.00 18.06 ? 59  LYS A CB  1 
ATOM   472 C CG  . LYS A 1 59  ? -5.974  -4.520  6.372   1.00 32.38 ? 59  LYS A CG  1 
ATOM   473 C CD  . LYS A 1 59  ? -7.458  -4.347  6.629   1.00 41.31 ? 59  LYS A CD  1 
ATOM   474 C CE  . LYS A 1 59  ? -7.777  -4.841  8.030   1.00 57.31 ? 59  LYS A CE  1 
ATOM   475 N NZ  . LYS A 1 59  ? -9.237  -4.934  8.344   1.00 67.83 ? 59  LYS A NZ  1 
ATOM   476 N N   . HIS A 1 60  ? -6.594  -2.422  2.452   1.00 14.87 ? 60  HIS A N   1 
ATOM   477 C CA  . HIS A 1 60  ? -6.364  -1.421  1.402   1.00 14.76 ? 60  HIS A CA  1 
ATOM   478 C C   . HIS A 1 60  ? -6.469  -0.055  2.029   1.00 13.51 ? 60  HIS A C   1 
ATOM   479 O O   . HIS A 1 60  ? -7.419  0.242   2.745   1.00 13.63 ? 60  HIS A O   1 
ATOM   480 C CB  . HIS A 1 60  ? -7.425  -1.568  0.308   1.00 13.10 ? 60  HIS A CB  1 
ATOM   481 C CG  . HIS A 1 60  ? -7.530  -2.955  -0.252  1.00 10.96 ? 60  HIS A CG  1 
ATOM   482 N ND1 . HIS A 1 60  ? -6.701  -3.428  -1.248  1.00 11.14 ? 60  HIS A ND1 1 
ATOM   483 C CD2 . HIS A 1 60  ? -8.363  -3.973  0.051   1.00 12.48 ? 60  HIS A CD2 1 
ATOM   484 C CE1 . HIS A 1 60  ? -7.011  -4.680  -1.526  1.00 12.43 ? 60  HIS A CE1 1 
ATOM   485 N NE2 . HIS A 1 60  ? -8.016  -5.034  -0.748  1.00 13.48 ? 60  HIS A NE2 1 
ATOM   486 N N   . TYR A 1 61  ? -5.462  0.764   1.802   1.00 13.15 ? 61  TYR A N   1 
ATOM   487 C CA  . TYR A 1 61  ? -5.430  2.132   2.346   1.00 13.48 ? 61  TYR A CA  1 
ATOM   488 C C   . TYR A 1 61  ? -5.346  3.113   1.180   1.00 14.14 ? 61  TYR A C   1 
ATOM   489 O O   . TYR A 1 61  ? -4.602  2.886   0.223   1.00 16.89 ? 61  TYR A O   1 
ATOM   490 C CB  . TYR A 1 61  ? -4.211  2.319   3.266   1.00 11.48 ? 61  TYR A CB  1 
ATOM   491 C CG  . TYR A 1 61  ? -4.173  1.333   4.403   1.00 11.93 ? 61  TYR A CG  1 
ATOM   492 C CD1 . TYR A 1 61  ? -3.344  0.206   4.351   1.00 13.80 ? 61  TYR A CD1 1 
ATOM   493 C CD2 . TYR A 1 61  ? -5.000  1.495   5.507   1.00 12.36 ? 61  TYR A CD2 1 
ATOM   494 C CE1 . TYR A 1 61  ? -3.348  -0.737  5.370   1.00 14.05 ? 61  TYR A CE1 1 
ATOM   495 C CE2 . TYR A 1 61  ? -5.016  0.553   6.549   1.00 13.89 ? 61  TYR A CE2 1 
ATOM   496 C CZ  . TYR A 1 61  ? -4.195  -0.537  6.465   1.00 13.26 ? 61  TYR A CZ  1 
ATOM   497 O OH  . TYR A 1 61  ? -4.182  -1.408  7.488   1.00 15.95 ? 61  TYR A OH  1 
ATOM   498 N N   . LYS A 1 62  ? -6.111  4.193   1.246   1.00 13.59 ? 62  LYS A N   1 
ATOM   499 C CA  . LYS A 1 62  ? -6.103  5.181   0.192   1.00 13.14 ? 62  LYS A CA  1 
ATOM   500 C C   . LYS A 1 62  ? -5.014  6.213   0.412   1.00 13.27 ? 62  LYS A C   1 
ATOM   501 O O   . LYS A 1 62  ? -4.883  6.759   1.493   1.00 14.38 ? 62  LYS A O   1 
ATOM   502 C CB  . LYS A 1 62  ? -7.447  5.876   0.108   1.00 11.05 ? 62  LYS A CB  1 
ATOM   503 C CG  . LYS A 1 62  ? -7.505  6.745   -1.120  1.00 29.32 ? 62  LYS A CG  1 
ATOM   504 C CD  . LYS A 1 62  ? -8.800  7.501   -1.246  1.00 42.99 ? 62  LYS A CD  1 
ATOM   505 C CE  . LYS A 1 62  ? -9.886  6.593   -1.760  1.00 56.67 ? 62  LYS A CE  1 
ATOM   506 N NZ  . LYS A 1 62  ? -11.207 7.287   -1.911  1.00 63.16 ? 62  LYS A NZ  1 
ATOM   507 N N   . ILE A 1 63  ? -4.183  6.399   -0.604  1.00 15.50 ? 63  ILE A N   1 
ATOM   508 C CA  . ILE A 1 63  ? -3.104  7.369   -0.578  1.00 15.09 ? 63  ILE A CA  1 
ATOM   509 C C   . ILE A 1 63  ? -3.593  8.575   -1.392  1.00 19.11 ? 63  ILE A C   1 
ATOM   510 O O   . ILE A 1 63  ? -3.915  8.461   -2.591  1.00 17.64 ? 63  ILE A O   1 
ATOM   511 C CB  . ILE A 1 63  ? -1.826  6.816   -1.232  1.00 15.47 ? 63  ILE A CB  1 
ATOM   512 C CG1 . ILE A 1 63  ? -1.262  5.650   -0.419  1.00 14.28 ? 63  ILE A CG1 1 
ATOM   513 C CG2 . ILE A 1 63  ? -0.789  7.930   -1.394  1.00 14.41 ? 63  ILE A CG2 1 
ATOM   514 C CD1 . ILE A 1 63  ? -0.014  5.091   -1.002  1.00 17.73 ? 63  ILE A CD1 1 
ATOM   515 N N   . ARG A 1 64  ? -3.742  9.699   -0.705  1.00 21.32 ? 64  ARG A N   1 
ATOM   516 C CA  . ARG A 1 64  ? -4.185  10.932  -1.331  1.00 23.49 ? 64  ARG A CA  1 
ATOM   517 C C   . ARG A 1 64  ? -3.010  11.793  -1.784  1.00 25.25 ? 64  ARG A C   1 
ATOM   518 O O   . ARG A 1 64  ? -1.924  11.775  -1.203  1.00 20.45 ? 64  ARG A O   1 
ATOM   519 C CB  . ARG A 1 64  ? -5.103  11.699  -0.379  1.00 25.16 ? 64  ARG A CB  1 
ATOM   520 C CG  . ARG A 1 64  ? -6.464  11.003  -0.172  1.00 36.98 ? 64  ARG A CG  1 
ATOM   521 C CD  . ARG A 1 64  ? -7.403  11.851  0.681   1.00 49.88 ? 64  ARG A CD  1 
ATOM   522 N NE  . ARG A 1 64  ? -8.794  11.393  0.663   1.00 53.87 ? 64  ARG A NE  1 
ATOM   523 C CZ  . ARG A 1 64  ? -9.276  10.397  1.407   1.00 60.77 ? 64  ARG A CZ  1 
ATOM   524 N NH1 . ARG A 1 64  ? -8.491  9.728   2.246   1.00 61.29 ? 64  ARG A NH1 1 
ATOM   525 N NH2 . ARG A 1 64  ? -10.560 10.068  1.317   1.00 65.47 ? 64  ARG A NH2 1 
ATOM   526 N N   . LYS A 1 65  ? -3.227  12.517  -2.867  1.00 27.97 ? 65  LYS A N   1 
ATOM   527 C CA  . LYS A 1 65  ? -2.196  13.373  -3.413  1.00 33.38 ? 65  LYS A CA  1 
ATOM   528 C C   . LYS A 1 65  ? -2.756  14.783  -3.490  1.00 36.79 ? 65  LYS A C   1 
ATOM   529 O O   . LYS A 1 65  ? -3.841  15.002  -4.035  1.00 37.32 ? 65  LYS A O   1 
ATOM   530 C CB  . LYS A 1 65  ? -1.791  12.841  -4.790  1.00 36.55 ? 65  LYS A CB  1 
ATOM   531 C CG  . LYS A 1 65  ? -1.209  13.855  -5.742  1.00 43.84 ? 65  LYS A CG  1 
ATOM   532 C CD  . LYS A 1 65  ? 0.090   14.439  -5.226  1.00 51.20 ? 65  LYS A CD  1 
ATOM   533 C CE  . LYS A 1 65  ? 0.686   15.381  -6.264  1.00 58.26 ? 65  LYS A CE  1 
ATOM   534 N NZ  . LYS A 1 65  ? 0.778   14.719  -7.606  1.00 63.36 ? 65  LYS A NZ  1 
ATOM   535 N N   . LEU A 1 66  ? -2.047  15.727  -2.891  1.00 40.20 ? 66  LEU A N   1 
ATOM   536 C CA  . LEU A 1 66  ? -2.465  17.125  -2.903  1.00 45.06 ? 66  LEU A CA  1 
ATOM   537 C C   . LEU A 1 66  ? -1.924  17.826  -4.140  1.00 48.97 ? 66  LEU A C   1 
ATOM   538 O O   . LEU A 1 66  ? -0.906  17.422  -4.695  1.00 47.61 ? 66  LEU A O   1 
ATOM   539 C CB  . LEU A 1 66  ? -1.935  17.863  -1.677  1.00 42.23 ? 66  LEU A CB  1 
ATOM   540 C CG  . LEU A 1 66  ? -2.610  17.610  -0.340  1.00 43.11 ? 66  LEU A CG  1 
ATOM   541 C CD1 . LEU A 1 66  ? -1.681  18.069  0.760   1.00 45.84 ? 66  LEU A CD1 1 
ATOM   542 C CD2 . LEU A 1 66  ? -3.944  18.330  -0.271  1.00 44.92 ? 66  LEU A CD2 1 
ATOM   543 N N   . ASP A 1 67  ? -2.598  18.894  -4.559  1.00 53.71 ? 67  ASP A N   1 
ATOM   544 C CA  . ASP A 1 67  ? -2.122  19.642  -5.704  1.00 57.81 ? 67  ASP A CA  1 
ATOM   545 C C   . ASP A 1 67  ? -0.923  20.466  -5.296  1.00 58.86 ? 67  ASP A C   1 
ATOM   546 O O   . ASP A 1 67  ? -0.127  20.867  -6.133  1.00 60.18 ? 67  ASP A O   1 
ATOM   547 C CB  . ASP A 1 67  ? -3.216  20.479  -6.316  1.00 65.48 ? 67  ASP A CB  1 
ATOM   548 C CG  . ASP A 1 67  ? -3.833  19.798  -7.518  1.00 77.33 ? 67  ASP A CG  1 
ATOM   549 O OD1 . ASP A 1 67  ? -3.536  20.207  -8.663  1.00 85.43 ? 67  ASP A OD1 1 
ATOM   550 O OD2 . ASP A 1 67  ? -4.579  18.815  -7.320  1.00 83.71 ? 67  ASP A OD2 1 
ATOM   551 N N   . SER A 1 68  ? -0.789  20.672  -3.987  1.00 60.45 ? 68  SER A N   1 
ATOM   552 C CA  . SER A 1 68  ? 0.355   21.373  -3.403  1.00 61.48 ? 68  SER A CA  1 
ATOM   553 C C   . SER A 1 68  ? 1.571   20.421  -3.505  1.00 60.27 ? 68  SER A C   1 
ATOM   554 O O   . SER A 1 68  ? 2.715   20.803  -3.230  1.00 62.05 ? 68  SER A O   1 
ATOM   555 C CB  . SER A 1 68  ? 0.061   21.701  -1.937  1.00 65.45 ? 68  SER A CB  1 
ATOM   556 O OG  . SER A 1 68  ? -1.271  22.186  -1.819  1.00 72.60 ? 68  SER A OG  1 
ATOM   557 N N   . GLY A 1 69  ? 1.280   19.162  -3.831  1.00 57.49 ? 69  GLY A N   1 
ATOM   558 C CA  . GLY A 1 69  ? 2.318   18.169  -4.026  1.00 52.65 ? 69  GLY A CA  1 
ATOM   559 C C   . GLY A 1 69  ? 2.696   17.304  -2.847  1.00 47.79 ? 69  GLY A C   1 
ATOM   560 O O   . GLY A 1 69  ? 3.839   16.894  -2.743  1.00 50.53 ? 69  GLY A O   1 
ATOM   561 N N   . GLY A 1 70  ? 1.737   16.953  -2.007  1.00 40.96 ? 70  GLY A N   1 
ATOM   562 C CA  . GLY A 1 70  ? 2.090   16.136  -0.868  1.00 32.95 ? 70  GLY A CA  1 
ATOM   563 C C   . GLY A 1 70  ? 1.332   14.847  -0.977  1.00 28.19 ? 70  GLY A C   1 
ATOM   564 O O   . GLY A 1 70  ? 0.290   14.845  -1.608  1.00 26.41 ? 70  GLY A O   1 
ATOM   565 N N   . PHE A 1 71  ? 1.894   13.754  -0.465  1.00 23.09 ? 71  PHE A N   1 
ATOM   566 C CA  . PHE A 1 71  ? 1.238   12.450  -0.463  1.00 19.26 ? 71  PHE A CA  1 
ATOM   567 C C   . PHE A 1 71  ? 0.940   12.068  0.972   1.00 17.20 ? 71  PHE A C   1 
ATOM   568 O O   . PHE A 1 71  ? 1.770   12.287  1.843   1.00 14.41 ? 71  PHE A O   1 
ATOM   569 C CB  . PHE A 1 71  ? 2.148   11.365  -1.014  1.00 17.49 ? 71  PHE A CB  1 
ATOM   570 C CG  . PHE A 1 71  ? 2.335   11.439  -2.472  1.00 24.76 ? 71  PHE A CG  1 
ATOM   571 C CD1 . PHE A 1 71  ? 3.341   12.247  -3.010  1.00 25.98 ? 71  PHE A CD1 1 
ATOM   572 C CD2 . PHE A 1 71  ? 1.490   10.726  -3.326  1.00 20.73 ? 71  PHE A CD2 1 
ATOM   573 C CE1 . PHE A 1 71  ? 3.500   12.348  -4.378  1.00 26.87 ? 71  PHE A CE1 1 
ATOM   574 C CE2 . PHE A 1 71  ? 1.633   10.815  -4.698  1.00 27.78 ? 71  PHE A CE2 1 
ATOM   575 C CZ  . PHE A 1 71  ? 2.638   11.626  -5.231  1.00 26.09 ? 71  PHE A CZ  1 
ATOM   576 N N   . TYR A 1 72  ? -0.209  11.439  1.212   1.00 16.46 ? 72  TYR A N   1 
ATOM   577 C CA  . TYR A 1 72  ? -0.531  11.003  2.569   1.00 14.80 ? 72  TYR A CA  1 
ATOM   578 C C   . TYR A 1 72  ? -1.699  10.023  2.645   1.00 14.61 ? 72  TYR A C   1 
ATOM   579 O O   . TYR A 1 72  ? -2.524  9.948   1.716   1.00 11.55 ? 72  TYR A O   1 
ATOM   580 C CB  . TYR A 1 72  ? -0.830  12.219  3.465   1.00 13.78 ? 72  TYR A CB  1 
ATOM   581 C CG  . TYR A 1 72  ? -2.078  12.982  3.056   1.00 17.16 ? 72  TYR A CG  1 
ATOM   582 C CD1 . TYR A 1 72  ? -3.348  12.525  3.427   1.00 19.24 ? 72  TYR A CD1 1 
ATOM   583 C CD2 . TYR A 1 72  ? -1.992  14.135  2.290   1.00 22.50 ? 72  TYR A CD2 1 
ATOM   584 C CE1 . TYR A 1 72  ? -4.494  13.188  3.044   1.00 16.73 ? 72  TYR A CE1 1 
ATOM   585 C CE2 . TYR A 1 72  ? -3.129  14.811  1.906   1.00 23.81 ? 72  TYR A CE2 1 
ATOM   586 C CZ  . TYR A 1 72  ? -4.368  14.326  2.288   1.00 22.59 ? 72  TYR A CZ  1 
ATOM   587 O OH  . TYR A 1 72  ? -5.491  14.981  1.913   1.00 27.72 ? 72  TYR A OH  1 
ATOM   588 N N   . ILE A 1 73  ? -1.700  9.221   3.719   1.00 14.19 ? 73  ILE A N   1 
ATOM   589 C CA  . ILE A 1 73  ? -2.809  8.329   4.031   1.00 14.79 ? 73  ILE A CA  1 
ATOM   590 C C   . ILE A 1 73  ? -3.635  9.128   5.063   1.00 15.56 ? 73  ILE A C   1 
ATOM   591 O O   . ILE A 1 73  ? -4.852  9.202   4.960   1.00 16.68 ? 73  ILE A O   1 
ATOM   592 C CB  . ILE A 1 73  ? -2.331  6.989   4.593   1.00 11.19 ? 73  ILE A CB  1 
ATOM   593 C CG1 . ILE A 1 73  ? -1.628  6.194   3.496   1.00 12.88 ? 73  ILE A CG1 1 
ATOM   594 C CG2 . ILE A 1 73  ? -3.525  6.185   5.110   1.00 14.22 ? 73  ILE A CG2 1 
ATOM   595 C CD1 . ILE A 1 73  ? -1.020  4.896   3.977   1.00 18.13 ? 73  ILE A CD1 1 
ATOM   596 N N   . THR A 1 74  ? -2.961  9.745   6.037   1.00 14.45 ? 74  THR A N   1 
ATOM   597 C CA  . THR A 1 74  ? -3.627  10.586  7.035   1.00 14.26 ? 74  THR A CA  1 
ATOM   598 C C   . THR A 1 74  ? -3.026  11.968  6.850   1.00 15.46 ? 74  THR A C   1 
ATOM   599 O O   . THR A 1 74  ? -1.806  12.098  6.712   1.00 14.85 ? 74  THR A O   1 
ATOM   600 C CB  . THR A 1 74  ? -3.433  10.109  8.495   1.00 13.42 ? 74  THR A CB  1 
ATOM   601 O OG1 . THR A 1 74  ? -3.979  11.091  9.378   1.00 16.23 ? 74  THR A OG1 1 
ATOM   602 C CG2 . THR A 1 74  ? -1.964  9.895   8.845   1.00 11.64 ? 74  THR A CG2 1 
ATOM   603 N N   . SER A 1 75  ? -3.883  12.982  6.771   1.00 15.97 ? 75  SER A N   1 
ATOM   604 C CA  . SER A 1 75  ? -3.452  14.346  6.528   1.00 17.54 ? 75  SER A CA  1 
ATOM   605 C C   . SER A 1 75  ? -2.474  14.872  7.552   1.00 19.40 ? 75  SER A C   1 
ATOM   606 O O   . SER A 1 75  ? -1.756  15.844  7.281   1.00 19.11 ? 75  SER A O   1 
ATOM   607 C CB  . SER A 1 75  ? -4.648  15.318  6.415   1.00 20.34 ? 75  SER A CB  1 
ATOM   608 O OG  . SER A 1 75  ? -5.308  15.491  7.657   1.00 23.89 ? 75  SER A OG  1 
ATOM   609 N N   . ARG A 1 76  ? -2.419  14.232  8.717   1.00 20.74 ? 76  ARG A N   1 
ATOM   610 C CA  . ARG A 1 76  ? -1.496  14.671  9.760   1.00 24.75 ? 76  ARG A CA  1 
ATOM   611 C C   . ARG A 1 76  ? -0.049  14.232  9.521   1.00 23.68 ? 76  ARG A C   1 
ATOM   612 O O   . ARG A 1 76  ? 0.863   14.856  10.050  1.00 27.45 ? 76  ARG A O   1 
ATOM   613 C CB  . ARG A 1 76  ? -2.008  14.276  11.162  1.00 31.97 ? 76  ARG A CB  1 
ATOM   614 C CG  . ARG A 1 76  ? -3.324  15.007  11.480  1.00 49.31 ? 76  ARG A CG  1 
ATOM   615 C CD  . ARG A 1 76  ? -3.956  14.745  12.846  1.00 66.57 ? 76  ARG A CD  1 
ATOM   616 N NE  . ARG A 1 76  ? -5.361  15.204  12.847  1.00 81.68 ? 76  ARG A NE  1 
ATOM   617 C CZ  . ARG A 1 76  ? -6.044  15.611  13.922  1.00 84.69 ? 76  ARG A CZ  1 
ATOM   618 N NH1 . ARG A 1 76  ? -5.460  15.628  15.116  1.00 85.70 ? 76  ARG A NH1 1 
ATOM   619 N NH2 . ARG A 1 76  ? -7.302  16.042  13.797  1.00 81.32 ? 76  ARG A NH2 1 
ATOM   620 N N   . THR A 1 77  ? 0.161   13.269  8.621   1.00 21.01 ? 77  THR A N   1 
ATOM   621 C CA  . THR A 1 77  ? 1.494   12.753  8.320   1.00 16.68 ? 77  THR A CA  1 
ATOM   622 C C   . THR A 1 77  ? 1.690   12.745  6.811   1.00 16.91 ? 77  THR A C   1 
ATOM   623 O O   . THR A 1 77  ? 1.266   11.803  6.141   1.00 17.39 ? 77  THR A O   1 
ATOM   624 C CB  . THR A 1 77  ? 1.621   11.336  8.885   1.00 18.48 ? 77  THR A CB  1 
ATOM   625 O OG1 . THR A 1 77  ? 1.199   11.355  10.257  1.00 18.57 ? 77  THR A OG1 1 
ATOM   626 C CG2 . THR A 1 77  ? 3.051   10.826  8.816   1.00 14.52 ? 77  THR A CG2 1 
ATOM   627 N N   . GLN A 1 78  ? 2.301   13.803  6.274   1.00 13.09 ? 78  GLN A N   1 
ATOM   628 C CA  . GLN A 1 78  ? 2.477   13.929  4.839   1.00 14.21 ? 78  GLN A CA  1 
ATOM   629 C C   . GLN A 1 78  ? 3.895   13.776  4.369   1.00 14.38 ? 78  GLN A C   1 
ATOM   630 O O   . GLN A 1 78  ? 4.833   13.978  5.136   1.00 17.02 ? 78  GLN A O   1 
ATOM   631 C CB  . GLN A 1 78  ? 1.979   15.275  4.395   1.00 15.95 ? 78  GLN A CB  1 
ATOM   632 C CG  . GLN A 1 78  ? 0.734   15.696  5.091   1.00 16.08 ? 78  GLN A CG  1 
ATOM   633 C CD  . GLN A 1 78  ? 0.099   16.881  4.425   1.00 25.97 ? 78  GLN A CD  1 
ATOM   634 O OE1 . GLN A 1 78  ? -1.042  17.210  4.717   1.00 30.58 ? 78  GLN A OE1 1 
ATOM   635 N NE2 . GLN A 1 78  ? 0.816   17.521  3.504   1.00 25.30 ? 78  GLN A NE2 1 
ATOM   636 N N   . PHE A 1 79  ? 4.054   13.474  3.087   1.00 13.87 ? 79  PHE A N   1 
ATOM   637 C CA  . PHE A 1 79  ? 5.371   13.282  2.492   1.00 15.05 ? 79  PHE A CA  1 
ATOM   638 C C   . PHE A 1 79  ? 5.494   14.006  1.166   1.00 17.05 ? 79  PHE A C   1 
ATOM   639 O O   . PHE A 1 79  ? 4.505   14.216  0.454   1.00 17.76 ? 79  PHE A O   1 
ATOM   640 C CB  . PHE A 1 79  ? 5.653   11.787  2.289   1.00 14.32 ? 79  PHE A CB  1 
ATOM   641 C CG  . PHE A 1 79  ? 5.472   10.997  3.533   1.00 17.60 ? 79  PHE A CG  1 
ATOM   642 C CD1 . PHE A 1 79  ? 4.205   10.592  3.923   1.00 16.16 ? 79  PHE A CD1 1 
ATOM   643 C CD2 . PHE A 1 79  ? 6.534   10.819  4.412   1.00 13.89 ? 79  PHE A CD2 1 
ATOM   644 C CE1 . PHE A 1 79  ? 3.992   10.041  5.178   1.00 15.09 ? 79  PHE A CE1 1 
ATOM   645 C CE2 . PHE A 1 79  ? 6.327   10.274  5.662   1.00 13.55 ? 79  PHE A CE2 1 
ATOM   646 C CZ  . PHE A 1 79  ? 5.052   9.886   6.051   1.00 13.02 ? 79  PHE A CZ  1 
ATOM   647 N N   . ASN A 1 80  ? 6.723   14.337  0.812   1.00 16.66 ? 80  ASN A N   1 
ATOM   648 C CA  . ASN A 1 80  ? 6.994   15.021  -0.433  1.00 19.42 ? 80  ASN A CA  1 
ATOM   649 C C   . ASN A 1 80  ? 6.886   14.061  -1.626  1.00 20.61 ? 80  ASN A C   1 
ATOM   650 O O   . ASN A 1 80  ? 6.736   14.482  -2.763  1.00 24.41 ? 80  ASN A O   1 
ATOM   651 C CB  . ASN A 1 80  ? 8.374   15.677  -0.363  1.00 20.79 ? 80  ASN A CB  1 
ATOM   652 C CG  . ASN A 1 80  ? 8.396   16.840  0.594   1.00 24.70 ? 80  ASN A CG  1 
ATOM   653 O OD1 . ASN A 1 80  ? 7.384   17.496  0.772   1.00 25.08 ? 80  ASN A OD1 1 
ATOM   654 N ND2 . ASN A 1 80  ? 9.531   17.071  1.260   1.00 25.44 ? 80  ASN A ND2 1 
ATOM   655 N N   . SER A 1 81  ? 6.953   12.765  -1.385  1.00 18.73 ? 81  SER A N   1 
ATOM   656 C CA  . SER A 1 81  ? 6.836   11.829  -2.488  1.00 17.09 ? 81  SER A CA  1 
ATOM   657 C C   . SER A 1 81  ? 6.291   10.525  -1.987  1.00 17.18 ? 81  SER A C   1 
ATOM   658 O O   . SER A 1 81  ? 6.376   10.216  -0.795  1.00 17.83 ? 81  SER A O   1 
ATOM   659 C CB  . SER A 1 81  ? 8.200   11.576  -3.095  1.00 14.17 ? 81  SER A CB  1 
ATOM   660 O OG  . SER A 1 81  ? 9.014   10.800  -2.213  1.00 19.73 ? 81  SER A OG  1 
ATOM   661 N N   . LEU A 1 82  ? 5.829   9.720   -2.928  1.00 17.63 ? 82  LEU A N   1 
ATOM   662 C CA  . LEU A 1 82  ? 5.288   8.398   -2.625  1.00 17.56 ? 82  LEU A CA  1 
ATOM   663 C C   . LEU A 1 82  ? 6.428   7.520   -2.101  1.00 16.40 ? 82  LEU A C   1 
ATOM   664 O O   . LEU A 1 82  ? 6.239   6.721   -1.191  1.00 16.63 ? 82  LEU A O   1 
ATOM   665 C CB  . LEU A 1 82  ? 4.660   7.815   -3.887  1.00 21.27 ? 82  LEU A CB  1 
ATOM   666 C CG  . LEU A 1 82  ? 3.557   6.779   -3.769  1.00 24.92 ? 82  LEU A CG  1 
ATOM   667 C CD1 . LEU A 1 82  ? 2.497   7.200   -2.786  1.00 24.66 ? 82  LEU A CD1 1 
ATOM   668 C CD2 . LEU A 1 82  ? 2.964   6.640   -5.135  1.00 29.55 ? 82  LEU A CD2 1 
ATOM   669 N N   . GLN A 1 83  ? 7.613   7.669   -2.686  1.00 14.70 ? 83  GLN A N   1 
ATOM   670 C CA  . GLN A 1 83  ? 8.812   6.943   -2.251  1.00 15.49 ? 83  GLN A CA  1 
ATOM   671 C C   . GLN A 1 83  ? 9.081   7.208   -0.763  1.00 15.09 ? 83  GLN A C   1 
ATOM   672 O O   . GLN A 1 83  ? 9.365   6.286   -0.006  1.00 14.62 ? 83  GLN A O   1 
ATOM   673 C CB  . GLN A 1 83  ? 10.058  7.377   -3.050  1.00 16.66 ? 83  GLN A CB  1 
ATOM   674 C CG  . GLN A 1 83  ? 10.096  6.905   -4.527  1.00 26.19 ? 83  GLN A CG  1 
ATOM   675 C CD  . GLN A 1 83  ? 9.328   7.781   -5.576  1.00 31.50 ? 83  GLN A CD  1 
ATOM   676 O OE1 . GLN A 1 83  ? 9.566   7.674   -6.792  1.00 33.25 ? 83  GLN A OE1 1 
ATOM   677 N NE2 . GLN A 1 83  ? 8.433   8.635   -5.110  1.00 23.07 ? 83  GLN A NE2 1 
ATOM   678 N N   . GLN A 1 84  ? 8.994   8.466   -0.329  1.00 14.98 ? 84  GLN A N   1 
ATOM   679 C CA  . GLN A 1 84  ? 9.232   8.793   1.087   1.00 14.71 ? 84  GLN A CA  1 
ATOM   680 C C   . GLN A 1 84  ? 8.152   8.232   2.001   1.00 13.96 ? 84  GLN A C   1 
ATOM   681 O O   . GLN A 1 84  ? 8.440   7.816   3.126   1.00 15.54 ? 84  GLN A O   1 
ATOM   682 C CB  . GLN A 1 84  ? 9.422   10.300  1.283   1.00 12.20 ? 84  GLN A CB  1 
ATOM   683 C CG  . GLN A 1 84  ? 10.718  10.792  0.620   1.00 19.43 ? 84  GLN A CG  1 
ATOM   684 C CD  . GLN A 1 84  ? 10.861  12.305  0.615   1.00 28.43 ? 84  GLN A CD  1 
ATOM   685 O OE1 . GLN A 1 84  ? 9.950   13.042  0.200   1.00 35.55 ? 84  GLN A OE1 1 
ATOM   686 N NE2 . GLN A 1 84  ? 12.011  12.779  1.065   1.00 31.06 ? 84  GLN A NE2 1 
ATOM   687 N N   . LEU A 1 85  ? 6.913   8.198   1.508   1.00 13.81 ? 85  LEU A N   1 
ATOM   688 C CA  . LEU A 1 85  ? 5.797   7.632   2.263   1.00 13.97 ? 85  LEU A CA  1 
ATOM   689 C C   . LEU A 1 85  ? 6.021   6.123   2.455   1.00 13.47 ? 85  LEU A C   1 
ATOM   690 O O   . LEU A 1 85  ? 5.795   5.581   3.542   1.00 14.04 ? 85  LEU A O   1 
ATOM   691 C CB  . LEU A 1 85  ? 4.471   7.873   1.532   1.00 10.54 ? 85  LEU A CB  1 
ATOM   692 C CG  . LEU A 1 85  ? 3.211   7.351   2.232   1.00 11.26 ? 85  LEU A CG  1 
ATOM   693 C CD1 . LEU A 1 85  ? 2.040   8.229   1.856   1.00 12.36 ? 85  LEU A CD1 1 
ATOM   694 C CD2 . LEU A 1 85  ? 2.927   5.910   1.829   1.00 8.65  ? 85  LEU A CD2 1 
ATOM   695 N N   . VAL A 1 86  ? 6.445   5.438   1.398   1.00 14.32 ? 86  VAL A N   1 
ATOM   696 C CA  . VAL A 1 86  ? 6.693   4.018   1.523   1.00 13.61 ? 86  VAL A CA  1 
ATOM   697 C C   . VAL A 1 86  ? 7.833   3.761   2.515   1.00 15.89 ? 86  VAL A C   1 
ATOM   698 O O   . VAL A 1 86  ? 7.717   2.893   3.371   1.00 15.53 ? 86  VAL A O   1 
ATOM   699 C CB  . VAL A 1 86  ? 6.966   3.349   0.157   1.00 17.58 ? 86  VAL A CB  1 
ATOM   700 C CG1 . VAL A 1 86  ? 7.509   1.934   0.353   1.00 14.62 ? 86  VAL A CG1 1 
ATOM   701 C CG2 . VAL A 1 86  ? 5.651   3.277   -0.645  1.00 12.51 ? 86  VAL A CG2 1 
ATOM   702 N N   . ALA A 1 87  ? 8.892   4.572   2.460   1.00 16.11 ? 87  ALA A N   1 
ATOM   703 C CA  . ALA A 1 87  ? 10.036  4.407   3.366   1.00 14.87 ? 87  ALA A CA  1 
ATOM   704 C C   . ALA A 1 87  ? 9.626   4.623   4.806   1.00 16.37 ? 87  ALA A C   1 
ATOM   705 O O   . ALA A 1 87  ? 10.048  3.874   5.697   1.00 16.29 ? 87  ALA A O   1 
ATOM   706 C CB  . ALA A 1 87  ? 11.192  5.338   2.997   1.00 13.56 ? 87  ALA A CB  1 
ATOM   707 N N   . TYR A 1 88  ? 8.799   5.633   5.048   1.00 12.91 ? 88  TYR A N   1 
ATOM   708 C CA  . TYR A 1 88  ? 8.336   5.895   6.398   1.00 12.43 ? 88  TYR A CA  1 
ATOM   709 C C   . TYR A 1 88  ? 7.507   4.719   6.953   1.00 11.82 ? 88  TYR A C   1 
ATOM   710 O O   . TYR A 1 88  ? 7.729   4.278   8.088   1.00 12.34 ? 88  TYR A O   1 
ATOM   711 C CB  . TYR A 1 88  ? 7.524   7.180   6.421   1.00 10.80 ? 88  TYR A CB  1 
ATOM   712 C CG  . TYR A 1 88  ? 6.887   7.466   7.746   1.00 10.12 ? 88  TYR A CG  1 
ATOM   713 C CD1 . TYR A 1 88  ? 7.525   8.274   8.680   1.00 11.78 ? 88  TYR A CD1 1 
ATOM   714 C CD2 . TYR A 1 88  ? 5.642   6.939   8.061   1.00 9.47  ? 88  TYR A CD2 1 
ATOM   715 C CE1 . TYR A 1 88  ? 6.940   8.553   9.900   1.00 13.07 ? 88  TYR A CE1 1 
ATOM   716 C CE2 . TYR A 1 88  ? 5.046   7.200   9.266   1.00 14.00 ? 88  TYR A CE2 1 
ATOM   717 C CZ  . TYR A 1 88  ? 5.705   8.014   10.189  1.00 17.53 ? 88  TYR A CZ  1 
ATOM   718 O OH  . TYR A 1 88  ? 5.126   8.280   11.404  1.00 17.46 ? 88  TYR A OH  1 
ATOM   719 N N   . TYR A 1 89  ? 6.575   4.182   6.163   1.00 13.39 ? 89  TYR A N   1 
ATOM   720 C CA  . TYR A 1 89  ? 5.734   3.072   6.624   1.00 12.19 ? 89  TYR A CA  1 
ATOM   721 C C   . TYR A 1 89  ? 6.414   1.704   6.676   1.00 12.88 ? 89  TYR A C   1 
ATOM   722 O O   . TYR A 1 89  ? 5.828   0.729   7.095   1.00 11.57 ? 89  TYR A O   1 
ATOM   723 C CB  . TYR A 1 89  ? 4.402   3.023   5.869   1.00 11.62 ? 89  TYR A CB  1 
ATOM   724 C CG  . TYR A 1 89  ? 3.474   4.161   6.268   1.00 11.03 ? 89  TYR A CG  1 
ATOM   725 C CD1 . TYR A 1 89  ? 3.254   5.241   5.405   1.00 14.19 ? 89  TYR A CD1 1 
ATOM   726 C CD2 . TYR A 1 89  ? 2.871   4.196   7.530   1.00 13.14 ? 89  TYR A CD2 1 
ATOM   727 C CE1 . TYR A 1 89  ? 2.472   6.318   5.780   1.00 11.32 ? 89  TYR A CE1 1 
ATOM   728 C CE2 . TYR A 1 89  ? 2.081   5.282   7.915   1.00 7.70  ? 89  TYR A CE2 1 
ATOM   729 C CZ  . TYR A 1 89  ? 1.892   6.337   7.034   1.00 13.73 ? 89  TYR A CZ  1 
ATOM   730 O OH  . TYR A 1 89  ? 1.164   7.430   7.421   1.00 13.16 ? 89  TYR A OH  1 
ATOM   731 N N   . SER A 1 90  ? 7.663   1.633   6.236   1.00 15.34 ? 90  SER A N   1 
ATOM   732 C CA  . SER A 1 90  ? 8.431   0.393   6.307   1.00 15.48 ? 90  SER A CA  1 
ATOM   733 C C   . SER A 1 90  ? 9.073   0.348   7.691   1.00 17.77 ? 90  SER A C   1 
ATOM   734 O O   . SER A 1 90  ? 9.584   -0.685  8.089   1.00 21.70 ? 90  SER A O   1 
ATOM   735 C CB  . SER A 1 90  ? 9.536   0.373   5.246   1.00 19.93 ? 90  SER A CB  1 
ATOM   736 O OG  . SER A 1 90  ? 9.012   0.407   3.912   1.00 20.51 ? 90  SER A OG  1 
ATOM   737 N N   . LYS A 1 91  ? 9.049   1.471   8.412   1.00 15.39 ? 91  LYS A N   1 
ATOM   738 C CA  . LYS A 1 91  ? 9.622   1.567   9.747   1.00 16.99 ? 91  LYS A CA  1 
ATOM   739 C C   . LYS A 1 91  ? 8.581   1.820   10.828  1.00 18.32 ? 91  LYS A C   1 
ATOM   740 O O   . LYS A 1 91  ? 8.826   1.560   11.995  1.00 22.38 ? 91  LYS A O   1 
ATOM   741 C CB  . LYS A 1 91  ? 10.621  2.716   9.832   1.00 20.67 ? 91  LYS A CB  1 
ATOM   742 C CG  . LYS A 1 91  ? 11.763  2.670   8.859   1.00 31.42 ? 91  LYS A CG  1 
ATOM   743 C CD  . LYS A 1 91  ? 12.880  1.857   9.437   1.00 40.33 ? 91  LYS A CD  1 
ATOM   744 C CE  . LYS A 1 91  ? 14.190  2.291   8.824   1.00 49.73 ? 91  LYS A CE  1 
ATOM   745 N NZ  . LYS A 1 91  ? 15.337  1.713   9.577   1.00 58.58 ? 91  LYS A NZ  1 
ATOM   746 N N   . HIS A 1 92  ? 7.441   2.393   10.477  1.00 16.27 ? 92  HIS A N   1 
ATOM   747 C CA  . HIS A 1 92  ? 6.440   2.674   11.490  1.00 17.23 ? 92  HIS A CA  1 
ATOM   748 C C   . HIS A 1 92  ? 5.143   2.047   11.098  1.00 17.45 ? 92  HIS A C   1 
ATOM   749 O O   . HIS A 1 92  ? 4.728   2.201   9.964   1.00 19.91 ? 92  HIS A O   1 
ATOM   750 C CB  . HIS A 1 92  ? 6.178   4.169   11.572  1.00 16.83 ? 92  HIS A CB  1 
ATOM   751 C CG  . HIS A 1 92  ? 7.418   5.000   11.643  1.00 21.16 ? 92  HIS A CG  1 
ATOM   752 N ND1 . HIS A 1 92  ? 7.841   5.606   12.802  1.00 21.90 ? 92  HIS A ND1 1 
ATOM   753 C CD2 . HIS A 1 92  ? 8.331   5.315   10.694  1.00 21.89 ? 92  HIS A CD2 1 
ATOM   754 C CE1 . HIS A 1 92  ? 8.962   6.258   12.570  1.00 19.92 ? 92  HIS A CE1 1 
ATOM   755 N NE2 . HIS A 1 92  ? 9.285   6.096   11.300  1.00 23.17 ? 92  HIS A NE2 1 
ATOM   756 N N   . ALA A 1 93  ? 4.478   1.360   12.012  1.00 16.77 ? 93  ALA A N   1 
ATOM   757 C CA  . ALA A 1 93  ? 3.188   0.804   11.652  1.00 17.62 ? 93  ALA A CA  1 
ATOM   758 C C   . ALA A 1 93  ? 2.117   1.902   11.791  1.00 17.21 ? 93  ALA A C   1 
ATOM   759 O O   . ALA A 1 93  ? 1.268   2.047   10.929  1.00 16.67 ? 93  ALA A O   1 
ATOM   760 C CB  . ALA A 1 93  ? 2.860   -0.369  12.511  1.00 14.98 ? 93  ALA A CB  1 
ATOM   761 N N   . ASP A 1 94  ? 2.215   2.718   12.838  1.00 14.39 ? 94  ASP A N   1 
ATOM   762 C CA  . ASP A 1 94  ? 1.234   3.766   13.095  1.00 13.40 ? 94  ASP A CA  1 
ATOM   763 C C   . ASP A 1 94  ? -0.155  3.171   13.033  1.00 13.01 ? 94  ASP A C   1 
ATOM   764 O O   . ASP A 1 94  ? -0.449  2.262   13.789  1.00 15.52 ? 94  ASP A O   1 
ATOM   765 C CB  . ASP A 1 94  ? 1.373   4.944   12.138  1.00 14.97 ? 94  ASP A CB  1 
ATOM   766 C CG  . ASP A 1 94  ? 2.590   5.799   12.447  1.00 18.79 ? 94  ASP A CG  1 
ATOM   767 O OD1 . ASP A 1 94  ? 3.362   5.404   13.353  1.00 16.18 ? 94  ASP A OD1 1 
ATOM   768 O OD2 . ASP A 1 94  ? 2.775   6.847   11.783  1.00 16.62 ? 94  ASP A OD2 1 
ATOM   769 N N   . GLY A 1 95  ? -1.003  3.626   12.126  1.00 12.07 ? 95  GLY A N   1 
ATOM   770 C CA  . GLY A 1 95  ? -2.343  3.071   12.069  1.00 12.78 ? 95  GLY A CA  1 
ATOM   771 C C   . GLY A 1 95  ? -2.543  1.950   11.055  1.00 14.47 ? 95  GLY A C   1 
ATOM   772 O O   . GLY A 1 95  ? -3.671  1.489   10.848  1.00 15.59 ? 95  GLY A O   1 
ATOM   773 N N   . LEU A 1 96  ? -1.473  1.495   10.417  1.00 14.60 ? 96  LEU A N   1 
ATOM   774 C CA  . LEU A 1 96  ? -1.593  0.447   9.409   1.00 13.79 ? 96  LEU A CA  1 
ATOM   775 C C   . LEU A 1 96  ? -1.601  -0.892  10.091  1.00 14.51 ? 96  LEU A C   1 
ATOM   776 O O   . LEU A 1 96  ? -1.120  -1.033  11.221  1.00 13.91 ? 96  LEU A O   1 
ATOM   777 C CB  . LEU A 1 96  ? -0.437  0.476   8.410   1.00 15.69 ? 96  LEU A CB  1 
ATOM   778 C CG  . LEU A 1 96  ? -0.079  1.760   7.648   1.00 20.35 ? 96  LEU A CG  1 
ATOM   779 C CD1 . LEU A 1 96  ? 0.894   1.386   6.551   1.00 23.81 ? 96  LEU A CD1 1 
ATOM   780 C CD2 . LEU A 1 96  ? -1.306  2.430   7.054   1.00 18.90 ? 96  LEU A CD2 1 
ATOM   781 N N   . CYS A 1 97  ? -2.084  -1.900  9.380   1.00 13.00 ? 97  CYS A N   1 
ATOM   782 C CA  . CYS A 1 97  ? -2.176  -3.240  9.933   1.00 14.08 ? 97  CYS A CA  1 
ATOM   783 C C   . CYS A 1 97  ? -0.800  -3.810  10.253  1.00 15.20 ? 97  CYS A C   1 
ATOM   784 O O   . CYS A 1 97  ? -0.667  -4.680  11.138  1.00 17.62 ? 97  CYS A O   1 
ATOM   785 C CB  . CYS A 1 97  ? -2.955  -4.171  8.976   1.00 14.33 ? 97  CYS A CB  1 
ATOM   786 S SG  . CYS A 1 97  ? -2.189  -4.455  7.331   1.00 18.38 ? 97  CYS A SG  1 
ATOM   787 N N   . HIS A 1 98  ? 0.236   -3.318  9.581   1.00 13.92 ? 98  HIS A N   1 
ATOM   788 C CA  . HIS A 1 98  ? 1.586   -3.819  9.805   1.00 13.45 ? 98  HIS A CA  1 
ATOM   789 C C   . HIS A 1 98  ? 2.541   -2.912  9.065   1.00 14.23 ? 98  HIS A C   1 
ATOM   790 O O   . HIS A 1 98  ? 2.125   -2.236  8.128   1.00 15.82 ? 98  HIS A O   1 
ATOM   791 C CB  . HIS A 1 98  ? 1.717   -5.241  9.241   1.00 13.07 ? 98  HIS A CB  1 
ATOM   792 C CG  . HIS A 1 98  ? 2.918   -5.982  9.745   1.00 11.43 ? 98  HIS A CG  1 
ATOM   793 N ND1 . HIS A 1 98  ? 4.169   -5.847  9.180   1.00 12.09 ? 98  HIS A ND1 1 
ATOM   794 C CD2 . HIS A 1 98  ? 3.061   -6.835  10.785  1.00 10.43 ? 98  HIS A CD2 1 
ATOM   795 C CE1 . HIS A 1 98  ? 5.031   -6.587  9.856   1.00 7.45  ? 98  HIS A CE1 1 
ATOM   796 N NE2 . HIS A 1 98  ? 4.387   -7.193  10.835  1.00 11.62 ? 98  HIS A NE2 1 
ATOM   797 N N   . ARG A 1 99  ? 3.806   -2.861  9.478   1.00 13.28 ? 99  ARG A N   1 
ATOM   798 C CA  . ARG A 1 99  ? 4.749   -2.033  8.739   1.00 13.61 ? 99  ARG A CA  1 
ATOM   799 C C   . ARG A 1 99  ? 4.975   -2.739  7.389   1.00 13.07 ? 99  ARG A C   1 
ATOM   800 O O   . ARG A 1 99  ? 4.766   -3.970  7.283   1.00 13.96 ? 99  ARG A O   1 
ATOM   801 C CB  . ARG A 1 99  ? 6.067   -1.860  9.511   1.00 10.20 ? 99  ARG A CB  1 
ATOM   802 C CG  . ARG A 1 99  ? 6.950   -3.044  9.491   1.00 15.07 ? 99  ARG A CG  1 
ATOM   803 C CD  . ARG A 1 99  ? 8.301   -2.766  10.142  1.00 22.15 ? 99  ARG A CD  1 
ATOM   804 N NE  . ARG A 1 99  ? 9.151   -3.962  10.086  1.00 20.69 ? 99  ARG A NE  1 
ATOM   805 C CZ  . ARG A 1 99  ? 10.041  -4.223  9.131   1.00 19.69 ? 99  ARG A CZ  1 
ATOM   806 N NH1 . ARG A 1 99  ? 10.249  -3.376  8.124   1.00 20.53 ? 99  ARG A NH1 1 
ATOM   807 N NH2 . ARG A 1 99  ? 10.649  -5.402  9.119   1.00 24.79 ? 99  ARG A NH2 1 
ATOM   808 N N   . LEU A 1 100 ? 5.331   -1.976  6.354   1.00 13.14 ? 100 LEU A N   1 
ATOM   809 C CA  . LEU A 1 100 ? 5.591   -2.549  5.024   1.00 14.48 ? 100 LEU A CA  1 
ATOM   810 C C   . LEU A 1 100 ? 6.927   -3.320  5.083   1.00 14.65 ? 100 LEU A C   1 
ATOM   811 O O   . LEU A 1 100 ? 7.949   -2.793  5.568   1.00 15.48 ? 100 LEU A O   1 
ATOM   812 C CB  . LEU A 1 100 ? 5.629   -1.443  3.951   1.00 10.75 ? 100 LEU A CB  1 
ATOM   813 C CG  . LEU A 1 100 ? 4.437   -0.472  4.004   1.00 13.41 ? 100 LEU A CG  1 
ATOM   814 C CD1 . LEU A 1 100 ? 4.514   0.555   2.860   1.00 8.99  ? 100 LEU A CD1 1 
ATOM   815 C CD2 . LEU A 1 100 ? 3.148   -1.261  3.966   1.00 10.65 ? 100 LEU A CD2 1 
ATOM   816 N N   . THR A 1 101 ? 6.931   -4.546  4.571   1.00 13.24 ? 101 THR A N   1 
ATOM   817 C CA  . THR A 1 101 ? 8.135   -5.352  4.623   1.00 14.27 ? 101 THR A CA  1 
ATOM   818 C C   . THR A 1 101 ? 8.677   -5.752  3.278   1.00 16.69 ? 101 THR A C   1 
ATOM   819 O O   . THR A 1 101 ? 9.804   -5.433  2.940   1.00 20.25 ? 101 THR A O   1 
ATOM   820 C CB  . THR A 1 101 ? 7.931   -6.653  5.461   1.00 14.67 ? 101 THR A CB  1 
ATOM   821 O OG1 . THR A 1 101 ? 6.860   -7.428  4.903   1.00 15.34 ? 101 THR A OG1 1 
ATOM   822 C CG2 . THR A 1 101 ? 7.601   -6.317  6.900   1.00 9.89  ? 101 THR A CG2 1 
ATOM   823 N N   . THR A 1 102 ? 7.874   -6.444  2.493   1.00 18.03 ? 102 THR A N   1 
ATOM   824 C CA  . THR A 1 102 ? 8.355   -6.929  1.205   1.00 18.98 ? 102 THR A CA  1 
ATOM   825 C C   . THR A 1 102 ? 7.411   -6.640  0.044   1.00 16.75 ? 102 THR A C   1 
ATOM   826 O O   . THR A 1 102 ? 6.189   -6.628  0.189   1.00 14.92 ? 102 THR A O   1 
ATOM   827 C CB  . THR A 1 102 ? 8.728   -8.489  1.284   1.00 25.36 ? 102 THR A CB  1 
ATOM   828 O OG1 . THR A 1 102 ? 7.947   -9.237  0.354   1.00 33.11 ? 102 THR A OG1 1 
ATOM   829 C CG2 . THR A 1 102 ? 8.475   -9.086  2.678   1.00 22.92 ? 102 THR A CG2 1 
ATOM   830 N N   . VAL A 1 103 ? 7.994   -6.353  -1.105  1.00 16.16 ? 103 VAL A N   1 
ATOM   831 C CA  . VAL A 1 103 ? 7.209   -6.082  -2.292  1.00 17.61 ? 103 VAL A CA  1 
ATOM   832 C C   . VAL A 1 103 ? 6.510   -7.373  -2.757  1.00 18.06 ? 103 VAL A C   1 
ATOM   833 O O   . VAL A 1 103 ? 7.105   -8.451  -2.796  1.00 17.56 ? 103 VAL A O   1 
ATOM   834 C CB  . VAL A 1 103 ? 8.110   -5.502  -3.383  1.00 18.85 ? 103 VAL A CB  1 
ATOM   835 C CG1 . VAL A 1 103 ? 7.316   -5.238  -4.654  1.00 17.75 ? 103 VAL A CG1 1 
ATOM   836 C CG2 . VAL A 1 103 ? 8.782   -4.211  -2.856  1.00 22.91 ? 103 VAL A CG2 1 
ATOM   837 N N   . CYS A 1 104 ? 5.233   -7.261  -3.065  1.00 16.95 ? 104 CYS A N   1 
ATOM   838 C CA  . CYS A 1 104 ? 4.482   -8.413  -3.498  1.00 19.32 ? 104 CYS A CA  1 
ATOM   839 C C   . CYS A 1 104 ? 5.171   -9.077  -4.658  1.00 22.03 ? 104 CYS A C   1 
ATOM   840 O O   . CYS A 1 104 ? 5.525   -8.424  -5.622  1.00 19.72 ? 104 CYS A O   1 
ATOM   841 C CB  . CYS A 1 104 ? 3.091   -8.018  -3.956  1.00 20.80 ? 104 CYS A CB  1 
ATOM   842 S SG  . CYS A 1 104 ? 2.059   -9.484  -4.251  1.00 24.59 ? 104 CYS A SG  1 
ATOM   843 N N   . PRO A 1 105 ? 5.398   -10.387 -4.555  1.00 26.00 ? 105 PRO A N   1 
ATOM   844 C CA  . PRO A 1 105 ? 6.044   -11.196 -5.583  1.00 29.94 ? 105 PRO A CA  1 
ATOM   845 C C   . PRO A 1 105 ? 5.148   -11.210 -6.834  1.00 34.27 ? 105 PRO A C   1 
ATOM   846 O O   . PRO A 1 105 ? 3.893   -11.297 -6.685  1.00 34.25 ? 105 PRO A O   1 
ATOM   847 C CB  . PRO A 1 105 ? 6.090   -12.589 -4.949  1.00 31.47 ? 105 PRO A CB  1 
ATOM   848 C CG  . PRO A 1 105 ? 6.075   -12.304 -3.463  1.00 33.92 ? 105 PRO A CG  1 
ATOM   849 C CD  . PRO A 1 105 ? 5.072   -11.201 -3.370  1.00 31.44 ? 105 PRO A CD  1 
HETATM 850 C C1  . 790 B 2 .   ? -10.581 1.408   0.334   0.30 97.56 ? 300 790 A C1  1 
HETATM 851 C C2  . 790 B 2 .   ? -10.536 2.709   -0.440  0.30 93.35 ? 300 790 A C2  1 
HETATM 852 C C3  . 790 B 2 .   ? -11.077 2.650   -1.870  0.30 93.07 ? 300 790 A C3  1 
HETATM 853 C C4  . 790 B 2 .   ? -11.457 1.441   -2.481  0.30 93.77 ? 300 790 A C4  1 
HETATM 854 N N5  . 790 B 2 .   ? -11.560 0.309   -1.698  0.30 99.94 ? 300 790 A N5  1 
HETATM 855 C C6  . 790 B 2 .   ? -11.637 0.448   -0.236  0.30 99.97 ? 300 790 A C6  1 
HETATM 856 C C13 . 790 B 2 .   ? -11.283 3.842   -2.571  0.30 91.96 ? 300 790 A C13 1 
HETATM 857 C C14 . 790 B 2 .   ? -11.898 3.837   -3.835  0.30 87.50 ? 300 790 A C14 1 
HETATM 858 C C15 . 790 B 2 .   ? -12.240 2.651   -4.469  0.30 86.00 ? 300 790 A C15 1 
HETATM 859 C C16 . 790 B 2 .   ? -11.916 1.459   -3.822  0.30 87.16 ? 300 790 A C16 1 
HETATM 860 O O17 . 790 B 2 .   ? -12.033 0.269   -4.512  0.30 79.37 ? 300 790 A O17 1 
HETATM 861 P P18 . 790 B 2 .   ? -10.613 -0.359  -4.817  0.30 72.43 ? 300 790 A P18 1 
HETATM 862 O O19 . 790 B 2 .   ? -11.245 -1.598  -5.453  0.30 83.58 ? 300 790 A O19 1 
HETATM 863 O O20 . 790 B 2 .   ? -9.743  -0.824  -3.647  0.30 68.87 ? 300 790 A O20 1 
HETATM 864 O O21 . 790 B 2 .   ? -9.767  0.405   -5.776  0.30 59.82 ? 300 790 A O21 1 
HETATM 865 O O   . HOH C 3 .   ? 6.753   -9.662  8.303   1.00 11.87 ? 301 HOH A O   1 
HETATM 866 O O   . HOH C 3 .   ? -2.642  -5.491  12.833  1.00 20.24 ? 302 HOH A O   1 
HETATM 867 O O   . HOH C 3 .   ? 0.653   7.685   10.133  1.00 23.48 ? 303 HOH A O   1 
HETATM 868 O O   . HOH C 3 .   ? -6.425  -6.371  -12.918 1.00 22.63 ? 304 HOH A O   1 
HETATM 869 O O   . HOH C 3 .   ? 0.480   -11.662 5.366   1.00 18.41 ? 305 HOH A O   1 
HETATM 870 O O   . HOH C 3 .   ? 1.215   -14.448 6.293   1.00 20.72 ? 306 HOH A O   1 
HETATM 871 O O   . HOH C 3 .   ? 12.418  0.085   -3.506  1.00 35.34 ? 307 HOH A O   1 
HETATM 872 O O   . HOH C 3 .   ? -13.820 -3.070  -6.305  1.00 45.62 ? 308 HOH A O   1 
HETATM 873 O O   . HOH C 3 .   ? -6.317  8.234   3.075   1.00 23.77 ? 309 HOH A O   1 
HETATM 874 O O   . HOH C 3 .   ? -15.199 -0.445  -8.216  1.00 23.35 ? 310 HOH A O   1 
HETATM 875 O O   . HOH C 3 .   ? 3.394   12.733  11.926  1.00 31.69 ? 311 HOH A O   1 
HETATM 876 O O   . HOH C 3 .   ? 5.480   11.030  11.948  1.00 43.12 ? 312 HOH A O   1 
HETATM 877 O O   . HOH C 3 .   ? 12.604  2.575   5.263   1.00 30.72 ? 313 HOH A O   1 
HETATM 878 O O   . HOH C 3 .   ? -0.124  9.848   12.012  1.00 35.39 ? 314 HOH A O   1 
HETATM 879 O O   . HOH C 3 .   ? -4.582  -0.946  12.498  1.00 27.07 ? 315 HOH A O   1 
HETATM 880 O O   . HOH C 3 .   ? -4.592  -16.458 -4.496  1.00 44.20 ? 316 HOH A O   1 
HETATM 881 O O   . HOH C 3 .   ? 10.384  -1.257  1.886   1.00 37.49 ? 317 HOH A O   1 
HETATM 882 O O   . HOH C 3 .   ? -8.865  -10.318 2.848   1.00 37.18 ? 318 HOH A O   1 
HETATM 883 O O   . HOH C 3 .   ? -10.398 -11.273 -3.610  1.00 41.77 ? 319 HOH A O   1 
HETATM 884 O O   . HOH C 3 .   ? -8.768  -12.999 -5.093  1.00 47.78 ? 320 HOH A O   1 
HETATM 885 O O   . HOH C 3 .   ? -7.353  -0.196  -9.605  1.00 39.77 ? 321 HOH A O   1 
HETATM 886 O O   . HOH C 3 .   ? 12.853  8.742   3.033   1.00 31.48 ? 322 HOH A O   1 
HETATM 887 O O   . HOH C 3 .   ? -7.611  0.127   -12.109 1.00 48.54 ? 323 HOH A O   1 
HETATM 888 O O   . HOH C 3 .   ? -7.814  2.859   -12.378 1.00 30.74 ? 324 HOH A O   1 
HETATM 889 O O   . HOH C 3 .   ? -3.871  -8.005  12.546  1.00 52.27 ? 325 HOH A O   1 
HETATM 890 O O   . HOH C 3 .   ? -12.276 -6.890  -0.406  1.00 56.24 ? 326 HOH A O   1 
HETATM 891 O O   . HOH C 3 .   ? 12.600  -5.994  -3.406  1.00 55.60 ? 327 HOH A O   1 
HETATM 892 O O   . HOH C 3 .   ? -8.184  -10.925 -11.093 1.00 30.33 ? 328 HOH A O   1 
HETATM 893 O O   . HOH C 3 .   ? 1.975   -13.651 -5.066  1.00 34.50 ? 329 HOH A O   1 
HETATM 894 O O   . HOH C 3 .   ? -1.091  -16.198 -5.400  1.00 71.08 ? 330 HOH A O   1 
HETATM 895 O O   . HOH C 3 .   ? 11.316  3.754   -3.587  1.00 54.56 ? 331 HOH A O   1 
HETATM 896 O O   . HOH C 3 .   ? 6.375   -0.345  -12.328 1.00 40.75 ? 332 HOH A O   1 
HETATM 897 O O   . HOH C 3 .   ? 11.931  16.038  0.187   1.00 65.08 ? 333 HOH A O   1 
HETATM 898 O O   . HOH C 3 .   ? -6.171  -7.263  9.145   1.00 34.00 ? 334 HOH A O   1 
HETATM 899 O O   . HOH C 3 .   ? 7.556   -8.390  -7.328  1.00 47.77 ? 335 HOH A O   1 
HETATM 900 O O   . HOH C 3 .   ? 11.260  4.843   -0.890  1.00 53.36 ? 336 HOH A O   1 
HETATM 901 O O   . HOH C 3 .   ? 10.961  -5.888  -1.038  1.00 51.20 ? 337 HOH A O   1 
HETATM 902 O O   . HOH C 3 .   ? -1.143  -20.141 -1.047  1.00 52.24 ? 338 HOH A O   1 
HETATM 903 O O   . HOH C 3 .   ? -9.268  -7.893  6.213   1.00 50.14 ? 339 HOH A O   1 
HETATM 904 O O   . HOH C 3 .   ? 11.836  -6.748  -5.760  1.00 78.26 ? 340 HOH A O   1 
HETATM 905 O O   . HOH C 3 .   ? 7.948   -6.265  -9.316  1.00 55.79 ? 341 HOH A O   1 
HETATM 906 O O   . HOH C 3 .   ? -7.439  12.589  12.911  1.00 48.05 ? 342 HOH A O   1 
HETATM 907 O O   . HOH C 3 .   ? -5.613  14.056  17.082  1.00 59.52 ? 343 HOH A O   1 
HETATM 908 O O   . HOH C 3 .   ? -5.072  4.171   8.941   1.00 56.23 ? 344 HOH A O   1 
HETATM 909 O O   . HOH C 3 .   ? 4.451   -6.508  13.523  1.00 43.89 ? 345 HOH A O   1 
HETATM 910 O O   . HOH C 3 .   ? -8.445  -0.504  5.646   1.00 57.67 ? 346 HOH A O   1 
HETATM 911 O O   . HOH C 3 .   ? -4.600  -5.218  -15.884 1.00 73.84 ? 347 HOH A O   1 
HETATM 912 O O   . HOH C 3 .   ? -6.603  -12.478 -13.428 1.00 64.72 ? 348 HOH A O   1 
HETATM 913 O O   . HOH C 3 .   ? -4.352  -7.877  -13.926 1.00 57.80 ? 349 HOH A O   1 
HETATM 914 O O   . HOH C 3 .   ? 10.786  -6.457  -8.441  1.00 83.99 ? 350 HOH A O   1 
HETATM 915 O O   . HOH C 3 .   ? 0.008   -8.326  -12.305 1.00 67.92 ? 351 HOH A O   1 
HETATM 916 O O   . HOH C 3 .   ? 4.097   -13.679 -9.666  1.00 60.55 ? 352 HOH A O   1 
HETATM 917 O O   . HOH C 3 .   ? 4.336   -4.504  -11.891 1.00 47.76 ? 353 HOH A O   1 
HETATM 918 O O   . HOH C 3 .   ? 14.322  -6.246  -1.135  1.00 53.37 ? 354 HOH A O   1 
HETATM 919 O O   . HOH C 3 .   ? -4.170  3.013   -16.278 1.00 58.49 ? 355 HOH A O   1 
HETATM 920 O O   . HOH C 3 .   ? -5.192  7.482   -13.968 1.00 80.07 ? 356 HOH A O   1 
HETATM 921 O O   . HOH C 3 .   ? -7.910  0.179   8.388   1.00 63.39 ? 357 HOH A O   1 
HETATM 922 O O   . HOH C 3 .   ? 2.811   16.044  7.940   1.00 16.71 ? 358 HOH A O   1 
HETATM 923 O O   . HOH C 3 .   ? -10.031 -2.244  8.696   1.00 87.76 ? 359 HOH A O   1 
HETATM 924 O O   . HOH C 3 .   ? -5.558  -0.904  9.595   1.00 25.00 ? 360 HOH A O   1 
HETATM 925 O O   . HOH C 3 .   ? 4.664   4.828   15.517  1.00 37.51 ? 361 HOH A O   1 
HETATM 926 O O   . HOH C 3 .   ? 1.241   -17.123 5.376   1.00 38.03 ? 362 HOH A O   1 
HETATM 927 O O   . HOH C 3 .   ? 4.570   -11.171 -10.198 1.00 52.77 ? 363 HOH A O   1 
HETATM 928 O O   . HOH C 3 .   ? -7.830  4.101   3.637   1.00 43.00 ? 364 HOH A O   1 
HETATM 929 O O   . HOH C 3 .   ? 5.157   -9.387  12.444  1.00 47.23 ? 365 HOH A O   1 
HETATM 930 O O   . HOH C 3 .   ? -0.449  3.535   -13.519 1.00 47.06 ? 366 HOH A O   1 
HETATM 931 O O   . HOH C 3 .   ? -4.614  -18.161 6.907   1.00 35.56 ? 367 HOH A O   1 
HETATM 932 O O   . HOH C 3 .   ? 7.695   14.225  5.114   1.00 16.30 ? 368 HOH A O   1 
HETATM 933 O O   . HOH C 3 .   ? 8.134   -16.503 2.670   1.00 21.40 ? 369 HOH A O   1 
HETATM 934 O O   . HOH C 3 .   ? -2.888  -13.584 17.193  1.00 39.47 ? 370 HOH A O   1 
HETATM 935 O O   . HOH C 3 .   ? -9.383  -2.763  3.623   1.00 23.63 ? 371 HOH A O   1 
HETATM 936 O O   . HOH C 3 .   ? -0.003  9.427   5.982   1.00 11.86 ? 372 HOH A O   1 
HETATM 937 O O   . HOH C 3 .   ? 6.259   10.388  -5.731  1.00 27.47 ? 373 HOH A O   1 
HETATM 938 O O   . HOH C 3 .   ? 13.652  11.644  2.957   1.00 43.97 ? 374 HOH A O   1 
HETATM 939 O O   . HOH C 3 .   ? -1.856  -0.138  13.640  1.00 14.98 ? 375 HOH A O   1 
HETATM 940 O O   . HOH C 3 .   ? 1.167   -5.045  -13.350 1.00 61.46 ? 376 HOH A O   1 
HETATM 941 O O   . HOH C 3 .   ? -8.644  -14.566 -8.041  1.00 59.62 ? 377 HOH A O   1 
HETATM 942 O O   . HOH C 3 .   ? -5.705  11.941  -3.971  1.00 54.57 ? 378 HOH A O   1 
HETATM 943 O O   . HOH C 3 .   ? -10.173 -13.405 6.690   1.00 43.16 ? 379 HOH A O   1 
HETATM 944 O O   . HOH C 3 .   ? 8.836   14.283  2.645   1.00 28.28 ? 380 HOH A O   1 
HETATM 945 O O   . HOH C 3 .   ? 4.626   -8.975  15.477  1.00 76.86 ? 381 HOH A O   1 
HETATM 946 O O   . HOH C 3 .   ? 14.608  4.171   4.377   1.00 66.77 ? 382 HOH A O   1 
HETATM 947 O O   . HOH C 3 .   ? -5.300  -18.257 11.661  1.00 57.07 ? 383 HOH A O   1 
HETATM 948 O O   . HOH C 3 .   ? -7.183  -17.071 2.393   1.00 77.08 ? 384 HOH A O   1 
HETATM 949 O O   . HOH C 3 .   ? 0.269   -24.023 0.651   1.00 64.82 ? 385 HOH A O   1 
HETATM 950 O O   . HOH C 3 .   ? 6.304   -4.062  -10.355 1.00 61.94 ? 386 HOH A O   1 
HETATM 951 O O   . HOH C 3 .   ? 14.759  0.962   12.377  1.00 66.10 ? 387 HOH A O   1 
HETATM 952 O O   . HOH C 3 .   ? 11.655  -7.764  1.508   1.00 50.05 ? 388 HOH A O   1 
HETATM 953 O O   . HOH C 3 .   ? -1.630  6.014   10.312  1.00 23.01 ? 389 HOH A O   1 
HETATM 954 O O   . HOH C 3 .   ? -11.367 -1.117  2.010   1.00 62.69 ? 390 HOH A O   1 
# 
